data_7Y5N
#
_entry.id   7Y5N
#
_cell.length_a   1.00
_cell.length_b   1.00
_cell.length_c   1.00
_cell.angle_alpha   90.00
_cell.angle_beta   90.00
_cell.angle_gamma   90.00
#
_symmetry.space_group_name_H-M   'P 1'
#
loop_
_entity.id
_entity.type
_entity.pdbx_description
1 polymer 'Bone marrow proteoglycan'
2 polymer Pappalysin-1
3 branched 2-acetamido-2-deoxy-beta-D-glucopyranose-(1-4)-2-acetamido-2-deoxy-beta-D-glucopyranose
4 non-polymer 2-acetamido-2-deoxy-beta-D-glucopyranose
5 non-polymer 'ZINC ION'
6 non-polymer 'CALCIUM ION'
#
loop_
_entity_poly.entity_id
_entity_poly.type
_entity_poly.pdbx_seq_one_letter_code
_entity_poly.pdbx_strand_id
1 'polypeptide(L)'
;MKLPLLLALLFGAVSALHLRSETSTFETPLGAKTLPEDEETPEQEMEETPCRELEEEEEWGSGSEDASKKDGAVESISVP
DMVDKNLTCPEEEDTVKVVGIPGCQTCRYLLVRSLQTFSQAWFTCRRCYRGNLVSIHNFNINYRIQCSVSALNQGQVWIG
GRITGSGRCRRFQWVDGSRWNFAYWAAHQPWSRGGHCVALCTRGGHWRRAHCLRRLPFICSY
;
A
2 'polypeptide(L)'
;REARGATEEPSPPSRALYFSGRGEQLRLRADLELPRDAFTLQVWLRAEGGQRSPAVITGLYDKCSYISRDRGWVVGIHTI
SDQDNKDPRYFFSLKTDRARQVTTINAHRSYLPGQWVYLAATYDGQFMKLYVNGAQVATSGEQVGGIFSPLTQKCKVLML
GGSALNHNYRGYIEHFSLWKVARTQREILSDMETHGAHTALPQLLLQENWDNVKHAWSPMKDGSSPKVEFSNAHGFLLDT
SLEPPLCGQTLCDNTEVIASYNQLSSFRQPKVVRYRVVNLYEDDHKNPTVTREQVDFQHHQLAEAFKQYNISWELDVLEV
SNSSLRRRLILANCDISKIGDENCDPECNHTLTGHDGGDCRHLRHPAFVKKQHNGVCDMDCNYERFNFDGGECCDPEITN
VTQTCFDPDSPHRAYLDVNELKNILKLDGSTHLNIFFAKSSEEELAGVATWPWDKEALMHLGGIVLNPSFYGMPGHTHTM
IHEIGHSLGLYHVFRGISEIQSCSDPCMETEPSFETGDLCNDTNPAPKHKSCGDPGPGNDTCGFHSFFNTPYNNFMSYAD
DDCTDSFTPNQVARMHCYLDLVYQGWQPSRKPAPVALAPQVLGHTTDSVTLEWFPPIDGHFFERELGSACHLCLEGRILV
QYASNASSPMPCSPSGHWSPREAEGHPDVEQPCKSSVRTWSPNSAVNPHTVPPACPEPQGCYLELEFLYPLVPESLTIWV
TFVSTDWDSSGAVNDIKLLAVSGKNISLGPQNVFCDVPLTIRLWDVGEEVYGIQIYTLDEHLEIDAAMLTSTADTPLCLQ
CKPLKYKVVRDPPLQMDVASILHLNRKFVDMDLNLGSVYQYWVITISGTEESEPSPAVTYIHGSGYCGDGIIQKDQGEQC
DDMNKINGDGCSLFCRQEVSFNCIDEPSRCYFHDGDGVCEEFEQKTSIKDCGVYTPQGFLDQWASNASVSHQDQQCPGWV
IIGQPAASQVCRTKVIDLSEGISQHAWYPCTISYPYSQLAQTTFWLRAYFSQPMVAAAVIVHLVTDGTYYGDQKQETISV
QLLDTKDQSHDLGLHVLSCRNNPLIIPVVHDLSQPFYHSQAVRVSFSSPLVAISGVALRSFDNFDPVTLSSCQRGETYSP
AEQSCVHFACEKTDCPELAVENASLNCSSSDRYHGAQCTVSCRTGYVLQIRRDDELIKSQTGPSVTVTCTEGKWNKQVAC
EPVDCSIPDHHQVYAASFSCPEGTTFGSQCSFQCRHPAQLKGNNSLLTCMEDGLWSFPEALCELMCLAPPPVPNADLQTA
RCRENKHKVGSFCKYKCKPGYHVPGSSRKSKKRAFKTQCTQDGSWQEGACVPVTCDPPPPKFHGLYQCTNGFQFNSECRI
KCEDSDASQGLGSNVIHCRKDGTWNGSFHVCQEMQGQCSVPNELNSNLKLQCPDGYAIGSECATSCLDHNSESIILPMNV
TVRDIPHWLNPTRVERVVCTAGLKWYPHPALIHCVKGCEPFMGDNYCDAINNRAFCNYDGGDCCTSTVKTKKVTPFPMSC
DLQGDCACRDPQAQEHSRKDLRGYSHG
;
C,D
#
loop_
_chem_comp.id
_chem_comp.type
_chem_comp.name
_chem_comp.formula
CA non-polymer 'CALCIUM ION' 'Ca 2'
NAG D-saccharide, beta linking 2-acetamido-2-deoxy-beta-D-glucopyranose 'C8 H15 N O6'
ZN non-polymer 'ZINC ION' 'Zn 2'
#
# COMPACT_ATOMS: atom_id res chain seq x y z
N LEU A 87 24.37 6.32 -45.71
CA LEU A 87 23.16 5.44 -45.58
C LEU A 87 21.95 6.17 -46.19
N THR A 88 20.75 5.81 -45.75
CA THR A 88 19.50 6.41 -46.31
C THR A 88 18.75 7.18 -45.22
N CYS A 89 18.40 8.43 -45.50
CA CYS A 89 17.61 9.24 -44.52
C CYS A 89 16.19 8.68 -44.43
N PRO A 90 15.55 8.64 -43.24
CA PRO A 90 14.21 8.07 -43.08
C PRO A 90 13.14 8.92 -43.78
N GLU A 91 12.20 8.27 -44.46
CA GLU A 91 11.12 9.00 -45.12
C GLU A 91 10.24 9.69 -44.08
N GLU A 92 9.68 10.84 -44.48
CA GLU A 92 8.92 11.65 -43.54
C GLU A 92 7.54 11.09 -43.23
N GLU A 93 7.11 10.02 -43.91
CA GLU A 93 5.87 9.35 -43.54
C GLU A 93 6.01 8.58 -42.23
N ASP A 94 7.23 8.18 -41.86
CA ASP A 94 7.48 7.48 -40.61
C ASP A 94 8.04 8.40 -39.53
N THR A 95 8.10 9.71 -39.78
CA THR A 95 8.62 10.66 -38.81
C THR A 95 7.52 11.66 -38.42
N VAL A 96 7.33 11.85 -37.12
CA VAL A 96 6.40 12.83 -36.59
C VAL A 96 7.20 13.94 -35.95
N LYS A 97 6.56 15.08 -35.74
CA LYS A 97 7.18 16.23 -35.10
C LYS A 97 6.53 16.48 -33.75
N VAL A 98 7.34 16.63 -32.71
CA VAL A 98 6.85 16.95 -31.38
C VAL A 98 7.40 18.32 -31.01
N VAL A 99 6.49 19.24 -30.69
CA VAL A 99 6.84 20.63 -30.38
C VAL A 99 5.67 21.20 -29.58
N GLY A 100 5.92 22.32 -28.89
CA GLY A 100 4.88 22.94 -28.11
C GLY A 100 4.89 22.47 -26.67
N ILE A 101 6.07 22.40 -26.09
CA ILE A 101 6.23 21.95 -24.70
C ILE A 101 5.66 23.02 -23.77
N PRO A 102 5.01 22.65 -22.67
CA PRO A 102 4.56 23.66 -21.69
C PRO A 102 5.68 24.33 -20.92
N GLY A 103 6.94 23.94 -21.12
CA GLY A 103 8.07 24.61 -20.52
C GLY A 103 8.75 25.55 -21.49
N CYS A 104 9.82 25.09 -22.13
CA CYS A 104 10.53 25.88 -23.11
C CYS A 104 9.67 26.09 -24.36
N GLN A 105 10.05 27.10 -25.14
CA GLN A 105 9.35 27.42 -26.38
C GLN A 105 10.23 27.28 -27.62
N THR A 106 11.51 26.97 -27.45
CA THR A 106 12.43 26.80 -28.58
C THR A 106 12.83 25.35 -28.81
N CYS A 107 12.54 24.46 -27.88
CA CYS A 107 12.90 23.05 -27.99
C CYS A 107 11.95 22.36 -28.94
N ARG A 108 12.49 21.76 -30.00
CA ARG A 108 11.73 21.03 -30.99
C ARG A 108 12.37 19.67 -31.19
N TYR A 109 11.54 18.63 -31.33
CA TYR A 109 12.05 17.28 -31.47
C TYR A 109 11.36 16.57 -32.62
N LEU A 110 12.06 15.58 -33.17
CA LEU A 110 11.59 14.84 -34.33
C LEU A 110 11.67 13.35 -34.00
N LEU A 111 10.54 12.67 -34.05
CA LEU A 111 10.44 11.27 -33.68
C LEU A 111 10.42 10.42 -34.94
N VAL A 112 11.45 9.61 -35.13
CA VAL A 112 11.53 8.69 -36.25
C VAL A 112 11.13 7.31 -35.76
N ARG A 113 10.08 6.76 -36.37
CA ARG A 113 9.56 5.46 -36.00
C ARG A 113 10.31 4.31 -36.64
N SER A 114 11.30 4.60 -37.49
CA SER A 114 12.08 3.55 -38.11
C SER A 114 12.98 2.88 -37.08
N LEU A 115 13.04 1.55 -37.12
CA LEU A 115 13.78 0.78 -36.14
C LEU A 115 15.25 0.76 -36.49
N GLN A 116 16.09 1.30 -35.60
CA GLN A 116 17.53 1.36 -35.80
C GLN A 116 18.24 1.14 -34.47
N THR A 117 19.50 0.74 -34.54
CA THR A 117 20.34 0.58 -33.36
C THR A 117 20.76 1.95 -32.84
N PHE A 118 21.53 1.96 -31.75
CA PHE A 118 21.88 3.21 -31.08
C PHE A 118 22.86 4.02 -31.91
N SER A 119 23.92 3.38 -32.41
CA SER A 119 24.92 4.09 -33.20
C SER A 119 24.35 4.54 -34.54
N GLN A 120 23.50 3.72 -35.14
CA GLN A 120 22.86 4.10 -36.40
C GLN A 120 21.88 5.24 -36.20
N ALA A 121 21.19 5.26 -35.05
CA ALA A 121 20.31 6.39 -34.74
C ALA A 121 21.11 7.66 -34.50
N TRP A 122 22.27 7.54 -33.84
CA TRP A 122 23.14 8.69 -33.62
C TRP A 122 23.63 9.27 -34.94
N PHE A 123 24.08 8.39 -35.86
CA PHE A 123 24.52 8.85 -37.16
C PHE A 123 23.38 9.41 -38.00
N THR A 124 22.19 8.82 -37.89
CA THR A 124 21.04 9.29 -38.64
C THR A 124 20.59 10.67 -38.19
N CYS A 125 20.51 10.89 -36.87
CA CYS A 125 20.19 12.21 -36.35
C CYS A 125 21.28 13.23 -36.70
N ARG A 126 22.56 12.82 -36.62
CA ARG A 126 23.64 13.76 -36.86
C ARG A 126 23.79 14.11 -38.34
N ARG A 127 23.36 13.24 -39.24
CA ARG A 127 23.45 13.54 -40.67
C ARG A 127 22.18 14.19 -41.22
N CYS A 128 21.04 13.50 -41.11
CA CYS A 128 19.84 13.92 -41.82
C CYS A 128 19.15 15.11 -41.17
N TYR A 129 19.42 15.39 -39.90
CA TYR A 129 18.71 16.45 -39.18
C TYR A 129 19.61 17.39 -38.39
N ARG A 130 20.93 17.17 -38.40
CA ARG A 130 21.95 18.05 -37.82
C ARG A 130 21.74 18.28 -36.32
N GLY A 131 21.87 17.20 -35.55
CA GLY A 131 21.79 17.28 -34.11
C GLY A 131 21.96 15.90 -33.52
N ASN A 132 22.20 15.86 -32.22
CA ASN A 132 22.34 14.58 -31.54
C ASN A 132 20.96 14.06 -31.17
N LEU A 133 20.91 12.97 -30.42
CA LEU A 133 19.66 12.48 -29.88
C LEU A 133 19.21 13.38 -28.73
N VAL A 134 17.97 13.16 -28.28
CA VAL A 134 17.36 14.07 -27.32
C VAL A 134 17.96 13.84 -25.95
N SER A 135 18.43 14.92 -25.33
CA SER A 135 18.83 14.90 -23.94
C SER A 135 17.69 15.52 -23.13
N ILE A 136 17.12 14.74 -22.22
CA ILE A 136 15.96 15.18 -21.46
C ILE A 136 16.44 15.78 -20.15
N HIS A 137 16.06 17.04 -19.90
CA HIS A 137 16.51 17.76 -18.72
C HIS A 137 15.39 18.09 -17.75
N ASN A 138 14.13 17.89 -18.11
CA ASN A 138 13.04 18.26 -17.22
C ASN A 138 11.83 17.39 -17.51
N PHE A 139 10.87 17.43 -16.58
CA PHE A 139 9.71 16.55 -16.65
C PHE A 139 8.72 16.96 -17.75
N ASN A 140 8.74 18.22 -18.18
CA ASN A 140 7.85 18.64 -19.25
C ASN A 140 8.26 18.05 -20.59
N ILE A 141 9.56 18.04 -20.88
CA ILE A 141 10.10 17.43 -22.10
C ILE A 141 9.81 15.94 -22.10
N ASN A 142 10.02 15.28 -20.96
CA ASN A 142 9.77 13.84 -20.86
C ASN A 142 8.29 13.51 -20.99
N TYR A 143 7.41 14.35 -20.44
CA TYR A 143 5.98 14.07 -20.53
C TYR A 143 5.48 14.30 -21.95
N ARG A 144 5.95 15.34 -22.63
CA ARG A 144 5.56 15.55 -24.02
C ARG A 144 6.10 14.45 -24.92
N ILE A 145 7.32 13.96 -24.64
CA ILE A 145 7.90 12.86 -25.39
C ILE A 145 7.08 11.58 -25.18
N GLN A 146 6.65 11.34 -23.94
CA GLN A 146 5.81 10.17 -23.65
C GLN A 146 4.45 10.26 -24.34
N CYS A 147 3.85 11.46 -24.36
CA CYS A 147 2.59 11.65 -25.06
C CYS A 147 2.75 11.47 -26.57
N SER A 148 3.93 11.80 -27.11
CA SER A 148 4.15 11.58 -28.53
C SER A 148 4.37 10.10 -28.85
N VAL A 149 5.12 9.39 -28.00
CA VAL A 149 5.52 8.02 -28.32
C VAL A 149 4.56 6.97 -27.78
N SER A 150 3.49 7.37 -27.09
CA SER A 150 2.53 6.37 -26.59
C SER A 150 1.73 5.71 -27.69
N ALA A 151 1.73 6.26 -28.90
CA ALA A 151 0.98 5.67 -30.00
C ALA A 151 1.72 4.56 -30.73
N LEU A 152 3.01 4.38 -30.44
CA LEU A 152 3.82 3.42 -31.18
C LEU A 152 3.50 1.99 -30.75
N ASN A 153 3.73 1.05 -31.68
CA ASN A 153 3.56 -0.36 -31.35
C ASN A 153 4.68 -0.85 -30.45
N GLN A 154 5.89 -0.32 -30.63
CA GLN A 154 7.04 -0.76 -29.83
C GLN A 154 7.01 -0.09 -28.46
N GLY A 155 7.44 -0.85 -27.45
CA GLY A 155 7.41 -0.32 -26.09
C GLY A 155 8.53 0.64 -25.75
N GLN A 156 9.62 0.64 -26.52
CA GLN A 156 10.81 1.40 -26.17
C GLN A 156 11.23 2.29 -27.34
N VAL A 157 11.63 3.52 -27.02
CA VAL A 157 12.24 4.42 -28.00
C VAL A 157 13.64 4.79 -27.51
N TRP A 158 14.41 5.42 -28.37
CA TRP A 158 15.78 5.81 -28.05
C TRP A 158 15.84 7.25 -27.57
N ILE A 159 16.50 7.45 -26.44
CA ILE A 159 17.02 8.76 -26.06
C ILE A 159 18.52 8.59 -25.91
N GLY A 160 19.26 9.69 -26.08
CA GLY A 160 20.70 9.58 -26.21
C GLY A 160 21.49 9.58 -24.93
N GLY A 161 21.31 8.57 -24.10
CA GLY A 161 22.07 8.41 -22.87
C GLY A 161 22.89 7.14 -22.92
N ARG A 162 24.14 7.24 -22.48
CA ARG A 162 25.06 6.12 -22.46
C ARG A 162 25.64 5.96 -21.07
N ILE A 163 26.19 4.77 -20.82
CA ILE A 163 26.92 4.51 -19.59
C ILE A 163 28.41 4.46 -19.91
N THR A 164 29.09 5.58 -19.75
CA THR A 164 30.51 5.68 -20.05
C THR A 164 31.26 5.73 -18.72
N GLY A 165 31.66 4.55 -18.24
CA GLY A 165 32.41 4.48 -17.01
C GLY A 165 32.94 3.09 -16.77
N SER A 166 33.93 3.00 -15.90
CA SER A 166 34.55 1.72 -15.54
C SER A 166 35.04 1.82 -14.10
N GLY A 167 34.35 1.16 -13.19
CA GLY A 167 34.70 1.21 -11.79
C GLY A 167 33.52 0.79 -10.93
N ARG A 168 33.55 1.22 -9.67
CA ARG A 168 32.45 0.92 -8.75
C ARG A 168 31.24 1.77 -9.05
N CYS A 169 31.43 2.96 -9.63
CA CYS A 169 30.33 3.83 -10.02
C CYS A 169 30.66 4.46 -11.36
N ARG A 170 29.97 4.01 -12.40
CA ARG A 170 30.09 4.60 -13.73
C ARG A 170 29.32 5.91 -13.78
N ARG A 171 29.50 6.66 -14.86
CA ARG A 171 28.82 7.93 -15.05
C ARG A 171 27.96 7.87 -16.30
N PHE A 172 26.69 8.21 -16.15
CA PHE A 172 25.83 8.41 -17.32
C PHE A 172 26.27 9.65 -18.06
N GLN A 173 26.12 9.63 -19.39
CA GLN A 173 26.45 10.78 -20.21
C GLN A 173 25.42 10.92 -21.32
N TRP A 174 24.95 12.14 -21.54
CA TRP A 174 24.17 12.40 -22.74
C TRP A 174 25.09 12.47 -23.95
N VAL A 175 24.55 12.12 -25.11
CA VAL A 175 25.38 12.10 -26.30
C VAL A 175 25.62 13.49 -26.88
N ASP A 176 24.81 14.47 -26.51
CA ASP A 176 25.04 15.84 -27.00
C ASP A 176 26.02 16.60 -26.13
N GLY A 177 26.53 15.99 -25.05
CA GLY A 177 27.51 16.61 -24.21
C GLY A 177 26.97 17.42 -23.05
N SER A 178 25.65 17.55 -22.94
CA SER A 178 25.06 18.29 -21.83
C SER A 178 25.18 17.46 -20.55
N ARG A 179 25.13 18.16 -19.42
CA ARG A 179 25.27 17.51 -18.13
C ARG A 179 24.01 16.73 -17.77
N TRP A 180 24.19 15.68 -16.97
CA TRP A 180 23.11 14.79 -16.57
C TRP A 180 22.61 15.25 -15.20
N ASN A 181 21.56 16.09 -15.20
CA ASN A 181 20.99 16.56 -13.95
C ASN A 181 19.62 15.99 -13.65
N PHE A 182 18.88 15.51 -14.65
CA PHE A 182 17.56 14.94 -14.45
C PHE A 182 17.58 13.47 -14.82
N ALA A 183 17.18 12.62 -13.89
CA ALA A 183 17.09 11.19 -14.11
C ALA A 183 15.68 10.74 -13.75
N TYR A 184 15.02 10.04 -14.68
CA TYR A 184 13.65 9.57 -14.50
C TYR A 184 13.65 8.08 -14.85
N TRP A 185 14.02 7.25 -13.88
CA TRP A 185 14.20 5.82 -14.10
C TRP A 185 12.98 5.04 -13.66
N ALA A 186 12.91 3.79 -14.09
CA ALA A 186 11.82 2.89 -13.73
C ALA A 186 12.13 2.23 -12.39
N ALA A 187 11.37 1.20 -12.04
CA ALA A 187 11.60 0.48 -10.80
C ALA A 187 12.80 -0.46 -10.96
N HIS A 188 13.77 -0.31 -10.06
CA HIS A 188 14.99 -1.12 -9.99
C HIS A 188 15.80 -1.07 -11.29
N GLN A 189 15.84 0.11 -11.91
CA GLN A 189 16.45 0.17 -13.23
C GLN A 189 17.97 0.30 -13.33
N PRO A 190 18.67 1.25 -12.65
CA PRO A 190 20.07 1.47 -13.01
C PRO A 190 21.03 0.42 -12.49
N TRP A 191 20.70 -0.23 -11.39
CA TRP A 191 21.60 -1.19 -10.76
C TRP A 191 21.36 -2.63 -11.19
N SER A 192 20.40 -2.89 -12.06
CA SER A 192 20.02 -4.25 -12.42
C SER A 192 20.68 -4.71 -13.72
N ARG A 193 21.90 -4.26 -13.97
CA ARG A 193 22.76 -4.63 -15.11
C ARG A 193 22.04 -4.23 -16.40
N GLY A 194 22.02 -5.07 -17.42
CA GLY A 194 21.41 -4.74 -18.68
C GLY A 194 22.41 -4.24 -19.69
N GLY A 195 21.90 -3.46 -20.64
CA GLY A 195 22.73 -2.89 -21.68
C GLY A 195 23.41 -1.61 -21.26
N HIS A 196 24.23 -1.09 -22.16
CA HIS A 196 24.96 0.16 -21.96
C HIS A 196 24.33 1.32 -22.73
N CYS A 197 23.01 1.30 -22.91
CA CYS A 197 22.33 2.41 -23.54
C CYS A 197 21.04 2.69 -22.78
N VAL A 198 20.42 3.83 -23.05
CA VAL A 198 19.24 4.28 -22.33
C VAL A 198 18.08 4.36 -23.30
N ALA A 199 16.97 3.70 -22.96
CA ALA A 199 15.75 3.73 -23.74
C ALA A 199 14.62 4.27 -22.88
N LEU A 200 13.58 4.76 -23.54
CA LEU A 200 12.41 5.31 -22.87
C LEU A 200 11.23 4.39 -23.12
N CYS A 201 10.59 3.95 -22.03
CA CYS A 201 9.39 3.13 -22.15
C CYS A 201 8.24 4.01 -22.63
N THR A 202 7.52 3.54 -23.65
CA THR A 202 6.41 4.32 -24.21
C THR A 202 5.20 4.34 -23.29
N ARG A 203 5.09 3.38 -22.37
CA ARG A 203 3.96 3.30 -21.46
C ARG A 203 4.45 3.68 -20.06
N GLY A 204 4.21 4.93 -19.68
CA GLY A 204 4.63 5.46 -18.40
C GLY A 204 5.69 6.54 -18.50
N GLY A 205 6.57 6.45 -19.50
CA GLY A 205 7.59 7.48 -19.72
C GLY A 205 8.87 7.24 -18.93
N HIS A 206 8.84 6.27 -18.01
CA HIS A 206 10.04 5.95 -17.18
C HIS A 206 11.14 5.38 -18.08
N TRP A 207 12.41 5.67 -17.77
CA TRP A 207 13.54 5.21 -18.63
C TRP A 207 13.92 3.77 -18.28
N ARG A 208 14.86 3.18 -19.02
CA ARG A 208 15.25 1.80 -18.82
C ARG A 208 16.60 1.57 -19.48
N ARG A 209 17.50 0.89 -18.79
CA ARG A 209 18.77 0.49 -19.38
C ARG A 209 18.52 -0.62 -20.39
N ALA A 210 18.95 -0.42 -21.63
CA ALA A 210 18.72 -1.34 -22.71
C ALA A 210 20.00 -1.56 -23.50
N HIS A 211 20.03 -2.68 -24.21
CA HIS A 211 21.16 -3.03 -25.06
C HIS A 211 21.22 -2.12 -26.28
N CYS A 212 22.43 -1.81 -26.72
CA CYS A 212 22.62 -0.85 -27.80
C CYS A 212 22.40 -1.43 -29.18
N LEU A 213 22.24 -2.75 -29.28
CA LEU A 213 22.05 -3.41 -30.60
C LEU A 213 20.55 -3.58 -30.88
N ARG A 214 19.69 -3.13 -29.96
CA ARG A 214 18.22 -3.23 -30.14
C ARG A 214 17.76 -2.27 -31.24
N ARG A 215 16.80 -2.69 -32.07
CA ARG A 215 16.24 -1.80 -33.12
C ARG A 215 15.04 -1.06 -32.51
N LEU A 216 15.14 0.26 -32.31
CA LEU A 216 14.09 1.00 -31.63
C LEU A 216 13.84 2.30 -32.39
N PRO A 217 12.67 2.91 -32.22
CA PRO A 217 12.47 4.28 -32.71
C PRO A 217 13.34 5.27 -31.95
N PHE A 218 13.62 6.40 -32.58
CA PHE A 218 14.55 7.34 -31.96
C PHE A 218 14.07 8.77 -32.16
N ILE A 219 14.36 9.62 -31.17
CA ILE A 219 13.96 11.03 -31.20
C ILE A 219 15.22 11.87 -31.28
N CYS A 220 15.26 12.77 -32.27
CA CYS A 220 16.39 13.67 -32.47
C CYS A 220 15.99 15.08 -32.08
N SER A 221 16.91 15.80 -31.44
CA SER A 221 16.79 17.23 -31.31
C SER A 221 17.38 17.90 -32.55
N TYR A 222 16.76 19.00 -32.96
CA TYR A 222 17.23 19.71 -34.14
C TYR A 222 16.96 21.20 -34.05
N PRO B 13 0.22 -11.70 40.48
CA PRO B 13 -0.29 -10.75 39.49
C PRO B 13 -0.59 -11.40 38.15
N SER B 14 -0.96 -10.58 37.16
CA SER B 14 -1.23 -11.11 35.83
C SER B 14 0.07 -11.51 35.15
N ARG B 15 0.00 -12.57 34.36
CA ARG B 15 1.16 -13.17 33.72
C ARG B 15 0.89 -13.37 32.25
N ALA B 16 1.93 -13.20 31.43
CA ALA B 16 1.76 -13.18 29.99
C ALA B 16 2.85 -14.00 29.30
N LEU B 17 2.56 -14.40 28.07
CA LEU B 17 3.46 -15.18 27.25
C LEU B 17 3.97 -14.32 26.10
N TYR B 18 5.28 -14.24 25.94
CA TYR B 18 5.87 -13.55 24.81
C TYR B 18 6.31 -14.57 23.78
N PHE B 19 5.82 -14.42 22.55
CA PHE B 19 6.21 -15.23 21.41
C PHE B 19 7.03 -14.34 20.48
N SER B 20 8.27 -14.74 20.22
CA SER B 20 9.01 -14.13 19.13
C SER B 20 8.70 -14.87 17.83
N GLY B 21 9.21 -14.36 16.73
CA GLY B 21 8.94 -14.97 15.45
C GLY B 21 9.83 -16.12 15.09
N ARG B 22 10.60 -16.66 16.04
CA ARG B 22 11.61 -17.67 15.76
C ARG B 22 11.05 -19.08 15.71
N GLY B 23 9.75 -19.26 15.92
CA GLY B 23 9.14 -20.58 15.88
C GLY B 23 8.67 -21.12 17.21
N GLU B 24 8.62 -20.30 18.25
CA GLU B 24 8.10 -20.73 19.54
C GLU B 24 6.59 -20.89 19.43
N GLN B 25 6.10 -22.11 19.58
CA GLN B 25 4.68 -22.37 19.43
C GLN B 25 4.28 -23.57 20.28
N LEU B 26 3.06 -23.53 20.79
CA LEU B 26 2.54 -24.55 21.68
C LEU B 26 1.42 -25.33 21.01
N ARG B 27 1.10 -26.47 21.60
CA ARG B 27 -0.10 -27.22 21.24
C ARG B 27 -0.78 -27.67 22.51
N LEU B 28 -2.09 -27.87 22.42
CA LEU B 28 -2.85 -28.28 23.58
C LEU B 28 -2.61 -29.75 23.89
N ARG B 29 -2.68 -30.10 25.17
CA ARG B 29 -2.53 -31.48 25.59
C ARG B 29 -3.73 -32.31 25.13
N ALA B 30 -3.45 -33.56 24.78
CA ALA B 30 -4.44 -34.41 24.12
C ALA B 30 -5.55 -34.91 25.05
N ASP B 31 -5.39 -34.75 26.37
CA ASP B 31 -6.43 -35.21 27.28
C ASP B 31 -7.66 -34.31 27.25
N LEU B 32 -7.52 -33.06 26.81
CA LEU B 32 -8.65 -32.16 26.68
C LEU B 32 -9.45 -32.49 25.43
N GLU B 33 -10.73 -32.15 25.46
CA GLU B 33 -11.66 -32.45 24.38
C GLU B 33 -12.07 -31.16 23.69
N LEU B 34 -11.79 -31.06 22.39
CA LEU B 34 -11.99 -29.87 21.58
C LEU B 34 -13.47 -29.69 21.25
N PRO B 35 -13.93 -28.45 21.02
CA PRO B 35 -15.33 -28.24 20.65
C PRO B 35 -15.62 -28.64 19.22
N ARG B 36 -16.85 -29.10 18.99
CA ARG B 36 -17.29 -29.58 17.69
C ARG B 36 -18.41 -28.74 17.10
N ASP B 37 -19.44 -28.45 17.88
CA ASP B 37 -20.60 -27.74 17.36
C ASP B 37 -20.39 -26.23 17.35
N ALA B 38 -20.15 -25.65 18.51
CA ALA B 38 -20.02 -24.22 18.66
C ALA B 38 -18.80 -23.94 19.51
N PHE B 39 -18.23 -22.74 19.36
CA PHE B 39 -17.06 -22.38 20.17
C PHE B 39 -16.96 -20.87 20.29
N THR B 40 -16.15 -20.45 21.26
CA THR B 40 -15.82 -19.04 21.46
C THR B 40 -14.38 -18.94 21.94
N LEU B 41 -13.56 -18.19 21.23
CA LEU B 41 -12.17 -17.96 21.59
C LEU B 41 -12.02 -16.52 22.05
N GLN B 42 -11.52 -16.32 23.26
CA GLN B 42 -11.28 -15.00 23.81
C GLN B 42 -9.82 -14.92 24.25
N VAL B 43 -9.07 -13.99 23.68
CA VAL B 43 -7.64 -13.89 23.95
C VAL B 43 -7.25 -12.42 24.05
N TRP B 44 -6.60 -12.05 25.14
CA TRP B 44 -5.97 -10.75 25.26
C TRP B 44 -4.58 -10.83 24.64
N LEU B 45 -4.34 -10.07 23.58
CA LEU B 45 -3.05 -10.13 22.92
C LEU B 45 -2.52 -8.72 22.66
N ARG B 46 -1.19 -8.59 22.75
CA ARG B 46 -0.49 -7.36 22.45
C ARG B 46 0.44 -7.64 21.29
N ALA B 47 0.01 -7.31 20.07
CA ALA B 47 0.78 -7.62 18.89
C ALA B 47 1.94 -6.65 18.73
N GLU B 48 2.99 -7.11 18.07
CA GLU B 48 4.13 -6.25 17.78
C GLU B 48 3.96 -5.64 16.39
N GLY B 49 4.93 -4.81 16.01
CA GLY B 49 4.81 -4.00 14.82
C GLY B 49 4.84 -4.75 13.50
N GLY B 50 6.01 -5.32 13.17
CA GLY B 50 6.15 -6.04 11.92
C GLY B 50 5.89 -7.51 12.14
N GLN B 51 5.02 -8.07 11.30
CA GLN B 51 4.55 -9.43 11.47
C GLN B 51 4.80 -10.23 10.20
N ARG B 52 4.80 -11.56 10.35
CA ARG B 52 4.72 -12.41 9.18
C ARG B 52 3.36 -12.25 8.52
N SER B 53 3.30 -12.55 7.21
CA SER B 53 2.13 -12.16 6.43
C SER B 53 0.88 -12.98 6.78
N PRO B 54 0.88 -14.34 6.80
CA PRO B 54 -0.27 -15.01 7.41
C PRO B 54 -0.03 -15.39 8.86
N ALA B 55 0.11 -14.42 9.76
CA ALA B 55 0.43 -14.74 11.15
C ALA B 55 -0.77 -15.37 11.85
N VAL B 56 -0.50 -16.40 12.65
CA VAL B 56 -1.54 -17.17 13.31
C VAL B 56 -1.39 -17.03 14.82
N ILE B 57 -2.43 -16.54 15.49
CA ILE B 57 -2.44 -16.43 16.93
C ILE B 57 -2.91 -17.74 17.56
N THR B 58 -4.04 -18.26 17.11
CA THR B 58 -4.57 -19.54 17.59
C THR B 58 -5.27 -20.22 16.44
N GLY B 59 -5.03 -21.51 16.26
CA GLY B 59 -5.67 -22.25 15.19
C GLY B 59 -6.05 -23.65 15.64
N LEU B 60 -6.94 -24.26 14.86
CA LEU B 60 -7.30 -25.66 15.02
C LEU B 60 -7.01 -26.36 13.71
N TYR B 61 -6.18 -27.40 13.75
CA TYR B 61 -5.68 -28.03 12.54
C TYR B 61 -5.85 -29.54 12.63
N ASP B 62 -5.94 -30.18 11.47
CA ASP B 62 -6.05 -31.63 11.40
C ASP B 62 -4.67 -32.25 11.31
N LYS B 63 -4.37 -33.18 12.22
CA LYS B 63 -3.09 -33.85 12.27
C LYS B 63 -3.20 -35.32 11.88
N CYS B 64 -4.26 -35.71 11.17
CA CYS B 64 -4.42 -37.08 10.72
C CYS B 64 -3.40 -37.40 9.63
N SER B 65 -3.50 -36.72 8.49
CA SER B 65 -2.58 -36.83 7.38
C SER B 65 -2.89 -35.67 6.43
N TYR B 66 -2.18 -35.63 5.31
CA TYR B 66 -2.50 -34.65 4.27
C TYR B 66 -3.79 -35.08 3.59
N ILE B 67 -4.91 -34.57 4.08
CA ILE B 67 -6.20 -34.78 3.43
C ILE B 67 -7.07 -33.56 3.71
N SER B 68 -7.43 -32.85 2.63
CA SER B 68 -8.36 -31.71 2.63
C SER B 68 -7.88 -30.62 3.61
N ARG B 69 -6.75 -30.01 3.26
CA ARG B 69 -6.10 -29.06 4.13
C ARG B 69 -6.92 -27.78 4.29
N ASP B 70 -6.38 -26.88 5.12
CA ASP B 70 -7.04 -25.69 5.70
C ASP B 70 -8.49 -25.96 6.10
N ARG B 71 -8.69 -27.06 6.81
CA ARG B 71 -9.97 -27.37 7.45
C ARG B 71 -9.81 -27.18 8.95
N GLY B 72 -10.68 -26.39 9.54
CA GLY B 72 -10.52 -25.94 10.90
C GLY B 72 -10.24 -24.45 10.96
N TRP B 73 -10.60 -23.84 12.07
CA TRP B 73 -10.54 -22.39 12.18
C TRP B 73 -9.15 -21.93 12.59
N VAL B 74 -8.76 -20.77 12.09
CA VAL B 74 -7.52 -20.11 12.50
C VAL B 74 -7.81 -18.63 12.67
N VAL B 75 -7.38 -18.07 13.81
CA VAL B 75 -7.45 -16.66 14.10
C VAL B 75 -6.04 -16.10 14.01
N GLY B 76 -5.89 -14.92 13.43
CA GLY B 76 -4.56 -14.36 13.34
C GLY B 76 -4.55 -12.95 12.80
N ILE B 77 -3.38 -12.54 12.30
CA ILE B 77 -3.18 -11.24 11.68
C ILE B 77 -2.70 -11.47 10.26
N HIS B 78 -3.43 -10.92 9.29
CA HIS B 78 -3.02 -11.09 7.91
C HIS B 78 -3.45 -9.88 7.10
N THR B 79 -2.78 -9.69 5.96
CA THR B 79 -3.07 -8.56 5.10
C THR B 79 -4.28 -8.86 4.23
N ILE B 80 -5.08 -7.83 3.96
CA ILE B 80 -6.21 -7.98 3.05
C ILE B 80 -5.73 -8.20 1.63
N SER B 81 -4.80 -7.37 1.17
CA SER B 81 -4.24 -7.50 -0.16
C SER B 81 -2.97 -8.35 -0.07
N ASP B 82 -3.06 -9.61 -0.54
CA ASP B 82 -1.94 -10.53 -0.41
C ASP B 82 -0.79 -10.18 -1.35
N GLN B 83 -1.10 -9.64 -2.53
CA GLN B 83 -0.06 -9.31 -3.50
C GLN B 83 0.62 -7.98 -3.21
N ASP B 84 0.12 -7.21 -2.23
CA ASP B 84 0.68 -5.91 -1.92
C ASP B 84 1.30 -5.81 -0.54
N ASN B 85 0.74 -6.51 0.46
CA ASN B 85 1.16 -6.48 1.87
C ASN B 85 1.16 -5.06 2.42
N LYS B 86 -0.02 -4.44 2.42
CA LYS B 86 -0.19 -3.07 2.87
C LYS B 86 -0.98 -2.95 4.15
N ASP B 87 -2.16 -3.57 4.21
CA ASP B 87 -3.13 -3.31 5.28
C ASP B 87 -3.31 -4.56 6.14
N PRO B 88 -2.62 -4.67 7.26
CA PRO B 88 -2.75 -5.88 8.08
C PRO B 88 -3.87 -5.80 9.11
N ARG B 89 -4.81 -6.74 9.07
CA ARG B 89 -5.95 -6.73 9.97
C ARG B 89 -6.03 -8.07 10.70
N TYR B 90 -6.69 -8.05 11.85
CA TYR B 90 -7.06 -9.27 12.54
C TYR B 90 -8.10 -10.01 11.70
N PHE B 91 -7.99 -11.33 11.67
CA PHE B 91 -8.90 -12.14 10.87
C PHE B 91 -9.22 -13.44 11.59
N PHE B 92 -10.36 -13.99 11.20
CA PHE B 92 -10.87 -15.25 11.72
C PHE B 92 -11.38 -16.04 10.52
N SER B 93 -10.83 -17.22 10.29
CA SER B 93 -11.21 -18.00 9.13
C SER B 93 -11.64 -19.39 9.57
N LEU B 94 -12.73 -19.87 8.98
CA LEU B 94 -13.30 -21.16 9.33
C LEU B 94 -13.61 -21.94 8.06
N LYS B 95 -13.29 -23.23 8.09
CA LYS B 95 -13.75 -24.18 7.08
C LYS B 95 -14.09 -25.47 7.83
N THR B 96 -15.36 -25.84 7.83
CA THR B 96 -15.81 -27.04 8.50
C THR B 96 -15.44 -28.28 7.69
N ASP B 97 -15.71 -29.46 8.25
CA ASP B 97 -15.40 -30.70 7.54
C ASP B 97 -16.34 -30.97 6.38
N ARG B 98 -17.45 -30.25 6.27
CA ARG B 98 -18.42 -30.48 5.21
C ARG B 98 -18.42 -29.40 4.14
N ALA B 99 -17.92 -28.21 4.44
CA ALA B 99 -17.99 -27.11 3.49
C ALA B 99 -16.98 -27.30 2.37
N ARG B 100 -17.26 -26.65 1.23
CA ARG B 100 -16.41 -26.68 0.06
C ARG B 100 -15.56 -25.43 -0.08
N GLN B 101 -15.52 -24.58 0.94
CA GLN B 101 -14.77 -23.34 0.90
C GLN B 101 -14.41 -22.93 2.33
N VAL B 102 -13.43 -22.04 2.43
CA VAL B 102 -13.00 -21.46 3.70
C VAL B 102 -13.41 -20.00 3.70
N THR B 103 -14.15 -19.60 4.73
CA THR B 103 -14.60 -18.21 4.83
C THR B 103 -13.71 -17.46 5.81
N THR B 104 -13.22 -16.30 5.36
CA THR B 104 -12.34 -15.46 6.14
C THR B 104 -13.03 -14.13 6.40
N ILE B 105 -13.13 -13.75 7.67
CA ILE B 105 -13.67 -12.44 8.03
C ILE B 105 -12.56 -11.63 8.67
N ASN B 106 -12.58 -10.33 8.42
CA ASN B 106 -11.53 -9.43 8.86
C ASN B 106 -12.12 -8.31 9.70
N ALA B 107 -11.26 -7.63 10.45
CA ALA B 107 -11.68 -6.49 11.24
C ALA B 107 -11.89 -5.28 10.32
N HIS B 108 -12.35 -4.18 10.91
CA HIS B 108 -12.67 -2.98 10.16
C HIS B 108 -11.48 -2.05 9.98
N ARG B 109 -10.35 -2.34 10.61
CA ARG B 109 -9.22 -1.42 10.62
C ARG B 109 -7.93 -2.22 10.64
N SER B 110 -6.83 -1.54 10.34
CA SER B 110 -5.51 -2.10 10.59
C SER B 110 -5.29 -2.26 12.08
N TYR B 111 -4.52 -3.26 12.45
CA TYR B 111 -4.30 -3.55 13.86
C TYR B 111 -3.37 -2.53 14.48
N LEU B 112 -3.63 -2.18 15.73
CA LEU B 112 -2.75 -1.27 16.46
C LEU B 112 -1.54 -2.04 16.96
N PRO B 113 -0.33 -1.68 16.58
CA PRO B 113 0.83 -2.54 16.84
C PRO B 113 1.45 -2.36 18.22
N GLY B 114 0.77 -1.73 19.16
CA GLY B 114 1.34 -1.62 20.48
C GLY B 114 0.34 -1.68 21.62
N GLN B 115 -0.91 -1.97 21.31
CA GLN B 115 -1.98 -1.93 22.29
C GLN B 115 -2.48 -3.32 22.62
N TRP B 116 -3.04 -3.48 23.80
CA TRP B 116 -3.71 -4.72 24.16
C TRP B 116 -5.07 -4.77 23.48
N VAL B 117 -5.35 -5.88 22.79
CA VAL B 117 -6.58 -6.08 22.03
C VAL B 117 -7.23 -7.35 22.56
N TYR B 118 -8.52 -7.25 22.88
CA TYR B 118 -9.30 -8.40 23.35
C TYR B 118 -9.99 -9.00 22.14
N LEU B 119 -9.34 -9.99 21.52
CA LEU B 119 -9.92 -10.65 20.37
C LEU B 119 -10.92 -11.70 20.83
N ALA B 120 -12.09 -11.72 20.21
CA ALA B 120 -13.08 -12.76 20.45
C ALA B 120 -13.60 -13.25 19.12
N ALA B 121 -13.71 -14.57 19.00
CA ALA B 121 -14.18 -15.21 17.77
C ALA B 121 -15.19 -16.26 18.18
N THR B 122 -16.46 -16.04 17.82
CA THR B 122 -17.52 -16.98 18.19
C THR B 122 -18.10 -17.61 16.94
N TYR B 123 -18.61 -18.82 17.10
CA TYR B 123 -19.30 -19.52 16.02
C TYR B 123 -20.29 -20.48 16.64
N ASP B 124 -21.58 -20.32 16.30
CA ASP B 124 -22.63 -21.15 16.86
C ASP B 124 -23.08 -22.28 15.94
N GLY B 125 -22.95 -22.10 14.63
CA GLY B 125 -23.39 -23.12 13.71
C GLY B 125 -24.03 -22.52 12.48
N GLN B 126 -24.37 -21.24 12.56
CA GLN B 126 -24.91 -20.53 11.41
C GLN B 126 -24.34 -19.12 11.26
N PHE B 127 -23.50 -18.67 12.17
CA PHE B 127 -23.03 -17.28 12.18
C PHE B 127 -21.68 -17.23 12.88
N MET B 128 -20.63 -16.92 12.13
CA MET B 128 -19.31 -16.70 12.70
C MET B 128 -19.08 -15.21 12.87
N LYS B 129 -18.68 -14.81 14.07
CA LYS B 129 -18.56 -13.40 14.43
C LYS B 129 -17.19 -13.13 15.02
N LEU B 130 -16.64 -11.96 14.70
CA LEU B 130 -15.34 -11.52 15.17
C LEU B 130 -15.51 -10.18 15.88
N TYR B 131 -15.17 -10.14 17.17
CA TYR B 131 -15.27 -8.98 18.02
C TYR B 131 -13.87 -8.51 18.37
N VAL B 132 -13.57 -7.25 18.10
CA VAL B 132 -12.32 -6.62 18.52
C VAL B 132 -12.66 -5.60 19.59
N ASN B 133 -12.10 -5.81 20.79
CA ASN B 133 -12.33 -4.98 21.99
C ASN B 133 -13.81 -4.91 22.36
N GLY B 134 -14.53 -6.01 22.16
CA GLY B 134 -15.92 -6.09 22.54
C GLY B 134 -16.90 -5.51 21.55
N ALA B 135 -16.43 -4.94 20.44
CA ALA B 135 -17.31 -4.43 19.40
C ALA B 135 -17.28 -5.40 18.22
N GLN B 136 -18.47 -5.79 17.77
CA GLN B 136 -18.56 -6.76 16.67
C GLN B 136 -18.12 -6.08 15.37
N VAL B 137 -16.97 -6.49 14.86
CA VAL B 137 -16.43 -5.90 13.64
C VAL B 137 -16.56 -6.81 12.44
N ALA B 138 -16.92 -8.08 12.63
CA ALA B 138 -17.16 -8.92 11.46
C ALA B 138 -18.22 -9.96 11.77
N THR B 139 -19.00 -10.32 10.76
CA THR B 139 -19.96 -11.40 10.87
C THR B 139 -20.17 -12.03 9.51
N SER B 140 -20.42 -13.33 9.51
CA SER B 140 -20.69 -14.05 8.27
C SER B 140 -21.59 -15.23 8.56
N GLY B 141 -22.35 -15.63 7.54
CA GLY B 141 -23.25 -16.75 7.67
C GLY B 141 -23.08 -17.76 6.55
N GLU B 142 -21.88 -17.82 5.99
CA GLU B 142 -21.59 -18.73 4.89
C GLU B 142 -21.05 -20.07 5.36
N GLN B 143 -20.93 -20.28 6.67
CA GLN B 143 -20.53 -21.55 7.23
C GLN B 143 -21.68 -22.09 8.07
N VAL B 144 -22.14 -23.29 7.75
CA VAL B 144 -23.32 -23.87 8.37
C VAL B 144 -22.99 -25.27 8.87
N GLY B 145 -23.45 -25.58 10.07
CA GLY B 145 -23.28 -26.89 10.66
C GLY B 145 -22.10 -26.95 11.61
N GLY B 146 -21.88 -28.16 12.14
CA GLY B 146 -20.78 -28.38 13.05
C GLY B 146 -19.44 -28.37 12.34
N ILE B 147 -18.37 -28.28 13.14
CA ILE B 147 -17.03 -28.18 12.58
C ILE B 147 -16.52 -29.55 12.17
N PHE B 148 -16.55 -30.52 13.07
CA PHE B 148 -16.11 -31.86 12.74
C PHE B 148 -16.92 -32.88 13.53
N SER B 149 -16.98 -34.09 12.99
CA SER B 149 -17.68 -35.20 13.62
C SER B 149 -16.87 -35.76 14.77
N PRO B 150 -17.52 -36.48 15.70
CA PRO B 150 -16.75 -37.20 16.73
C PRO B 150 -15.87 -38.32 16.18
N LEU B 151 -16.15 -38.80 14.96
CA LEU B 151 -15.30 -39.82 14.36
C LEU B 151 -13.91 -39.28 14.03
N THR B 152 -13.84 -38.03 13.56
CA THR B 152 -12.57 -37.37 13.26
C THR B 152 -12.10 -36.49 14.40
N GLN B 153 -12.60 -36.71 15.62
CA GLN B 153 -12.21 -35.91 16.76
C GLN B 153 -10.82 -36.25 17.26
N LYS B 154 -10.29 -37.42 16.90
CA LYS B 154 -9.04 -37.91 17.46
C LYS B 154 -7.81 -37.18 16.92
N CYS B 155 -7.91 -36.55 15.75
CA CYS B 155 -6.75 -35.96 15.11
C CYS B 155 -6.94 -34.47 14.82
N LYS B 156 -7.51 -33.75 15.78
CA LYS B 156 -7.58 -32.29 15.73
C LYS B 156 -6.71 -31.73 16.85
N VAL B 157 -5.95 -30.68 16.55
CA VAL B 157 -4.98 -30.13 17.49
C VAL B 157 -5.15 -28.61 17.53
N LEU B 158 -5.08 -28.04 18.73
CA LEU B 158 -5.21 -26.61 18.94
C LEU B 158 -3.83 -26.01 19.13
N MET B 159 -3.39 -25.23 18.15
CA MET B 159 -2.09 -24.57 18.18
C MET B 159 -2.21 -23.15 18.67
N LEU B 160 -1.29 -22.74 19.54
CA LEU B 160 -1.22 -21.39 20.07
C LEU B 160 0.03 -20.71 19.55
N GLY B 161 -0.13 -19.54 18.95
CA GLY B 161 1.00 -18.74 18.56
C GLY B 161 1.75 -19.22 17.34
N GLY B 162 1.15 -20.06 16.52
CA GLY B 162 1.84 -20.55 15.35
C GLY B 162 0.99 -21.52 14.57
N SER B 163 1.64 -22.22 13.63
CA SER B 163 0.98 -23.19 12.78
C SER B 163 1.90 -24.38 12.58
N ALA B 164 1.47 -25.31 11.74
CA ALA B 164 2.33 -26.44 11.39
C ALA B 164 3.41 -26.01 10.39
N LEU B 165 3.10 -25.07 9.50
CA LEU B 165 4.05 -24.52 8.55
C LEU B 165 4.83 -23.34 9.11
N ASN B 166 4.79 -23.14 10.42
CA ASN B 166 5.45 -22.06 11.16
C ASN B 166 5.01 -20.69 10.64
N HIS B 167 3.71 -20.43 10.81
CA HIS B 167 3.14 -19.10 10.57
C HIS B 167 3.12 -18.31 11.88
N ASN B 168 4.31 -18.09 12.43
CA ASN B 168 4.45 -17.70 13.82
C ASN B 168 4.03 -16.24 14.04
N TYR B 169 3.84 -15.90 15.30
CA TYR B 169 3.30 -14.62 15.72
C TYR B 169 4.24 -14.00 16.73
N ARG B 170 4.39 -12.67 16.68
CA ARG B 170 5.23 -11.93 17.60
C ARG B 170 4.36 -11.09 18.51
N GLY B 171 4.52 -11.25 19.82
CA GLY B 171 3.82 -10.43 20.76
C GLY B 171 3.40 -11.22 21.98
N TYR B 172 2.50 -10.61 22.75
CA TYR B 172 2.07 -11.13 24.04
C TYR B 172 0.69 -11.77 23.93
N ILE B 173 0.50 -12.87 24.66
CA ILE B 173 -0.80 -13.45 24.92
C ILE B 173 -1.00 -13.43 26.43
N GLU B 174 -2.15 -12.93 26.88
CA GLU B 174 -2.36 -12.77 28.32
C GLU B 174 -3.42 -13.70 28.89
N HIS B 175 -4.67 -13.60 28.42
CA HIS B 175 -5.78 -14.34 29.02
C HIS B 175 -6.45 -15.16 27.93
N PHE B 176 -5.93 -16.36 27.71
CA PHE B 176 -6.53 -17.29 26.77
C PHE B 176 -7.74 -17.96 27.40
N SER B 177 -8.82 -18.10 26.63
CA SER B 177 -9.96 -18.87 27.09
C SER B 177 -10.72 -19.39 25.88
N LEU B 178 -11.14 -20.64 25.98
CA LEU B 178 -11.88 -21.33 24.92
C LEU B 178 -13.15 -21.92 25.52
N TRP B 179 -14.27 -21.64 24.87
CA TRP B 179 -15.60 -22.03 25.32
C TRP B 179 -16.24 -22.94 24.28
N LYS B 180 -17.04 -23.87 24.76
CA LYS B 180 -17.74 -24.83 23.92
C LYS B 180 -19.11 -24.34 23.48
N VAL B 181 -19.53 -23.15 23.88
CA VAL B 181 -20.78 -22.55 23.44
C VAL B 181 -20.50 -21.14 22.97
N ALA B 182 -21.32 -20.66 22.04
CA ALA B 182 -21.14 -19.34 21.47
C ALA B 182 -21.66 -18.30 22.46
N ARG B 183 -20.76 -17.52 23.04
CA ARG B 183 -21.18 -16.47 23.96
C ARG B 183 -21.83 -15.32 23.19
N THR B 184 -22.81 -14.69 23.83
CA THR B 184 -23.40 -13.49 23.27
C THR B 184 -22.46 -12.30 23.49
N GLN B 185 -22.78 -11.18 22.83
CA GLN B 185 -21.90 -10.02 22.88
C GLN B 185 -21.84 -9.42 24.29
N ARG B 186 -22.95 -9.46 25.02
CA ARG B 186 -22.93 -9.00 26.40
C ARG B 186 -22.09 -9.93 27.27
N GLU B 187 -22.12 -11.23 26.98
CA GLU B 187 -21.25 -12.15 27.70
C GLU B 187 -19.79 -11.95 27.30
N ILE B 188 -19.53 -11.53 26.07
CA ILE B 188 -18.17 -11.19 25.65
C ILE B 188 -17.66 -9.98 26.43
N LEU B 189 -18.51 -8.97 26.61
CA LEU B 189 -18.13 -7.79 27.38
C LEU B 189 -17.94 -8.12 28.86
N SER B 190 -18.79 -8.99 29.40
CA SER B 190 -18.65 -9.41 30.79
C SER B 190 -17.38 -10.21 31.03
N ASP B 191 -17.01 -11.08 30.08
CA ASP B 191 -15.75 -11.79 30.19
C ASP B 191 -14.55 -10.88 29.93
N MET B 192 -14.74 -9.80 29.17
CA MET B 192 -13.68 -8.82 29.02
C MET B 192 -13.40 -8.10 30.33
N GLU B 193 -14.45 -7.73 31.06
CA GLU B 193 -14.27 -7.08 32.34
C GLU B 193 -13.68 -8.03 33.39
N THR B 194 -14.22 -9.25 33.47
CA THR B 194 -13.80 -10.20 34.49
C THR B 194 -12.57 -10.94 33.98
N HIS B 195 -11.39 -10.57 34.51
CA HIS B 195 -10.14 -11.22 34.16
C HIS B 195 -9.80 -12.37 35.08
N GLY B 196 -10.67 -12.69 36.04
CA GLY B 196 -10.43 -13.77 36.97
C GLY B 196 -10.82 -15.12 36.39
N ALA B 197 -11.60 -15.89 37.14
CA ALA B 197 -11.97 -17.24 36.75
C ALA B 197 -13.46 -17.33 36.46
N HIS B 198 -13.80 -18.13 35.45
CA HIS B 198 -15.18 -18.49 35.14
C HIS B 198 -15.43 -19.96 35.47
N THR B 199 -14.88 -20.44 36.59
CA THR B 199 -14.85 -21.86 36.91
C THR B 199 -16.21 -22.42 37.31
N ALA B 200 -17.19 -21.57 37.61
CA ALA B 200 -18.52 -22.07 37.95
C ALA B 200 -19.31 -22.55 36.73
N LEU B 201 -18.86 -22.20 35.52
CA LEU B 201 -19.57 -22.56 34.29
C LEU B 201 -19.07 -23.91 33.78
N PRO B 202 -19.97 -24.88 33.56
CA PRO B 202 -19.53 -26.17 32.98
C PRO B 202 -19.08 -26.08 31.54
N GLN B 203 -19.55 -25.10 30.77
CA GLN B 203 -19.18 -24.98 29.37
C GLN B 203 -17.84 -24.27 29.17
N LEU B 204 -17.22 -23.77 30.23
CA LEU B 204 -15.88 -23.19 30.14
C LEU B 204 -14.91 -24.32 29.89
N LEU B 205 -14.51 -24.48 28.63
CA LEU B 205 -13.68 -25.62 28.26
C LEU B 205 -12.24 -25.43 28.72
N LEU B 206 -11.70 -24.22 28.59
CA LEU B 206 -10.33 -23.96 29.01
C LEU B 206 -10.18 -22.48 29.32
N GLN B 207 -9.44 -22.16 30.39
CA GLN B 207 -8.96 -20.81 30.60
C GLN B 207 -7.55 -20.89 31.14
N GLU B 208 -6.73 -19.92 30.77
CA GLU B 208 -5.28 -20.01 31.00
C GLU B 208 -4.76 -18.68 31.50
N ASN B 209 -4.71 -18.53 32.82
CA ASN B 209 -3.74 -17.64 33.44
C ASN B 209 -2.45 -18.43 33.56
N TRP B 210 -1.35 -17.87 33.05
CA TRP B 210 -0.17 -18.68 32.78
C TRP B 210 0.67 -18.93 34.01
N ASP B 211 0.06 -19.44 35.08
CA ASP B 211 0.81 -19.89 36.24
C ASP B 211 1.58 -21.16 35.93
N ASN B 212 1.00 -22.04 35.10
CA ASN B 212 1.63 -23.31 34.74
C ASN B 212 1.39 -23.52 33.24
N VAL B 213 2.37 -23.12 32.44
CA VAL B 213 2.28 -23.30 30.99
C VAL B 213 2.41 -24.78 30.62
N LYS B 214 3.34 -25.49 31.28
CA LYS B 214 3.66 -26.86 30.91
C LYS B 214 2.59 -27.88 31.33
N HIS B 215 1.62 -27.50 32.16
CA HIS B 215 0.60 -28.45 32.58
C HIS B 215 -0.36 -28.79 31.44
N ALA B 216 -0.87 -27.78 30.75
CA ALA B 216 -1.87 -27.98 29.71
C ALA B 216 -1.35 -27.80 28.30
N TRP B 217 -0.16 -27.24 28.13
CA TRP B 217 0.41 -26.99 26.82
C TRP B 217 1.74 -27.71 26.69
N SER B 218 2.04 -28.15 25.47
CA SER B 218 3.34 -28.75 25.19
C SER B 218 3.96 -28.10 23.97
N PRO B 219 5.24 -27.80 24.00
CA PRO B 219 5.89 -27.19 22.84
C PRO B 219 6.22 -28.22 21.77
N MET B 220 6.57 -27.72 20.60
CA MET B 220 7.15 -28.58 19.57
C MET B 220 8.56 -28.99 20.00
N LYS B 221 8.97 -30.18 19.57
CA LYS B 221 10.22 -30.75 20.06
C LYS B 221 11.43 -30.03 19.47
N ASP B 222 11.41 -29.77 18.16
CA ASP B 222 12.48 -29.00 17.54
C ASP B 222 12.36 -27.52 17.86
N GLY B 223 11.14 -27.02 18.08
CA GLY B 223 10.97 -25.63 18.44
C GLY B 223 11.22 -25.36 19.90
N SER B 224 11.30 -24.09 20.24
CA SER B 224 11.51 -23.65 21.61
C SER B 224 10.16 -23.39 22.29
N SER B 225 10.19 -22.77 23.45
CA SER B 225 9.00 -22.42 24.21
C SER B 225 8.92 -20.90 24.37
N PRO B 226 7.71 -20.35 24.47
CA PRO B 226 7.57 -18.90 24.64
C PRO B 226 8.04 -18.43 26.01
N LYS B 227 8.48 -17.18 26.06
CA LYS B 227 8.94 -16.62 27.33
C LYS B 227 7.75 -16.24 28.20
N VAL B 228 7.98 -16.13 29.50
CA VAL B 228 6.93 -15.82 30.46
C VAL B 228 7.30 -14.55 31.20
N GLU B 229 6.48 -13.51 31.05
CA GLU B 229 6.72 -12.23 31.72
C GLU B 229 5.48 -11.79 32.49
N PHE B 230 5.50 -10.58 33.03
CA PHE B 230 4.30 -9.97 33.60
C PHE B 230 3.69 -9.00 32.59
N SER B 231 2.37 -8.82 32.67
CA SER B 231 1.64 -8.13 31.61
C SER B 231 1.31 -6.69 31.97
N ASN B 232 0.56 -6.47 33.06
CA ASN B 232 -0.16 -5.22 33.36
C ASN B 232 -1.00 -4.77 32.16
N ALA B 233 -1.85 -5.69 31.69
CA ALA B 233 -2.64 -5.43 30.49
C ALA B 233 -3.78 -4.47 30.76
N HIS B 234 -4.47 -4.61 31.89
CA HIS B 234 -5.57 -3.73 32.24
C HIS B 234 -5.09 -2.58 33.13
N GLY B 235 -4.12 -1.83 32.61
CA GLY B 235 -3.40 -0.84 33.37
C GLY B 235 -3.95 0.57 33.38
N PHE B 236 -5.01 0.86 32.64
CA PHE B 236 -5.53 2.21 32.62
C PHE B 236 -7.02 2.18 32.33
N LEU B 237 -7.74 3.14 32.91
CA LEU B 237 -9.19 3.26 32.74
C LEU B 237 -9.59 4.37 31.78
N LEU B 238 -8.78 5.41 31.66
CA LEU B 238 -9.08 6.53 30.77
C LEU B 238 -8.07 6.53 29.62
N ASP B 239 -8.58 6.44 28.39
CA ASP B 239 -7.73 6.46 27.21
C ASP B 239 -7.31 7.90 26.96
N THR B 240 -6.03 8.20 27.18
CA THR B 240 -5.54 9.57 27.11
C THR B 240 -4.98 9.94 25.75
N SER B 241 -5.05 9.05 24.76
CA SER B 241 -4.58 9.33 23.42
C SER B 241 -5.76 9.75 22.56
N LEU B 242 -5.81 11.03 22.21
CA LEU B 242 -6.87 11.57 21.37
C LEU B 242 -6.34 11.81 19.97
N GLU B 243 -7.10 11.37 18.97
CA GLU B 243 -6.52 11.37 17.64
C GLU B 243 -6.93 12.61 16.86
N PRO B 244 -6.03 13.12 16.02
CA PRO B 244 -6.39 14.19 15.10
C PRO B 244 -7.32 13.68 14.02
N PRO B 245 -8.07 14.56 13.34
CA PRO B 245 -8.91 14.10 12.23
C PRO B 245 -8.13 13.74 10.98
N LEU B 246 -8.86 13.45 9.89
CA LEU B 246 -8.21 13.05 8.65
C LEU B 246 -7.45 14.21 8.01
N CYS B 247 -7.92 15.44 8.20
CA CYS B 247 -7.26 16.61 7.66
C CYS B 247 -6.39 17.33 8.70
N GLY B 248 -6.32 16.80 9.92
CA GLY B 248 -5.54 17.42 10.96
C GLY B 248 -4.17 16.79 11.10
N GLN B 249 -3.35 17.40 11.94
CA GLN B 249 -1.97 16.98 12.14
C GLN B 249 -1.62 16.66 13.58
N THR B 250 -2.08 17.46 14.54
CA THR B 250 -1.69 17.26 15.92
C THR B 250 -2.90 17.18 16.85
N LEU B 251 -2.62 17.19 18.16
CA LEU B 251 -3.67 17.13 19.16
C LEU B 251 -4.56 18.37 19.13
N CYS B 252 -4.03 19.50 18.68
CA CYS B 252 -4.79 20.74 18.66
C CYS B 252 -5.88 20.71 17.59
N ASP B 253 -5.70 19.92 16.54
CA ASP B 253 -6.71 19.82 15.49
C ASP B 253 -7.91 18.98 15.89
N ASN B 254 -7.87 18.34 17.05
CA ASN B 254 -9.01 17.59 17.57
C ASN B 254 -10.15 18.53 17.91
N THR B 255 -11.37 18.02 17.80
CA THR B 255 -12.55 18.86 17.93
C THR B 255 -12.78 19.29 19.38
N GLU B 256 -12.51 18.40 20.34
CA GLU B 256 -12.78 18.72 21.74
C GLU B 256 -11.77 19.69 22.32
N VAL B 257 -10.49 19.53 21.96
CA VAL B 257 -9.46 20.44 22.45
C VAL B 257 -9.65 21.83 21.89
N ILE B 258 -9.91 21.93 20.58
CA ILE B 258 -10.14 23.22 19.97
C ILE B 258 -11.49 23.79 20.37
N ALA B 259 -12.43 22.95 20.82
CA ALA B 259 -13.70 23.46 21.34
C ALA B 259 -13.50 24.09 22.71
N SER B 260 -12.69 23.46 23.56
CA SER B 260 -12.39 24.06 24.85
C SER B 260 -11.53 25.31 24.72
N TYR B 261 -10.72 25.38 23.66
CA TYR B 261 -9.99 26.63 23.41
C TYR B 261 -10.87 27.70 22.82
N ASN B 262 -11.89 27.34 22.06
CA ASN B 262 -12.81 28.34 21.51
C ASN B 262 -13.79 28.87 22.55
N GLN B 263 -14.20 28.03 23.51
CA GLN B 263 -15.22 28.44 24.47
C GLN B 263 -14.65 29.18 25.67
N LEU B 264 -13.76 28.54 26.41
CA LEU B 264 -13.20 29.14 27.62
C LEU B 264 -12.19 30.21 27.26
N SER B 265 -12.34 31.39 27.87
CA SER B 265 -11.45 32.51 27.61
C SER B 265 -10.29 32.59 28.57
N SER B 266 -10.16 31.65 29.50
CA SER B 266 -8.98 31.59 30.35
C SER B 266 -7.81 30.91 29.65
N PHE B 267 -8.07 30.21 28.56
CA PHE B 267 -6.99 29.66 27.75
C PHE B 267 -6.37 30.69 26.82
N ARG B 268 -7.08 31.78 26.55
CA ARG B 268 -6.61 32.83 25.65
C ARG B 268 -6.05 34.03 26.41
N GLN B 269 -5.37 33.78 27.53
CA GLN B 269 -4.69 34.83 28.26
C GLN B 269 -3.53 35.37 27.43
N PRO B 270 -3.15 36.64 27.64
CA PRO B 270 -2.09 37.24 26.82
C PRO B 270 -0.73 36.58 27.03
N LYS B 271 -0.03 36.37 25.90
CA LYS B 271 1.26 35.70 25.86
C LYS B 271 2.29 36.61 25.22
N VAL B 272 3.55 36.40 25.57
CA VAL B 272 4.68 37.11 24.96
C VAL B 272 5.52 36.09 24.21
N VAL B 273 5.69 36.28 22.91
CA VAL B 273 6.42 35.35 22.06
C VAL B 273 7.64 36.05 21.50
N ARG B 274 8.81 35.46 21.71
CA ARG B 274 10.05 36.04 21.21
C ARG B 274 10.26 35.67 19.76
N TYR B 275 10.61 36.66 18.93
CA TYR B 275 10.96 36.42 17.55
C TYR B 275 12.24 37.16 17.23
N ARG B 276 13.04 36.59 16.33
CA ARG B 276 14.38 37.08 16.04
C ARG B 276 14.50 37.42 14.57
N VAL B 277 15.02 38.61 14.27
CA VAL B 277 15.24 39.07 12.91
C VAL B 277 16.71 38.91 12.58
N VAL B 278 17.01 38.23 11.47
CA VAL B 278 18.38 37.87 11.11
C VAL B 278 18.74 38.65 9.86
N ASN B 279 19.43 39.78 10.02
CA ASN B 279 19.90 40.57 8.90
C ASN B 279 21.41 40.44 8.78
N LEU B 280 21.87 40.15 7.56
CA LEU B 280 23.28 39.93 7.30
C LEU B 280 23.99 41.24 7.04
N TYR B 281 25.17 41.39 7.62
CA TYR B 281 26.05 42.52 7.36
C TYR B 281 27.30 42.04 6.65
N GLU B 282 28.10 42.99 6.19
CA GLU B 282 29.38 42.68 5.57
C GLU B 282 30.42 42.49 6.68
N ASP B 283 31.69 42.34 6.28
CA ASP B 283 32.74 42.06 7.26
C ASP B 283 33.02 43.27 8.14
N ASP B 284 32.82 44.48 7.62
CA ASP B 284 33.00 45.71 8.39
C ASP B 284 31.72 46.19 9.05
N HIS B 285 30.63 45.41 8.94
CA HIS B 285 29.33 45.68 9.57
C HIS B 285 28.73 47.01 9.09
N LYS B 286 28.60 47.12 7.77
CA LYS B 286 28.12 48.36 7.17
C LYS B 286 26.82 48.18 6.38
N ASN B 287 26.78 47.24 5.46
CA ASN B 287 25.61 47.10 4.58
C ASN B 287 24.66 46.06 5.17
N PRO B 288 23.46 46.44 5.59
CA PRO B 288 22.54 45.47 6.19
C PRO B 288 21.64 44.82 5.16
N THR B 289 20.88 43.83 5.62
CA THR B 289 19.83 43.26 4.79
C THR B 289 18.54 44.08 4.90
N VAL B 290 18.17 44.45 6.12
CA VAL B 290 17.08 45.38 6.35
C VAL B 290 17.59 46.50 7.25
N THR B 291 17.01 47.68 7.09
CA THR B 291 17.40 48.82 7.92
C THR B 291 16.71 48.75 9.26
N ARG B 292 17.16 49.58 10.20
CA ARG B 292 16.56 49.63 11.52
C ARG B 292 15.18 50.29 11.48
N GLU B 293 14.97 51.19 10.52
CA GLU B 293 13.69 51.87 10.39
C GLU B 293 12.58 50.90 9.99
N GLN B 294 12.85 50.01 9.05
CA GLN B 294 11.82 49.04 8.68
C GLN B 294 11.67 47.94 9.72
N VAL B 295 12.73 47.62 10.47
CA VAL B 295 12.57 46.70 11.60
C VAL B 295 11.63 47.28 12.65
N ASP B 296 11.81 48.57 12.97
CA ASP B 296 10.94 49.22 13.96
C ASP B 296 9.52 49.39 13.44
N PHE B 297 9.35 49.73 12.16
CA PHE B 297 8.02 49.89 11.60
C PHE B 297 7.28 48.56 11.52
N GLN B 298 7.99 47.48 11.16
CA GLN B 298 7.37 46.16 11.14
C GLN B 298 7.00 45.70 12.54
N HIS B 299 7.83 46.02 13.53
CA HIS B 299 7.49 45.67 14.91
C HIS B 299 6.27 46.44 15.40
N HIS B 300 6.15 47.71 15.03
CA HIS B 300 4.98 48.49 15.42
C HIS B 300 3.71 47.97 14.77
N GLN B 301 3.78 47.63 13.47
CA GLN B 301 2.62 47.07 12.77
C GLN B 301 2.24 45.70 13.32
N LEU B 302 3.24 44.88 13.64
CA LEU B 302 2.99 43.55 14.18
C LEU B 302 2.38 43.62 15.58
N ALA B 303 2.87 44.54 16.42
CA ALA B 303 2.29 44.70 17.75
C ALA B 303 0.91 45.32 17.68
N GLU B 304 0.62 46.12 16.65
CA GLU B 304 -0.71 46.65 16.46
C GLU B 304 -1.70 45.55 16.07
N ALA B 305 -1.30 44.68 15.14
CA ALA B 305 -2.26 43.70 14.60
C ALA B 305 -2.56 42.57 15.57
N PHE B 306 -1.62 42.20 16.43
CA PHE B 306 -1.79 41.08 17.34
C PHE B 306 -2.15 41.50 18.76
N LYS B 307 -2.41 42.78 19.01
CA LYS B 307 -2.74 43.22 20.36
C LYS B 307 -4.17 42.82 20.75
N GLN B 308 -5.09 42.80 19.79
CA GLN B 308 -6.47 42.41 20.09
C GLN B 308 -6.57 40.93 20.41
N TYR B 309 -5.71 40.10 19.82
CA TYR B 309 -5.80 38.66 19.92
C TYR B 309 -4.89 38.10 21.00
N ASN B 310 -4.45 38.95 21.93
CA ASN B 310 -3.72 38.56 23.15
C ASN B 310 -2.39 37.86 22.86
N ILE B 311 -1.67 38.32 21.84
CA ILE B 311 -0.32 37.83 21.56
C ILE B 311 0.59 39.05 21.42
N SER B 312 1.59 39.15 22.29
CA SER B 312 2.58 40.20 22.23
C SER B 312 3.89 39.63 21.69
N TRP B 313 4.61 40.43 20.92
CA TRP B 313 5.85 39.99 20.30
C TRP B 313 7.02 40.79 20.87
N GLU B 314 8.06 40.09 21.27
CA GLU B 314 9.29 40.68 21.76
C GLU B 314 10.35 40.55 20.69
N LEU B 315 10.97 41.67 20.33
CA LEU B 315 11.84 41.76 19.15
C LEU B 315 13.29 41.60 19.55
N ASP B 316 13.99 40.69 18.88
CA ASP B 316 15.43 40.55 18.97
C ASP B 316 16.00 40.73 17.57
N VAL B 317 17.03 41.57 17.46
CA VAL B 317 17.69 41.82 16.18
C VAL B 317 19.10 41.27 16.29
N LEU B 318 19.45 40.36 15.39
CA LEU B 318 20.75 39.70 15.41
C LEU B 318 21.50 40.06 14.15
N GLU B 319 22.66 40.70 14.32
CA GLU B 319 23.50 41.10 13.19
C GLU B 319 24.55 40.04 12.95
N VAL B 320 24.66 39.59 11.70
CA VAL B 320 25.67 38.61 11.30
C VAL B 320 26.62 39.30 10.34
N SER B 321 27.89 39.36 10.72
CA SER B 321 28.92 40.01 9.90
C SER B 321 29.56 38.96 8.99
N ASN B 322 29.12 38.93 7.74
CA ASN B 322 29.66 37.98 6.78
C ASN B 322 29.53 38.57 5.38
N SER B 323 30.66 39.00 4.80
CA SER B 323 30.62 39.57 3.46
C SER B 323 30.41 38.54 2.38
N SER B 324 30.75 37.27 2.65
CA SER B 324 30.52 36.22 1.66
C SER B 324 29.03 35.92 1.53
N LEU B 325 28.29 35.89 2.64
CA LEU B 325 26.86 35.66 2.59
C LEU B 325 26.08 36.87 2.12
N ARG B 326 26.59 38.07 2.41
CA ARG B 326 25.86 39.29 2.05
C ARG B 326 25.87 39.53 0.55
N ARG B 327 26.98 39.22 -0.11
CA ARG B 327 27.08 39.44 -1.54
C ARG B 327 26.38 38.36 -2.36
N ARG B 328 25.97 37.27 -1.74
CA ARG B 328 25.33 36.16 -2.44
C ARG B 328 23.81 36.29 -2.32
N LEU B 329 23.12 36.12 -3.44
CA LEU B 329 21.66 36.15 -3.46
C LEU B 329 21.11 34.95 -2.70
N ILE B 330 19.95 35.15 -2.05
CA ILE B 330 19.28 34.08 -1.32
C ILE B 330 17.94 33.83 -2.01
N LEU B 331 17.71 32.58 -2.41
CA LEU B 331 16.54 32.22 -3.19
C LEU B 331 15.53 31.49 -2.32
N ALA B 332 14.33 32.04 -2.23
CA ALA B 332 13.33 31.52 -1.29
C ALA B 332 12.77 30.18 -1.75
N ASN B 333 12.11 30.16 -2.91
CA ASN B 333 11.42 28.97 -3.39
C ASN B 333 12.04 28.45 -4.68
N CYS B 334 13.36 28.58 -4.83
CA CYS B 334 14.06 28.11 -6.01
C CYS B 334 14.94 26.93 -5.63
N ASP B 335 14.63 25.76 -6.18
CA ASP B 335 15.49 24.61 -6.03
C ASP B 335 16.70 24.76 -6.95
N ILE B 336 17.87 24.35 -6.45
CA ILE B 336 19.11 24.48 -7.20
C ILE B 336 19.11 23.58 -8.43
N SER B 337 18.47 22.41 -8.33
CA SER B 337 18.39 21.48 -9.46
C SER B 337 17.51 21.99 -10.59
N LYS B 338 16.72 23.04 -10.37
CA LYS B 338 15.86 23.62 -11.39
C LYS B 338 16.52 24.78 -12.15
N ILE B 339 17.84 24.86 -12.13
CA ILE B 339 18.54 25.94 -12.82
C ILE B 339 18.85 25.56 -14.27
N GLY B 340 19.50 24.41 -14.48
CA GLY B 340 19.94 24.06 -15.81
C GLY B 340 18.90 23.47 -16.73
N ASP B 341 17.73 23.08 -16.22
CA ASP B 341 16.73 22.44 -17.05
C ASP B 341 16.08 23.43 -18.01
N GLU B 342 15.58 22.91 -19.12
CA GLU B 342 15.20 23.75 -20.25
C GLU B 342 13.91 24.53 -20.04
N ASN B 343 13.06 24.14 -19.09
CA ASN B 343 11.86 24.91 -18.84
C ASN B 343 12.19 26.16 -18.03
N CYS B 344 11.36 27.19 -18.20
CA CYS B 344 11.59 28.48 -17.55
C CYS B 344 10.81 28.51 -16.23
N ASP B 345 11.54 28.35 -15.13
CA ASP B 345 10.94 28.51 -13.81
C ASP B 345 10.80 29.99 -13.48
N PRO B 346 9.60 30.46 -13.14
CA PRO B 346 9.46 31.87 -12.73
C PRO B 346 10.07 32.18 -11.38
N GLU B 347 10.33 31.17 -10.56
CA GLU B 347 10.87 31.41 -9.22
C GLU B 347 12.35 31.78 -9.28
N CYS B 348 13.11 31.14 -10.17
CA CYS B 348 14.55 31.39 -10.29
C CYS B 348 14.83 32.38 -11.42
N ASN B 349 14.24 33.57 -11.34
CA ASN B 349 14.36 34.55 -12.42
C ASN B 349 15.00 35.81 -11.85
N HIS B 350 16.32 35.80 -11.78
CA HIS B 350 17.07 36.90 -11.17
C HIS B 350 18.33 37.14 -11.97
N THR B 351 18.94 38.31 -11.74
CA THR B 351 20.18 38.65 -12.43
C THR B 351 21.35 37.84 -11.90
N LEU B 352 21.44 37.70 -10.56
CA LEU B 352 22.51 36.89 -9.98
C LEU B 352 22.29 35.41 -10.18
N THR B 353 21.06 34.99 -10.48
CA THR B 353 20.83 33.60 -10.88
C THR B 353 21.40 33.34 -12.27
N GLY B 354 21.17 34.26 -13.20
CA GLY B 354 21.64 34.10 -14.55
C GLY B 354 20.48 33.90 -15.51
N HIS B 355 19.33 34.46 -15.12
CA HIS B 355 18.04 34.28 -15.79
C HIS B 355 17.69 32.81 -15.94
N ASP B 356 17.66 32.13 -14.79
CA ASP B 356 17.44 30.68 -14.66
C ASP B 356 18.48 29.90 -15.47
N GLY B 357 19.73 30.30 -15.31
CA GLY B 357 20.80 29.69 -16.09
C GLY B 357 20.74 29.99 -17.57
N GLY B 358 20.02 31.05 -17.97
CA GLY B 358 19.80 31.31 -19.37
C GLY B 358 18.65 30.55 -19.98
N ASP B 359 17.86 29.83 -19.19
CA ASP B 359 16.75 29.04 -19.70
C ASP B 359 15.44 29.81 -19.71
N CYS B 360 15.44 31.08 -19.31
CA CYS B 360 14.30 31.96 -19.48
C CYS B 360 14.53 33.07 -20.50
N ARG B 361 15.75 33.19 -21.02
CA ARG B 361 16.04 34.21 -22.02
C ARG B 361 15.41 33.83 -23.36
N HIS B 362 14.97 34.87 -24.10
CA HIS B 362 14.21 34.63 -25.32
C HIS B 362 15.09 34.15 -26.47
N LEU B 363 16.34 34.60 -26.54
CA LEU B 363 17.24 34.25 -27.64
C LEU B 363 17.99 32.94 -27.40
N ARG B 364 17.46 32.06 -26.55
CA ARG B 364 18.10 30.78 -26.28
C ARG B 364 17.76 29.79 -27.38
N HIS B 365 18.78 29.18 -27.97
CA HIS B 365 18.53 28.09 -28.91
C HIS B 365 18.88 26.75 -28.27
N PRO B 366 18.13 25.69 -28.57
CA PRO B 366 18.36 24.40 -27.90
C PRO B 366 19.63 23.67 -28.33
N ALA B 367 20.37 24.18 -29.31
CA ALA B 367 21.59 23.51 -29.76
C ALA B 367 22.69 23.73 -28.73
N PHE B 368 22.96 22.70 -27.94
CA PHE B 368 24.03 22.75 -26.94
C PHE B 368 25.37 22.69 -27.66
N VAL B 369 26.00 23.84 -27.84
CA VAL B 369 27.30 23.94 -28.47
C VAL B 369 28.31 24.34 -27.40
N LYS B 370 29.25 23.45 -27.11
CA LYS B 370 30.26 23.69 -26.10
C LYS B 370 31.48 24.34 -26.77
N LYS B 371 31.73 25.60 -26.41
CA LYS B 371 32.85 26.33 -26.98
C LYS B 371 34.13 26.04 -26.22
N GLN B 372 35.26 26.14 -26.93
CA GLN B 372 36.56 25.98 -26.29
C GLN B 372 36.86 27.22 -25.47
N HIS B 373 37.30 27.03 -24.23
CA HIS B 373 37.53 28.15 -23.34
C HIS B 373 38.80 28.90 -23.75
N ASN B 374 38.68 30.23 -23.86
CA ASN B 374 39.78 31.07 -24.32
C ASN B 374 39.70 32.41 -23.60
N GLY B 375 40.43 32.52 -22.49
CA GLY B 375 40.58 33.79 -21.82
C GLY B 375 39.47 34.17 -20.87
N VAL B 376 38.79 35.27 -21.17
CA VAL B 376 37.93 35.94 -20.21
C VAL B 376 36.51 35.39 -20.30
N CYS B 377 35.73 35.63 -19.25
CA CYS B 377 34.32 35.23 -19.23
C CYS B 377 33.50 36.14 -20.12
N ASP B 378 32.51 35.55 -20.80
CA ASP B 378 31.58 36.30 -21.64
C ASP B 378 30.17 36.09 -21.11
N MET B 379 29.39 37.17 -21.06
CA MET B 379 28.04 37.08 -20.52
C MET B 379 27.07 36.41 -21.49
N ASP B 380 27.30 36.54 -22.80
CA ASP B 380 26.40 35.91 -23.76
C ASP B 380 26.60 34.41 -23.82
N CYS B 381 27.76 33.90 -23.40
CA CYS B 381 28.02 32.47 -23.34
C CYS B 381 28.11 31.95 -21.91
N ASN B 382 27.57 32.71 -20.95
CA ASN B 382 27.48 32.26 -19.57
C ASN B 382 26.12 31.66 -19.25
N TYR B 383 25.50 31.00 -20.23
CA TYR B 383 24.23 30.36 -20.02
C TYR B 383 24.43 28.86 -19.94
N GLU B 384 23.32 28.14 -19.79
CA GLU B 384 23.40 26.69 -19.64
C GLU B 384 23.73 25.99 -20.95
N ARG B 385 23.22 26.52 -22.07
CA ARG B 385 23.44 25.89 -23.36
C ARG B 385 24.85 26.08 -23.89
N PHE B 386 25.66 26.93 -23.26
CA PHE B 386 27.06 27.11 -23.62
C PHE B 386 28.00 26.71 -22.49
N ASN B 387 27.52 25.81 -21.61
CA ASN B 387 28.31 25.17 -20.55
C ASN B 387 28.89 26.17 -19.55
N PHE B 388 28.23 27.32 -19.41
CA PHE B 388 28.69 28.46 -18.60
C PHE B 388 30.11 28.88 -18.97
N ASP B 389 30.35 28.96 -20.28
CA ASP B 389 31.61 29.41 -20.89
C ASP B 389 32.80 28.55 -20.45
N GLY B 390 32.56 27.25 -20.30
CA GLY B 390 33.62 26.32 -20.01
C GLY B 390 34.23 26.42 -18.63
N GLY B 391 33.52 27.00 -17.67
CA GLY B 391 34.05 27.14 -16.33
C GLY B 391 34.97 28.31 -16.14
N GLU B 392 35.08 29.21 -17.12
CA GLU B 392 35.90 30.40 -16.96
C GLU B 392 35.24 31.39 -16.01
N CYS B 393 33.91 31.51 -16.06
CA CYS B 393 33.20 32.49 -15.26
C CYS B 393 33.14 32.13 -13.78
N CYS B 394 33.44 30.88 -13.43
CA CYS B 394 33.49 30.45 -12.03
C CYS B 394 34.89 30.45 -11.48
N ASP B 395 35.89 30.83 -12.26
CA ASP B 395 37.26 30.95 -11.77
C ASP B 395 37.40 32.23 -10.95
N PRO B 396 37.94 32.16 -9.72
CA PRO B 396 38.09 33.39 -8.93
C PRO B 396 39.13 34.34 -9.47
N GLU B 397 40.13 33.85 -10.21
CA GLU B 397 41.20 34.71 -10.70
C GLU B 397 40.75 35.53 -11.91
N ILE B 398 39.92 34.93 -12.78
CA ILE B 398 39.48 35.62 -13.99
C ILE B 398 38.51 36.75 -13.65
N THR B 399 37.53 36.47 -12.81
CA THR B 399 36.52 37.45 -12.45
C THR B 399 36.02 37.16 -11.05
N ASN B 400 35.16 38.05 -10.55
CA ASN B 400 34.59 37.88 -9.22
C ASN B 400 33.62 36.72 -9.21
N VAL B 401 33.71 35.91 -8.15
CA VAL B 401 32.88 34.72 -8.04
C VAL B 401 31.42 35.10 -7.80
N THR B 402 31.19 36.12 -6.98
CA THR B 402 29.87 36.43 -6.46
C THR B 402 28.98 37.20 -7.43
N GLN B 403 29.38 37.34 -8.70
CA GLN B 403 28.50 37.96 -9.68
C GLN B 403 28.52 37.29 -11.04
N THR B 404 29.31 36.24 -11.24
CA THR B 404 29.45 35.66 -12.57
C THR B 404 29.20 34.15 -12.59
N CYS B 405 29.49 33.46 -11.49
CA CYS B 405 29.40 32.01 -11.44
C CYS B 405 27.95 31.61 -11.21
N PHE B 406 27.26 31.27 -12.30
CA PHE B 406 25.88 30.80 -12.22
C PHE B 406 25.79 29.29 -12.20
N ASP B 407 26.91 28.59 -12.25
CA ASP B 407 26.91 27.13 -12.39
C ASP B 407 26.53 26.48 -11.07
N PRO B 408 25.44 25.69 -11.02
CA PRO B 408 25.07 25.03 -9.76
C PRO B 408 26.02 23.93 -9.33
N ASP B 409 26.84 23.40 -10.24
CA ASP B 409 27.78 22.36 -9.87
C ASP B 409 28.98 22.91 -9.10
N SER B 410 29.31 24.18 -9.32
CA SER B 410 30.47 24.77 -8.66
C SER B 410 30.18 25.02 -7.19
N PRO B 411 31.19 24.87 -6.32
CA PRO B 411 30.95 25.07 -4.89
C PRO B 411 30.78 26.52 -4.50
N HIS B 412 31.57 27.41 -5.10
CA HIS B 412 31.44 28.85 -4.87
C HIS B 412 30.65 29.42 -6.05
N ARG B 413 29.38 29.74 -5.80
CA ARG B 413 28.48 30.23 -6.84
C ARG B 413 27.80 31.50 -6.33
N ALA B 414 27.12 32.19 -7.25
CA ALA B 414 26.57 33.51 -6.95
C ALA B 414 25.34 33.43 -6.06
N TYR B 415 24.55 32.36 -6.16
CA TYR B 415 23.32 32.25 -5.40
C TYR B 415 23.46 31.25 -4.27
N LEU B 416 22.44 31.22 -3.42
CA LEU B 416 22.38 30.33 -2.27
C LEU B 416 20.92 30.12 -1.94
N ASP B 417 20.63 29.01 -1.28
CA ASP B 417 19.27 28.72 -0.84
C ASP B 417 19.11 29.06 0.63
N VAL B 418 17.86 29.20 1.07
CA VAL B 418 17.61 29.58 2.45
C VAL B 418 17.95 28.46 3.41
N ASN B 419 17.76 27.21 2.99
CA ASN B 419 18.14 26.09 3.87
C ASN B 419 19.64 25.98 4.01
N GLU B 420 20.39 26.34 2.96
CA GLU B 420 21.84 26.42 3.09
C GLU B 420 22.26 27.55 4.01
N LEU B 421 21.54 28.68 3.97
CA LEU B 421 21.80 29.78 4.89
C LEU B 421 21.46 29.40 6.32
N LYS B 422 20.40 28.62 6.51
CA LYS B 422 20.04 28.14 7.85
C LYS B 422 21.06 27.14 8.38
N ASN B 423 21.62 26.32 7.49
CA ASN B 423 22.67 25.40 7.92
C ASN B 423 23.97 26.14 8.23
N ILE B 424 24.26 27.21 7.49
CA ILE B 424 25.46 27.99 7.73
C ILE B 424 25.36 28.75 9.05
N LEU B 425 24.24 29.43 9.27
CA LEU B 425 24.09 30.22 10.49
C LEU B 425 23.88 29.33 11.71
N LYS B 426 22.99 28.32 11.58
CA LYS B 426 22.73 27.28 12.58
C LYS B 426 22.29 27.89 13.92
N LEU B 427 21.20 28.63 13.87
CA LEU B 427 20.74 29.42 15.01
C LEU B 427 20.04 28.53 16.03
N ASP B 428 19.65 29.15 17.14
CA ASP B 428 18.86 28.47 18.17
C ASP B 428 17.39 28.76 17.88
N GLY B 429 16.75 27.84 17.18
CA GLY B 429 15.34 27.98 16.89
C GLY B 429 14.41 27.50 17.96
N SER B 430 14.97 26.98 19.06
CA SER B 430 14.17 26.43 20.14
C SER B 430 13.61 27.50 21.08
N THR B 431 14.15 28.72 21.02
CA THR B 431 13.72 29.77 21.93
C THR B 431 13.23 31.04 21.23
N HIS B 432 13.54 31.24 19.97
CA HIS B 432 13.08 32.39 19.21
C HIS B 432 12.42 31.93 17.92
N LEU B 433 11.55 32.78 17.37
CA LEU B 433 11.05 32.60 16.01
C LEU B 433 12.01 33.32 15.07
N ASN B 434 12.79 32.55 14.31
CA ASN B 434 13.80 33.14 13.45
C ASN B 434 13.17 33.64 12.16
N ILE B 435 13.51 34.87 11.78
CA ILE B 435 13.06 35.47 10.53
C ILE B 435 14.26 35.52 9.59
N PHE B 436 14.12 34.90 8.42
CA PHE B 436 15.15 34.92 7.40
C PHE B 436 14.67 35.70 6.19
N PHE B 437 15.62 36.14 5.38
CA PHE B 437 15.30 37.01 4.24
C PHE B 437 15.84 36.40 2.95
N ALA B 438 14.99 36.36 1.93
CA ALA B 438 15.35 35.83 0.64
C ALA B 438 14.49 36.48 -0.43
N LYS B 439 14.99 36.47 -1.66
CA LYS B 439 14.29 37.11 -2.76
C LYS B 439 13.22 36.19 -3.34
N SER B 440 12.27 36.80 -4.04
CA SER B 440 11.19 36.06 -4.68
C SER B 440 10.83 36.77 -5.98
N SER B 441 11.14 36.15 -7.12
CA SER B 441 10.90 36.80 -8.41
C SER B 441 9.43 36.78 -8.81
N GLU B 442 8.70 35.73 -8.44
CA GLU B 442 7.28 35.65 -8.80
C GLU B 442 6.44 36.62 -7.99
N GLU B 443 6.93 37.03 -6.81
CA GLU B 443 6.35 38.02 -5.87
C GLU B 443 4.87 37.78 -5.56
N GLU B 444 4.43 36.51 -5.63
CA GLU B 444 3.09 36.19 -5.16
C GLU B 444 3.04 36.17 -3.64
N LEU B 445 4.10 35.70 -3.00
CA LEU B 445 4.17 35.61 -1.55
C LEU B 445 5.64 35.58 -1.15
N ALA B 446 5.88 35.18 0.09
CA ALA B 446 7.21 35.00 0.65
C ALA B 446 7.58 33.52 0.64
N GLY B 447 8.66 33.18 1.32
CA GLY B 447 9.08 31.78 1.40
C GLY B 447 8.18 30.97 2.31
N VAL B 448 8.43 29.65 2.31
CA VAL B 448 7.56 28.72 3.02
C VAL B 448 7.88 28.77 4.50
N ALA B 449 6.91 29.19 5.30
CA ALA B 449 7.05 29.15 6.75
C ALA B 449 6.82 27.73 7.25
N THR B 450 7.61 27.32 8.23
CA THR B 450 7.50 25.97 8.77
C THR B 450 6.27 25.86 9.66
N TRP B 451 5.50 24.80 9.44
CA TRP B 451 4.34 24.52 10.24
C TRP B 451 4.76 24.11 11.66
N PRO B 452 3.87 24.26 12.65
CA PRO B 452 4.22 23.80 14.00
C PRO B 452 4.47 22.31 14.11
N TRP B 453 3.82 21.50 13.30
CA TRP B 453 3.96 20.05 13.34
C TRP B 453 5.12 19.54 12.50
N ASP B 454 5.89 20.42 11.86
CA ASP B 454 7.10 19.98 11.19
C ASP B 454 8.16 19.61 12.22
N LYS B 455 9.11 18.78 11.78
CA LYS B 455 10.21 18.40 12.66
C LYS B 455 11.22 19.52 12.82
N GLU B 456 11.23 20.49 11.92
CA GLU B 456 12.17 21.60 11.97
C GLU B 456 11.63 22.80 12.74
N ALA B 457 10.43 22.70 13.31
CA ALA B 457 9.77 23.85 13.92
C ALA B 457 10.49 24.37 15.15
N LEU B 458 11.26 23.53 15.84
CA LEU B 458 12.09 23.96 16.96
C LEU B 458 13.57 23.70 16.70
N MET B 459 13.96 23.56 15.44
CA MET B 459 15.34 23.35 15.04
C MET B 459 15.88 24.60 14.37
N HIS B 460 17.13 24.51 13.91
CA HIS B 460 17.76 25.62 13.20
C HIS B 460 17.26 25.75 11.76
N LEU B 461 16.63 24.71 11.22
CA LEU B 461 16.11 24.74 9.86
C LEU B 461 14.70 25.28 9.79
N GLY B 462 14.19 25.88 10.86
CA GLY B 462 12.83 26.36 10.87
C GLY B 462 12.72 27.83 11.15
N GLY B 463 11.56 28.40 10.82
CA GLY B 463 11.36 29.83 10.97
C GLY B 463 10.49 30.36 9.86
N ILE B 464 10.73 31.61 9.46
CA ILE B 464 9.91 32.29 8.46
C ILE B 464 10.85 32.95 7.46
N VAL B 465 10.63 32.71 6.17
CA VAL B 465 11.40 33.32 5.11
C VAL B 465 10.56 34.44 4.50
N LEU B 466 11.13 35.64 4.42
CA LEU B 466 10.43 36.80 3.89
C LEU B 466 11.26 37.46 2.81
N ASN B 467 10.64 38.41 2.12
CA ASN B 467 11.33 39.22 1.14
C ASN B 467 11.82 40.50 1.81
N PRO B 468 13.13 40.75 1.85
CA PRO B 468 13.63 41.92 2.60
C PRO B 468 13.33 43.24 1.91
N SER B 469 13.08 43.25 0.61
CA SER B 469 12.78 44.48 -0.11
C SER B 469 11.33 44.93 0.08
N PHE B 470 10.48 44.03 0.59
CA PHE B 470 9.07 44.38 0.86
C PHE B 470 8.82 44.39 2.36
N TYR B 471 9.84 44.03 3.15
CA TYR B 471 9.73 44.08 4.63
C TYR B 471 9.54 45.55 5.03
N GLY B 472 8.57 45.84 5.90
CA GLY B 472 8.36 47.21 6.39
C GLY B 472 8.04 48.20 5.27
N MET B 473 7.39 47.76 4.20
CA MET B 473 6.95 48.69 3.12
C MET B 473 5.51 49.11 3.44
N PRO B 474 5.08 50.39 3.35
CA PRO B 474 3.73 50.74 3.83
C PRO B 474 2.58 50.03 3.12
N GLY B 475 2.81 49.46 1.95
CA GLY B 475 1.81 48.65 1.29
C GLY B 475 2.03 47.15 1.38
N HIS B 476 3.02 46.68 2.13
CA HIS B 476 3.35 45.25 2.19
C HIS B 476 3.64 44.82 3.62
N THR B 477 2.93 45.40 4.58
CA THR B 477 3.19 45.12 5.98
C THR B 477 2.44 43.90 6.51
N HIS B 478 1.52 43.33 5.74
CA HIS B 478 0.70 42.24 6.22
C HIS B 478 1.17 40.88 5.76
N THR B 479 2.29 40.80 5.03
CA THR B 479 2.81 39.50 4.65
C THR B 479 3.50 38.81 5.82
N MET B 480 4.12 39.57 6.71
CA MET B 480 4.73 38.97 7.89
C MET B 480 3.68 38.42 8.84
N ILE B 481 2.54 39.11 8.96
CA ILE B 481 1.44 38.61 9.80
C ILE B 481 0.86 37.34 9.20
N HIS B 482 0.79 37.27 7.87
CA HIS B 482 0.34 36.08 7.17
C HIS B 482 1.28 34.89 7.41
N GLU B 483 2.59 35.11 7.30
CA GLU B 483 3.54 34.03 7.53
C GLU B 483 3.62 33.64 9.00
N ILE B 484 3.39 34.61 9.91
CA ILE B 484 3.39 34.32 11.33
C ILE B 484 2.18 33.48 11.70
N GLY B 485 1.02 33.76 11.10
CA GLY B 485 -0.11 32.89 11.26
C GLY B 485 0.09 31.52 10.65
N HIS B 486 0.85 31.45 9.55
CA HIS B 486 1.22 30.15 8.98
C HIS B 486 2.08 29.35 9.93
N SER B 487 2.99 30.01 10.64
CA SER B 487 3.85 29.31 11.59
C SER B 487 3.16 28.98 12.90
N LEU B 488 1.92 29.44 13.12
CA LEU B 488 1.18 29.16 14.34
C LEU B 488 0.01 28.22 14.10
N GLY B 489 -0.02 27.52 12.97
CA GLY B 489 -0.98 26.47 12.75
C GLY B 489 -2.16 26.82 11.86
N LEU B 490 -2.21 28.02 11.32
CA LEU B 490 -3.33 28.43 10.48
C LEU B 490 -3.05 28.11 9.03
N TYR B 491 -3.96 27.40 8.38
CA TYR B 491 -3.87 27.20 6.95
C TYR B 491 -4.40 28.43 6.23
N HIS B 492 -4.31 28.42 4.90
CA HIS B 492 -5.01 29.42 4.12
C HIS B 492 -6.51 29.17 4.18
N VAL B 493 -7.28 30.23 3.97
CA VAL B 493 -8.74 30.14 3.97
C VAL B 493 -9.21 29.28 2.80
N PHE B 494 -8.50 29.32 1.68
CA PHE B 494 -8.86 28.59 0.48
C PHE B 494 -8.26 27.19 0.43
N ARG B 495 -8.02 26.55 1.58
CA ARG B 495 -7.46 25.21 1.59
C ARG B 495 -8.47 24.19 1.10
N GLY B 496 -9.73 24.34 1.48
CA GLY B 496 -10.74 23.37 1.11
C GLY B 496 -11.35 23.55 -0.26
N ILE B 497 -10.79 24.41 -1.10
CA ILE B 497 -11.30 24.61 -2.46
C ILE B 497 -10.17 24.43 -3.46
N SER B 498 -9.08 25.19 -3.29
CA SER B 498 -8.01 25.21 -4.27
C SER B 498 -6.78 24.41 -3.85
N GLU B 499 -6.54 24.25 -2.56
CA GLU B 499 -5.39 23.47 -2.10
C GLU B 499 -5.77 22.01 -1.82
N ILE B 500 -6.40 21.36 -2.80
CA ILE B 500 -6.78 19.96 -2.69
C ILE B 500 -6.26 19.23 -3.92
N GLN B 501 -6.09 17.91 -3.77
CA GLN B 501 -5.56 17.10 -4.85
C GLN B 501 -6.56 16.95 -5.98
N SER B 502 -7.80 16.61 -5.65
CA SER B 502 -8.83 16.41 -6.65
C SER B 502 -10.17 16.82 -6.06
N CYS B 503 -11.23 16.62 -6.85
CA CYS B 503 -12.58 16.92 -6.38
C CYS B 503 -13.10 15.90 -5.37
N SER B 504 -12.42 14.77 -5.22
CA SER B 504 -12.84 13.71 -4.31
C SER B 504 -12.03 13.68 -3.03
N ASP B 505 -11.29 14.75 -2.74
CA ASP B 505 -10.47 14.78 -1.52
C ASP B 505 -11.37 14.92 -0.29
N PRO B 506 -11.05 14.22 0.80
CA PRO B 506 -11.88 14.31 2.01
C PRO B 506 -11.83 15.67 2.71
N CYS B 507 -10.86 16.52 2.38
CA CYS B 507 -10.68 17.80 3.04
C CYS B 507 -11.25 18.95 2.24
N MET B 508 -12.00 18.67 1.18
CA MET B 508 -12.70 19.72 0.42
C MET B 508 -13.95 20.08 1.20
N GLU B 509 -13.95 21.27 1.83
CA GLU B 509 -15.07 21.65 2.67
C GLU B 509 -16.23 22.14 1.81
N THR B 510 -17.32 21.38 1.80
CA THR B 510 -18.55 21.83 1.19
C THR B 510 -19.33 22.75 2.10
N GLU B 511 -19.13 22.65 3.40
CA GLU B 511 -19.77 23.47 4.41
C GLU B 511 -18.69 23.86 5.41
N PRO B 512 -18.92 24.93 6.19
CA PRO B 512 -18.02 25.22 7.30
C PRO B 512 -18.03 24.11 8.34
N SER B 513 -16.84 23.64 8.71
CA SER B 513 -16.70 22.54 9.64
C SER B 513 -15.36 22.64 10.35
N PHE B 514 -15.27 21.98 11.50
CA PHE B 514 -14.04 21.92 12.27
C PHE B 514 -13.09 20.82 11.81
N GLU B 515 -13.47 20.04 10.81
CA GLU B 515 -12.65 18.92 10.36
C GLU B 515 -12.34 18.93 8.86
N THR B 516 -12.95 19.82 8.09
CA THR B 516 -12.73 19.90 6.66
C THR B 516 -12.21 21.29 6.30
N GLY B 517 -11.23 21.33 5.41
CA GLY B 517 -10.67 22.60 4.97
C GLY B 517 -9.56 23.05 5.89
N ASP B 518 -9.63 24.31 6.31
CA ASP B 518 -8.60 24.89 7.17
C ASP B 518 -8.92 24.73 8.65
N LEU B 519 -9.84 23.82 8.99
CA LEU B 519 -10.21 23.45 10.36
C LEU B 519 -10.75 24.63 11.16
N CYS B 520 -11.39 25.57 10.47
CA CYS B 520 -12.00 26.73 11.12
C CYS B 520 -13.45 26.83 10.68
N ASN B 521 -14.36 26.90 11.65
CA ASN B 521 -15.79 26.97 11.36
C ASN B 521 -16.20 28.34 10.88
N ASP B 522 -15.48 29.39 11.26
CA ASP B 522 -15.87 30.75 10.92
C ASP B 522 -15.39 31.18 9.54
N THR B 523 -14.57 30.39 8.86
CA THR B 523 -14.14 30.68 7.51
C THR B 523 -14.99 29.86 6.55
N ASN B 524 -15.87 30.53 5.82
CA ASN B 524 -16.63 29.88 4.78
C ASN B 524 -15.69 29.48 3.64
N PRO B 525 -16.02 28.42 2.90
CA PRO B 525 -15.16 28.00 1.79
C PRO B 525 -15.06 29.07 0.70
N ALA B 526 -13.86 29.22 0.16
CA ALA B 526 -13.56 30.29 -0.77
C ALA B 526 -12.43 29.81 -1.68
N PRO B 527 -12.36 30.31 -2.91
CA PRO B 527 -11.19 30.00 -3.74
C PRO B 527 -10.09 31.03 -3.50
N LYS B 528 -8.97 30.94 -4.20
CA LYS B 528 -7.94 31.95 -4.09
C LYS B 528 -8.18 33.03 -5.13
N HIS B 529 -8.20 34.29 -4.69
CA HIS B 529 -8.34 35.42 -5.58
C HIS B 529 -7.64 36.62 -4.97
N LYS B 530 -7.26 37.56 -5.82
CA LYS B 530 -6.60 38.77 -5.37
C LYS B 530 -7.58 39.90 -5.08
N SER B 531 -8.87 39.69 -5.30
CA SER B 531 -9.86 40.74 -5.12
C SER B 531 -10.25 40.87 -3.66
N CYS B 532 -10.99 41.94 -3.35
CA CYS B 532 -11.49 42.24 -2.02
C CYS B 532 -13.01 42.05 -1.95
N GLY B 533 -13.50 40.99 -2.58
CA GLY B 533 -14.92 40.70 -2.56
C GLY B 533 -15.17 39.24 -2.86
N ASP B 534 -16.44 38.88 -2.90
CA ASP B 534 -16.81 37.52 -3.24
C ASP B 534 -16.57 37.26 -4.73
N PRO B 535 -16.12 36.06 -5.10
CA PRO B 535 -15.82 35.79 -6.51
C PRO B 535 -17.08 35.59 -7.33
N GLY B 536 -16.88 35.48 -8.65
CA GLY B 536 -17.98 35.35 -9.58
C GLY B 536 -18.30 33.90 -9.91
N PRO B 537 -18.03 33.50 -11.15
CA PRO B 537 -18.35 32.13 -11.57
C PRO B 537 -17.36 31.11 -11.00
N GLY B 538 -17.69 29.84 -11.21
CA GLY B 538 -17.02 28.72 -10.60
C GLY B 538 -16.31 27.80 -11.56
N ASN B 539 -15.54 28.38 -12.50
CA ASN B 539 -14.97 27.62 -13.60
C ASN B 539 -13.91 26.63 -13.15
N ASP B 540 -13.24 26.87 -12.02
CA ASP B 540 -12.24 25.94 -11.51
C ASP B 540 -12.77 25.06 -10.39
N THR B 541 -13.68 25.58 -9.58
CA THR B 541 -14.24 24.82 -8.47
C THR B 541 -15.14 23.69 -8.99
N CYS B 542 -15.14 22.57 -8.26
CA CYS B 542 -15.80 21.37 -8.74
C CYS B 542 -17.31 21.49 -8.69
N GLY B 543 -17.88 21.62 -7.48
CA GLY B 543 -19.32 21.63 -7.32
C GLY B 543 -19.92 22.95 -6.89
N PHE B 544 -19.17 24.05 -6.95
CA PHE B 544 -19.66 25.32 -6.47
C PHE B 544 -19.47 26.38 -7.55
N HIS B 545 -20.52 27.14 -7.81
CA HIS B 545 -20.46 28.22 -8.79
C HIS B 545 -20.14 29.56 -8.13
N SER B 546 -20.81 29.86 -7.01
CA SER B 546 -20.64 31.13 -6.33
C SER B 546 -20.39 30.88 -4.85
N PHE B 547 -19.72 31.83 -4.22
CA PHE B 547 -19.38 31.77 -2.80
C PHE B 547 -19.86 33.05 -2.12
N PHE B 548 -20.40 32.90 -0.92
CA PHE B 548 -20.95 34.02 -0.18
C PHE B 548 -20.42 33.99 1.24
N ASN B 549 -20.31 35.19 1.84
CA ASN B 549 -19.64 35.44 3.12
C ASN B 549 -18.21 34.93 3.09
N THR B 550 -17.53 35.15 1.97
CA THR B 550 -16.15 34.73 1.81
C THR B 550 -15.23 35.60 2.66
N PRO B 551 -14.28 35.02 3.39
CA PRO B 551 -13.40 35.83 4.25
C PRO B 551 -12.30 36.54 3.45
N TYR B 552 -12.70 37.55 2.68
CA TYR B 552 -11.72 38.31 1.92
C TYR B 552 -10.92 39.26 2.79
N ASN B 553 -11.45 39.66 3.94
CA ASN B 553 -10.74 40.55 4.85
C ASN B 553 -9.88 39.80 5.85
N ASN B 554 -9.81 38.47 5.76
CA ASN B 554 -8.99 37.68 6.64
C ASN B 554 -7.52 37.84 6.28
N PHE B 555 -6.64 37.66 7.27
CA PHE B 555 -5.21 37.73 7.02
C PHE B 555 -4.73 36.56 6.19
N MET B 556 -5.42 35.43 6.26
CA MET B 556 -4.95 34.19 5.64
C MET B 556 -5.33 34.05 4.18
N SER B 557 -6.07 34.98 3.61
CA SER B 557 -6.43 34.90 2.21
C SER B 557 -5.41 35.66 1.36
N TYR B 558 -5.57 35.56 0.04
CA TYR B 558 -4.65 36.16 -0.90
C TYR B 558 -5.07 37.55 -1.33
N ALA B 559 -5.83 38.27 -0.50
CA ALA B 559 -6.27 39.61 -0.85
C ALA B 559 -5.12 40.61 -0.70
N ASP B 560 -5.37 41.82 -1.19
CA ASP B 560 -4.39 42.89 -1.10
C ASP B 560 -4.24 43.36 0.34
N ASP B 561 -3.15 44.09 0.60
CA ASP B 561 -2.83 44.53 1.95
C ASP B 561 -3.74 45.65 2.43
N ASP B 562 -4.52 46.27 1.56
CA ASP B 562 -5.56 47.19 1.99
C ASP B 562 -6.87 46.49 2.31
N CYS B 563 -6.92 45.17 2.16
CA CYS B 563 -8.12 44.37 2.39
C CYS B 563 -8.05 43.50 3.63
N THR B 564 -6.90 42.87 3.89
CA THR B 564 -6.77 41.93 5.00
C THR B 564 -6.57 42.70 6.30
N ASP B 565 -7.49 42.52 7.25
CA ASP B 565 -7.38 43.23 8.51
C ASP B 565 -7.75 42.46 9.77
N SER B 566 -8.20 41.20 9.66
CA SER B 566 -8.77 40.56 10.83
C SER B 566 -8.46 39.07 10.87
N PHE B 567 -8.51 38.52 12.08
CA PHE B 567 -8.47 37.08 12.35
C PHE B 567 -9.81 36.66 12.94
N THR B 568 -10.35 35.55 12.44
CA THR B 568 -11.55 34.99 13.04
C THR B 568 -11.21 34.40 14.40
N PRO B 569 -12.19 34.34 15.33
CA PRO B 569 -11.90 33.81 16.68
C PRO B 569 -11.45 32.36 16.71
N ASN B 570 -11.86 31.55 15.74
CA ASN B 570 -11.37 30.18 15.65
C ASN B 570 -9.88 30.15 15.29
N GLN B 571 -9.44 31.11 14.47
CA GLN B 571 -8.02 31.21 14.16
C GLN B 571 -7.21 31.64 15.39
N VAL B 572 -7.79 32.50 16.22
CA VAL B 572 -7.13 32.90 17.46
C VAL B 572 -7.06 31.73 18.43
N ALA B 573 -8.10 30.91 18.47
CA ALA B 573 -8.09 29.70 19.30
C ALA B 573 -7.01 28.72 18.83
N ARG B 574 -6.89 28.54 17.51
CA ARG B 574 -5.83 27.68 16.97
C ARG B 574 -4.44 28.22 17.27
N MET B 575 -4.25 29.53 17.18
CA MET B 575 -2.95 30.12 17.45
C MET B 575 -2.57 30.01 18.93
N HIS B 576 -3.52 30.23 19.83
CA HIS B 576 -3.22 30.09 21.25
C HIS B 576 -2.97 28.64 21.62
N CYS B 577 -3.71 27.72 21.01
CA CYS B 577 -3.54 26.31 21.30
C CYS B 577 -2.21 25.78 20.76
N TYR B 578 -1.77 26.26 19.60
CA TYR B 578 -0.46 25.88 19.11
C TYR B 578 0.68 26.59 19.84
N LEU B 579 0.43 27.76 20.43
CA LEU B 579 1.43 28.36 21.30
C LEU B 579 1.57 27.57 22.59
N ASP B 580 0.47 27.03 23.11
CA ASP B 580 0.56 26.21 24.31
C ASP B 580 1.11 24.82 24.04
N LEU B 581 0.87 24.27 22.84
CA LEU B 581 1.21 22.89 22.56
C LEU B 581 2.70 22.73 22.26
N VAL B 582 3.18 23.37 21.20
CA VAL B 582 4.53 23.12 20.71
C VAL B 582 5.49 24.28 20.96
N TYR B 583 4.99 25.48 21.24
CA TYR B 583 5.82 26.68 21.32
C TYR B 583 5.95 27.19 22.75
N GLN B 584 6.12 26.28 23.71
CA GLN B 584 6.35 26.67 25.09
C GLN B 584 7.73 27.29 25.29
N GLY B 585 8.67 27.00 24.40
CA GLY B 585 10.01 27.54 24.55
C GLY B 585 10.19 28.95 24.03
N TRP B 586 9.21 29.48 23.32
CA TRP B 586 9.29 30.82 22.76
C TRP B 586 8.77 31.89 23.71
N GLN B 587 8.36 31.52 24.92
CA GLN B 587 7.70 32.45 25.81
C GLN B 587 8.51 32.62 27.10
N PRO B 588 8.80 33.85 27.52
CA PRO B 588 9.51 34.04 28.79
C PRO B 588 8.65 33.79 30.01
N SER B 589 7.33 33.85 29.90
CA SER B 589 6.46 33.57 31.02
C SER B 589 6.34 32.06 31.23
N ARG B 590 6.70 31.60 32.42
CA ARG B 590 6.80 30.17 32.71
C ARG B 590 5.52 29.60 33.31
N LYS B 591 4.36 30.13 32.94
CA LYS B 591 3.11 29.54 33.39
C LYS B 591 2.88 28.22 32.64
N PRO B 592 2.63 27.12 33.34
CA PRO B 592 2.55 25.81 32.68
C PRO B 592 1.29 25.67 31.84
N ALA B 593 1.30 24.64 31.01
CA ALA B 593 0.20 24.36 30.11
C ALA B 593 -0.98 23.77 30.88
N PRO B 594 -2.20 24.18 30.57
CA PRO B 594 -3.36 23.67 31.29
C PRO B 594 -3.78 22.30 30.77
N VAL B 595 -4.66 21.67 31.54
CA VAL B 595 -5.33 20.45 31.10
C VAL B 595 -6.46 20.87 30.17
N ALA B 596 -6.32 20.57 28.87
CA ALA B 596 -7.23 21.13 27.88
C ALA B 596 -8.61 20.50 27.92
N LEU B 597 -8.75 19.29 28.44
CA LEU B 597 -10.03 18.60 28.51
C LEU B 597 -10.61 18.70 29.90
N ALA B 598 -11.94 18.62 29.97
CA ALA B 598 -12.61 18.57 31.26
C ALA B 598 -12.32 17.25 31.95
N PRO B 599 -12.29 17.24 33.29
CA PRO B 599 -12.15 15.96 34.01
C PRO B 599 -13.33 15.04 33.75
N GLN B 600 -13.04 13.75 33.61
CA GLN B 600 -14.05 12.76 33.30
C GLN B 600 -14.45 12.03 34.57
N VAL B 601 -15.74 11.70 34.67
CA VAL B 601 -16.24 10.93 35.80
C VAL B 601 -16.16 9.46 35.44
N LEU B 602 -15.45 8.68 36.25
CA LEU B 602 -15.27 7.26 35.98
C LEU B 602 -16.25 6.37 36.74
N GLY B 603 -16.57 6.72 37.98
CA GLY B 603 -17.47 5.89 38.75
C GLY B 603 -17.91 6.62 40.00
N HIS B 604 -18.93 6.05 40.63
CA HIS B 604 -19.44 6.61 41.87
C HIS B 604 -19.95 5.49 42.75
N THR B 605 -19.73 5.64 44.06
CA THR B 605 -20.40 4.80 45.04
C THR B 605 -21.68 5.50 45.47
N THR B 606 -22.28 5.05 46.56
CA THR B 606 -23.46 5.71 47.08
C THR B 606 -23.14 7.07 47.71
N ASP B 607 -21.88 7.30 48.07
CA ASP B 607 -21.51 8.51 48.80
C ASP B 607 -20.19 9.12 48.34
N SER B 608 -19.69 8.75 47.16
CA SER B 608 -18.40 9.24 46.70
C SER B 608 -18.39 9.25 45.18
N VAL B 609 -17.42 9.97 44.60
CA VAL B 609 -17.22 9.97 43.17
C VAL B 609 -15.73 9.93 42.86
N THR B 610 -15.42 9.43 41.66
CA THR B 610 -14.06 9.22 41.17
C THR B 610 -13.89 10.00 39.87
N LEU B 611 -12.80 10.76 39.77
CA LEU B 611 -12.50 11.56 38.59
C LEU B 611 -11.12 11.21 38.07
N GLU B 612 -10.99 11.18 36.76
CA GLU B 612 -9.71 11.06 36.10
C GLU B 612 -9.68 12.06 34.95
N TRP B 613 -8.54 12.73 34.78
CA TRP B 613 -8.41 13.77 33.77
C TRP B 613 -7.20 13.50 32.90
N PHE B 614 -7.17 14.17 31.76
CA PHE B 614 -6.14 13.99 30.76
C PHE B 614 -4.84 14.65 31.22
N PRO B 615 -3.71 14.26 30.63
CA PRO B 615 -2.47 15.01 30.83
C PRO B 615 -2.57 16.40 30.23
N PRO B 616 -1.72 17.34 30.64
CA PRO B 616 -1.79 18.70 30.10
C PRO B 616 -1.47 18.76 28.61
N ILE B 617 -1.86 19.87 27.98
CA ILE B 617 -1.84 19.99 26.53
C ILE B 617 -0.41 20.02 25.97
N ASP B 618 0.59 20.33 26.81
CA ASP B 618 1.98 20.26 26.37
C ASP B 618 2.40 18.82 26.09
N GLY B 619 1.80 17.86 26.78
CA GLY B 619 2.18 16.47 26.65
C GLY B 619 3.28 16.04 27.60
N HIS B 620 3.82 16.95 28.40
CA HIS B 620 4.92 16.64 29.30
C HIS B 620 4.39 16.30 30.68
N PHE B 621 4.92 15.24 31.26
CA PHE B 621 4.51 14.80 32.59
C PHE B 621 5.48 15.26 33.67
N PHE B 622 6.51 16.01 33.32
CA PHE B 622 7.53 16.43 34.26
C PHE B 622 7.77 17.92 34.16
N GLU B 623 8.43 18.45 35.19
CA GLU B 623 8.77 19.86 35.22
C GLU B 623 9.87 20.16 34.20
N ARG B 624 10.02 21.44 33.88
CA ARG B 624 10.95 21.87 32.84
C ARG B 624 12.27 22.26 33.47
N GLU B 625 13.34 21.60 33.04
CA GLU B 625 14.70 22.03 33.31
C GLU B 625 15.43 22.16 31.98
N LEU B 626 16.24 23.21 31.84
CA LEU B 626 16.91 23.48 30.57
C LEU B 626 18.05 22.49 30.32
N GLY B 627 18.88 22.26 31.33
CA GLY B 627 20.05 21.41 31.15
C GLY B 627 19.84 19.97 31.55
N SER B 628 18.84 19.30 30.97
CA SER B 628 18.51 17.95 31.35
C SER B 628 17.83 17.26 30.18
N ALA B 629 17.40 16.01 30.42
CA ALA B 629 16.64 15.23 29.46
C ALA B 629 15.27 14.90 30.01
N CYS B 630 14.68 15.84 30.75
CA CYS B 630 13.37 15.62 31.37
C CYS B 630 12.22 15.89 30.42
N HIS B 631 12.49 16.42 29.23
CA HIS B 631 11.43 16.67 28.26
C HIS B 631 11.12 15.45 27.40
N LEU B 632 11.87 14.36 27.56
CA LEU B 632 11.56 13.11 26.89
C LEU B 632 10.89 12.09 27.80
N CYS B 633 10.99 12.26 29.12
CA CYS B 633 10.49 11.26 30.05
C CYS B 633 8.97 11.19 30.03
N LEU B 634 8.44 9.97 30.08
CA LEU B 634 7.02 9.69 29.94
C LEU B 634 6.37 9.55 31.31
N GLU B 635 5.13 9.02 31.31
CA GLU B 635 4.30 8.97 32.51
C GLU B 635 4.93 8.15 33.63
N GLY B 636 5.65 7.10 33.28
CA GLY B 636 6.46 6.41 34.26
C GLY B 636 7.79 7.12 34.36
N ARG B 637 8.89 6.42 34.14
CA ARG B 637 10.18 7.06 33.97
C ARG B 637 10.92 6.43 32.80
N ILE B 638 10.21 6.28 31.70
CA ILE B 638 10.75 5.71 30.47
C ILE B 638 11.11 6.86 29.54
N LEU B 639 12.37 6.90 29.10
CA LEU B 639 12.85 7.99 28.26
C LEU B 639 12.67 7.59 26.81
N VAL B 640 11.62 8.14 26.19
CA VAL B 640 11.33 7.87 24.79
C VAL B 640 12.05 8.92 23.95
N GLN B 641 12.95 8.49 23.07
CA GLN B 641 13.73 9.42 22.28
C GLN B 641 13.78 8.99 20.83
N TYR B 642 14.05 9.95 19.96
CA TYR B 642 14.20 9.70 18.54
C TYR B 642 15.67 9.83 18.15
N ALA B 643 15.96 9.61 16.88
CA ALA B 643 17.33 9.70 16.40
C ALA B 643 17.80 11.15 16.40
N SER B 644 19.12 11.32 16.36
CA SER B 644 19.72 12.65 16.33
C SER B 644 20.80 12.82 15.29
N ASN B 645 21.42 11.74 14.81
CA ASN B 645 22.54 11.85 13.91
C ASN B 645 22.58 10.58 13.05
N ALA B 646 22.03 10.69 11.84
CA ALA B 646 22.06 9.56 10.91
C ALA B 646 23.34 9.59 10.10
N SER B 647 23.81 8.41 9.72
CA SER B 647 25.02 8.28 8.94
C SER B 647 24.93 7.05 8.05
N SER B 648 25.12 7.25 6.75
CA SER B 648 25.15 6.16 5.79
C SER B 648 26.35 6.35 4.87
N PRO B 649 26.96 5.26 4.41
CA PRO B 649 28.08 5.40 3.48
C PRO B 649 27.61 5.81 2.09
N MET B 650 28.32 6.76 1.52
CA MET B 650 28.07 7.15 0.14
C MET B 650 28.51 6.00 -0.77
N PRO B 651 27.67 5.57 -1.72
CA PRO B 651 28.03 4.38 -2.50
C PRO B 651 29.16 4.60 -3.49
N CYS B 652 29.16 5.73 -4.20
CA CYS B 652 30.20 5.97 -5.21
C CYS B 652 31.54 6.32 -4.57
N SER B 653 31.52 7.14 -3.51
CA SER B 653 32.75 7.55 -2.87
C SER B 653 32.97 6.70 -1.62
N PRO B 654 34.00 5.85 -1.57
CA PRO B 654 34.28 5.10 -0.36
C PRO B 654 34.77 6.01 0.76
N SER B 655 34.39 5.67 1.99
CA SER B 655 34.62 6.47 3.21
C SER B 655 34.10 7.90 3.04
N GLY B 656 32.92 8.02 2.44
CA GLY B 656 32.29 9.32 2.30
C GLY B 656 31.49 9.69 3.53
N HIS B 657 30.53 8.82 3.87
CA HIS B 657 29.70 8.91 5.08
C HIS B 657 28.89 10.21 5.12
N TRP B 658 27.97 10.32 4.17
CA TRP B 658 27.03 11.43 4.19
C TRP B 658 26.02 11.24 5.31
N SER B 659 25.52 12.37 5.82
CA SER B 659 24.60 12.35 6.96
C SER B 659 23.19 12.69 6.50
N PRO B 660 22.25 11.74 6.50
CA PRO B 660 20.87 12.06 6.10
C PRO B 660 20.15 12.83 7.20
N ARG B 661 19.72 14.05 6.89
CA ARG B 661 18.92 14.81 7.84
C ARG B 661 17.50 14.30 7.92
N GLU B 662 17.02 13.60 6.91
CA GLU B 662 15.82 12.80 7.06
C GLU B 662 16.14 11.57 7.90
N ALA B 663 15.07 10.90 8.35
CA ALA B 663 15.13 9.78 9.32
C ALA B 663 15.86 10.17 10.60
N GLU B 664 15.64 11.40 11.06
CA GLU B 664 16.17 11.83 12.35
C GLU B 664 15.07 12.13 13.36
N GLY B 665 14.14 13.02 13.04
CA GLY B 665 13.13 13.44 13.99
C GLY B 665 11.99 12.45 14.10
N HIS B 666 10.82 12.96 14.50
CA HIS B 666 9.63 12.14 14.55
C HIS B 666 9.18 11.80 13.13
N PRO B 667 8.45 10.70 12.95
CA PRO B 667 8.04 10.31 11.59
C PRO B 667 7.01 11.28 11.02
N ASP B 668 7.27 11.73 9.79
CA ASP B 668 6.51 12.83 9.22
C ASP B 668 6.13 12.58 7.76
N VAL B 669 5.71 11.37 7.44
CA VAL B 669 5.19 11.08 6.10
C VAL B 669 3.68 11.12 6.14
N GLU B 670 3.08 11.61 5.05
CA GLU B 670 1.63 11.69 4.96
C GLU B 670 1.04 10.39 4.43
N GLN B 671 1.42 10.00 3.22
CA GLN B 671 1.05 8.70 2.70
C GLN B 671 2.00 7.65 3.27
N PRO B 672 1.51 6.67 4.05
CA PRO B 672 2.43 5.76 4.73
C PRO B 672 3.06 4.72 3.84
N CYS B 673 2.55 4.50 2.63
CA CYS B 673 3.05 3.44 1.75
C CYS B 673 3.35 4.02 0.37
N LYS B 674 4.05 5.14 0.36
CA LYS B 674 4.41 5.82 -0.89
C LYS B 674 5.82 6.36 -0.75
N SER B 675 6.51 6.47 -1.89
CA SER B 675 7.84 7.04 -1.90
C SER B 675 7.77 8.53 -1.59
N SER B 676 8.60 8.98 -0.65
CA SER B 676 8.56 10.36 -0.19
C SER B 676 9.98 10.88 0.01
N VAL B 677 10.10 12.21 0.01
CA VAL B 677 11.39 12.85 0.21
C VAL B 677 11.75 12.99 1.68
N ARG B 678 10.82 12.67 2.59
CA ARG B 678 11.04 12.81 4.01
C ARG B 678 11.71 11.60 4.63
N THR B 679 12.10 10.62 3.83
CA THR B 679 12.68 9.37 4.30
C THR B 679 14.13 9.24 3.80
N TRP B 680 14.73 8.10 4.12
CA TRP B 680 16.09 7.78 3.68
C TRP B 680 16.03 6.61 2.72
N SER B 681 16.55 6.79 1.57
CA SER B 681 16.79 5.68 0.68
C SER B 681 18.27 5.33 0.71
N PRO B 682 18.65 4.08 0.39
CA PRO B 682 20.08 3.75 0.34
C PRO B 682 20.89 4.53 -0.68
N ASN B 683 20.30 4.90 -1.81
CA ASN B 683 20.99 5.71 -2.81
C ASN B 683 20.15 6.93 -3.16
N SER B 684 19.67 7.63 -2.12
CA SER B 684 18.95 8.87 -2.33
C SER B 684 19.88 10.03 -2.64
N ALA B 685 21.09 10.03 -2.07
CA ALA B 685 21.98 11.18 -2.13
C ALA B 685 22.93 11.17 -3.31
N VAL B 686 22.91 10.11 -4.13
CA VAL B 686 23.82 10.06 -5.26
C VAL B 686 23.34 11.04 -6.33
N ASN B 687 24.30 11.55 -7.11
CA ASN B 687 23.96 12.43 -8.21
C ASN B 687 23.29 11.61 -9.32
N PRO B 688 22.46 12.25 -10.15
CA PRO B 688 21.84 11.51 -11.26
C PRO B 688 22.83 10.98 -12.29
N HIS B 689 24.01 11.61 -12.42
CA HIS B 689 24.94 11.15 -13.45
C HIS B 689 25.66 9.87 -13.02
N THR B 690 25.98 9.72 -11.74
CA THR B 690 26.65 8.51 -11.30
C THR B 690 25.67 7.37 -11.14
N VAL B 691 26.09 6.18 -11.57
CA VAL B 691 25.23 4.99 -11.54
C VAL B 691 25.06 4.54 -10.10
N PRO B 692 23.84 4.46 -9.59
CA PRO B 692 23.63 3.99 -8.23
C PRO B 692 23.82 2.50 -8.15
N PRO B 693 24.78 2.02 -7.37
CA PRO B 693 25.08 0.59 -7.35
C PRO B 693 24.01 -0.19 -6.59
N ALA B 694 23.98 -1.49 -6.85
CA ALA B 694 23.24 -2.38 -5.98
C ALA B 694 23.95 -2.49 -4.63
N CYS B 695 23.18 -2.78 -3.59
CA CYS B 695 23.73 -2.93 -2.26
C CYS B 695 24.57 -4.21 -2.19
N PRO B 696 25.52 -4.28 -1.25
CA PRO B 696 26.32 -5.50 -1.08
C PRO B 696 25.48 -6.72 -0.75
N GLU B 697 25.84 -7.85 -1.36
CA GLU B 697 25.06 -9.07 -1.21
C GLU B 697 25.07 -9.70 0.19
N PRO B 698 26.20 -9.89 0.88
CA PRO B 698 26.11 -10.63 2.16
C PRO B 698 25.43 -9.86 3.28
N GLN B 699 25.60 -8.55 3.37
CA GLN B 699 25.02 -7.77 4.45
C GLN B 699 23.98 -6.77 3.95
N GLY B 700 24.33 -5.89 3.04
CA GLY B 700 23.43 -4.88 2.52
C GLY B 700 23.84 -3.48 2.91
N CYS B 701 23.18 -2.53 2.28
CA CYS B 701 23.38 -1.12 2.60
C CYS B 701 22.80 -0.81 3.97
N TYR B 702 23.51 -0.03 4.77
CA TYR B 702 23.10 0.17 6.15
C TYR B 702 23.03 1.64 6.52
N LEU B 703 22.11 1.94 7.42
CA LEU B 703 21.94 3.26 8.02
C LEU B 703 22.31 3.18 9.49
N GLU B 704 23.17 4.08 9.94
CA GLU B 704 23.56 4.16 11.34
C GLU B 704 22.81 5.32 11.98
N LEU B 705 21.91 5.02 12.92
CA LEU B 705 21.12 6.03 13.61
C LEU B 705 21.61 6.11 15.05
N GLU B 706 22.12 7.28 15.43
CA GLU B 706 22.64 7.51 16.76
C GLU B 706 21.63 8.32 17.57
N PHE B 707 21.42 7.90 18.82
CA PHE B 707 20.52 8.62 19.72
C PHE B 707 21.33 9.54 20.62
N LEU B 708 20.67 10.59 21.11
CA LEU B 708 21.39 11.63 21.84
C LEU B 708 21.77 11.17 23.24
N TYR B 709 20.90 10.40 23.89
CA TYR B 709 21.15 9.96 25.25
C TYR B 709 21.29 8.44 25.27
N PRO B 710 22.50 7.91 25.45
CA PRO B 710 22.65 6.45 25.54
C PRO B 710 22.12 5.93 26.86
N LEU B 711 21.39 4.82 26.78
CA LEU B 711 20.76 4.21 27.95
C LEU B 711 20.54 2.73 27.66
N VAL B 712 19.99 2.03 28.65
CA VAL B 712 19.63 0.62 28.49
C VAL B 712 18.24 0.58 27.87
N PRO B 713 18.09 0.05 26.66
CA PRO B 713 16.79 0.09 25.98
C PRO B 713 15.92 -1.12 26.30
N GLU B 714 14.63 -0.93 26.05
CA GLU B 714 13.67 -2.03 26.09
C GLU B 714 12.82 -2.12 24.85
N SER B 715 12.76 -1.09 24.01
CA SER B 715 11.95 -1.17 22.81
C SER B 715 12.57 -0.31 21.73
N LEU B 716 12.33 -0.68 20.48
CA LEU B 716 12.90 0.05 19.36
C LEU B 716 11.93 -0.04 18.18
N THR B 717 11.43 1.09 17.71
CA THR B 717 10.54 1.10 16.57
C THR B 717 11.19 1.82 15.40
N ILE B 718 10.96 1.33 14.20
CA ILE B 718 11.48 1.92 12.97
C ILE B 718 10.30 2.08 12.03
N TRP B 719 10.10 3.30 11.54
CA TRP B 719 8.99 3.59 10.62
C TRP B 719 9.48 3.38 9.19
N VAL B 720 9.47 2.12 8.76
CA VAL B 720 9.75 1.80 7.36
C VAL B 720 8.54 2.23 6.54
N THR B 721 8.76 3.14 5.60
CA THR B 721 7.64 3.72 4.85
C THR B 721 7.37 2.96 3.55
N PHE B 722 8.38 2.80 2.70
CA PHE B 722 8.19 2.19 1.40
C PHE B 722 9.02 0.92 1.27
N VAL B 723 8.38 -0.16 0.82
CA VAL B 723 9.04 -1.39 0.44
C VAL B 723 8.79 -1.60 -1.05
N SER B 724 9.64 -2.40 -1.67
CA SER B 724 9.47 -2.72 -3.09
C SER B 724 8.20 -3.55 -3.30
N THR B 725 7.51 -3.27 -4.41
CA THR B 725 6.19 -3.87 -4.62
C THR B 725 6.31 -5.35 -4.97
N ASP B 726 7.23 -5.72 -5.86
CA ASP B 726 7.51 -7.11 -6.17
C ASP B 726 8.90 -7.40 -5.63
N TRP B 727 8.97 -7.73 -4.34
CA TRP B 727 10.25 -7.87 -3.68
C TRP B 727 10.84 -9.26 -3.88
N ASP B 728 10.03 -10.31 -3.64
CA ASP B 728 10.25 -11.73 -3.94
C ASP B 728 11.34 -12.42 -3.11
N SER B 729 12.15 -11.65 -2.38
CA SER B 729 12.89 -12.23 -1.25
C SER B 729 11.96 -12.34 -0.04
N SER B 730 12.50 -12.89 1.04
CA SER B 730 11.68 -13.06 2.25
C SER B 730 11.50 -11.75 3.01
N GLY B 731 12.60 -11.12 3.41
CA GLY B 731 12.56 -9.97 4.31
C GLY B 731 13.21 -8.74 3.72
N ALA B 732 12.66 -7.57 4.08
CA ALA B 732 13.22 -6.31 3.62
C ALA B 732 14.40 -5.86 4.47
N VAL B 733 14.16 -5.64 5.76
CA VAL B 733 15.25 -5.29 6.67
C VAL B 733 16.08 -6.54 6.92
N ASN B 734 17.38 -6.47 6.61
CA ASN B 734 18.21 -7.66 6.57
C ASN B 734 18.63 -8.09 7.98
N ASP B 735 19.20 -7.16 8.75
CA ASP B 735 19.43 -7.36 10.18
C ASP B 735 19.61 -5.99 10.82
N ILE B 736 19.39 -5.94 12.13
CA ILE B 736 19.51 -4.71 12.90
C ILE B 736 20.56 -4.93 13.98
N LYS B 737 21.63 -4.16 13.93
CA LYS B 737 22.74 -4.30 14.86
C LYS B 737 22.72 -3.15 15.86
N LEU B 738 22.45 -3.46 17.11
CA LEU B 738 22.50 -2.46 18.17
C LEU B 738 23.95 -2.13 18.50
N LEU B 739 24.26 -0.85 18.52
CA LEU B 739 25.60 -0.37 18.83
C LEU B 739 25.65 0.02 20.31
N ALA B 740 26.53 -0.63 21.05
CA ALA B 740 26.68 -0.38 22.47
C ALA B 740 27.89 0.50 22.74
N VAL B 741 27.86 1.16 23.91
CA VAL B 741 28.95 2.06 24.28
C VAL B 741 30.21 1.30 24.69
N SER B 742 30.10 0.00 24.95
CA SER B 742 31.26 -0.82 25.28
C SER B 742 31.99 -1.32 24.04
N GLY B 743 31.43 -1.11 22.85
CA GLY B 743 32.02 -1.58 21.63
C GLY B 743 31.37 -2.83 21.06
N LYS B 744 30.58 -3.53 21.86
CA LYS B 744 29.88 -4.72 21.38
C LYS B 744 28.74 -4.33 20.46
N ASN B 745 28.52 -5.11 19.41
CA ASN B 745 27.33 -4.99 18.57
C ASN B 745 26.44 -6.20 18.82
N ILE B 746 25.16 -5.96 19.02
CA ILE B 746 24.18 -7.01 19.29
C ILE B 746 23.30 -7.13 18.07
N SER B 747 23.40 -8.25 17.36
CA SER B 747 22.75 -8.42 16.07
C SER B 747 21.42 -9.14 16.24
N LEU B 748 20.32 -8.43 16.00
CA LEU B 748 19.02 -9.04 15.90
C LEU B 748 18.86 -9.68 14.52
N GLY B 749 17.88 -10.57 14.42
CA GLY B 749 17.69 -11.33 13.19
C GLY B 749 17.01 -10.51 12.11
N PRO B 750 16.71 -11.17 11.00
CA PRO B 750 15.95 -10.51 9.94
C PRO B 750 14.52 -10.25 10.36
N GLN B 751 14.02 -9.07 10.00
CA GLN B 751 12.76 -8.56 10.50
C GLN B 751 11.76 -8.44 9.37
N ASN B 752 10.57 -9.02 9.57
CA ASN B 752 9.45 -8.78 8.67
C ASN B 752 8.88 -7.40 8.96
N VAL B 753 8.65 -6.61 7.92
CA VAL B 753 8.15 -5.25 8.07
C VAL B 753 6.89 -5.09 7.25
N PHE B 754 6.06 -4.12 7.65
CA PHE B 754 4.86 -3.76 6.93
C PHE B 754 4.96 -2.33 6.43
N CYS B 755 4.20 -2.05 5.37
CA CYS B 755 4.22 -0.72 4.78
C CYS B 755 3.53 0.31 5.67
N ASP B 756 2.35 -0.03 6.19
CA ASP B 756 1.55 0.93 6.93
C ASP B 756 2.03 1.10 8.36
N VAL B 757 1.99 0.02 9.14
CA VAL B 757 2.31 0.08 10.57
C VAL B 757 3.82 0.13 10.74
N PRO B 758 4.35 0.64 11.85
CA PRO B 758 5.80 0.61 12.07
C PRO B 758 6.33 -0.77 12.39
N LEU B 759 7.63 -0.90 12.50
CA LEU B 759 8.28 -2.14 12.93
C LEU B 759 8.70 -1.96 14.39
N THR B 760 8.13 -2.75 15.28
CA THR B 760 8.39 -2.63 16.71
C THR B 760 9.13 -3.86 17.20
N ILE B 761 10.25 -3.65 17.89
CA ILE B 761 11.09 -4.72 18.37
C ILE B 761 11.22 -4.58 19.88
N ARG B 762 10.92 -5.65 20.60
CA ARG B 762 11.17 -5.74 22.02
C ARG B 762 12.56 -6.35 22.23
N LEU B 763 13.35 -5.74 23.10
CA LEU B 763 14.74 -6.14 23.31
C LEU B 763 14.86 -6.88 24.63
N TRP B 764 15.51 -8.03 24.60
CA TRP B 764 15.64 -8.90 25.76
C TRP B 764 17.09 -8.96 26.22
N ASP B 765 17.30 -8.69 27.51
CA ASP B 765 18.58 -8.88 28.21
C ASP B 765 19.72 -8.07 27.59
N VAL B 766 19.41 -6.86 27.14
CA VAL B 766 20.44 -5.93 26.70
C VAL B 766 20.91 -5.21 27.96
N GLY B 767 21.90 -5.80 28.63
CA GLY B 767 22.39 -5.24 29.88
C GLY B 767 23.14 -3.93 29.70
N GLU B 768 23.93 -3.83 28.65
CA GLU B 768 24.75 -2.66 28.42
C GLU B 768 23.95 -1.53 27.78
N GLU B 769 24.49 -0.32 27.88
CA GLU B 769 23.87 0.83 27.26
C GLU B 769 23.99 0.77 25.74
N VAL B 770 23.02 1.36 25.05
CA VAL B 770 22.98 1.38 23.60
C VAL B 770 22.92 2.83 23.14
N TYR B 771 23.84 3.22 22.25
CA TYR B 771 23.87 4.59 21.77
C TYR B 771 23.39 4.74 20.33
N GLY B 772 23.13 3.65 19.64
CA GLY B 772 22.68 3.75 18.26
C GLY B 772 22.41 2.37 17.70
N ILE B 773 21.81 2.36 16.51
CA ILE B 773 21.48 1.14 15.79
C ILE B 773 22.03 1.24 14.38
N GLN B 774 22.13 0.08 13.73
CA GLN B 774 22.43 0.01 12.31
C GLN B 774 21.37 -0.86 11.65
N ILE B 775 20.73 -0.33 10.62
CA ILE B 775 19.70 -1.03 9.88
C ILE B 775 20.27 -1.43 8.53
N TYR B 776 20.34 -2.74 8.28
CA TYR B 776 20.89 -3.28 7.05
C TYR B 776 19.76 -3.69 6.12
N THR B 777 19.98 -3.50 4.82
CA THR B 777 18.94 -3.74 3.83
C THR B 777 19.54 -4.39 2.60
N LEU B 778 18.82 -5.36 2.04
CA LEU B 778 19.10 -5.90 0.72
C LEU B 778 18.20 -5.29 -0.35
N ASP B 779 17.32 -4.36 0.04
CA ASP B 779 16.41 -3.68 -0.86
C ASP B 779 16.96 -2.31 -1.20
N GLU B 780 17.03 -2.01 -2.48
CA GLU B 780 17.57 -0.73 -2.95
C GLU B 780 16.54 0.38 -2.92
N HIS B 781 15.27 0.08 -2.65
CA HIS B 781 14.21 1.07 -2.62
C HIS B 781 13.57 1.21 -1.25
N LEU B 782 14.22 0.72 -0.21
CA LEU B 782 13.66 0.82 1.14
C LEU B 782 13.72 2.27 1.60
N GLU B 783 12.67 2.70 2.31
CA GLU B 783 12.60 4.04 2.86
C GLU B 783 12.36 3.95 4.35
N ILE B 784 13.19 4.62 5.13
CA ILE B 784 13.10 4.63 6.59
C ILE B 784 12.81 6.06 7.01
N ASP B 785 11.74 6.25 7.77
CA ASP B 785 11.27 7.58 8.11
C ASP B 785 11.73 8.09 9.46
N ALA B 786 11.91 7.21 10.44
CA ALA B 786 12.35 7.60 11.78
C ALA B 786 12.86 6.37 12.50
N ALA B 787 13.23 6.57 13.77
CA ALA B 787 13.57 5.49 14.68
C ALA B 787 13.40 6.00 16.10
N MET B 788 12.72 5.21 16.93
CA MET B 788 12.40 5.59 18.29
C MET B 788 12.93 4.53 19.25
N LEU B 789 13.62 4.97 20.29
CA LEU B 789 14.17 4.09 21.29
C LEU B 789 13.49 4.37 22.63
N THR B 790 13.04 3.31 23.30
CA THR B 790 12.31 3.41 24.56
C THR B 790 13.09 2.63 25.62
N SER B 791 13.42 3.31 26.71
CA SER B 791 14.27 2.77 27.75
C SER B 791 13.47 1.94 28.74
N THR B 792 14.16 1.46 29.78
CA THR B 792 13.53 0.67 30.82
C THR B 792 12.76 1.59 31.78
N ALA B 793 12.06 0.97 32.73
CA ALA B 793 11.05 1.66 33.53
C ALA B 793 11.63 2.69 34.49
N ASP B 794 12.91 2.58 34.84
CA ASP B 794 13.56 3.59 35.69
C ASP B 794 14.87 3.98 35.01
N THR B 795 14.78 4.93 34.09
CA THR B 795 15.97 5.48 33.47
C THR B 795 16.74 6.31 34.49
N PRO B 796 18.07 6.17 34.59
CA PRO B 796 18.85 7.06 35.45
C PRO B 796 18.86 8.52 35.00
N LEU B 797 18.48 8.81 33.75
CA LEU B 797 18.37 10.18 33.28
C LEU B 797 17.03 10.83 33.62
N CYS B 798 16.04 10.07 34.08
CA CYS B 798 14.77 10.62 34.52
C CYS B 798 14.61 10.60 36.02
N LEU B 799 15.63 10.19 36.78
CA LEU B 799 15.53 10.17 38.23
C LEU B 799 15.63 11.56 38.85
N GLN B 800 16.36 12.47 38.21
CA GLN B 800 16.46 13.83 38.71
C GLN B 800 15.22 14.66 38.41
N CYS B 801 14.38 14.22 37.48
CA CYS B 801 13.21 14.99 37.09
C CYS B 801 12.12 14.91 38.15
N LYS B 802 11.42 16.02 38.35
CA LYS B 802 10.34 16.10 39.33
C LYS B 802 9.00 16.21 38.62
N PRO B 803 8.00 15.43 39.00
CA PRO B 803 6.75 15.38 38.25
C PRO B 803 5.86 16.58 38.54
N LEU B 804 4.93 16.80 37.61
CA LEU B 804 3.91 17.81 37.81
C LEU B 804 2.90 17.35 38.85
N LYS B 805 2.38 18.31 39.60
CA LYS B 805 1.29 18.06 40.53
C LYS B 805 -0.01 18.60 39.96
N TYR B 806 -1.12 18.06 40.46
CA TYR B 806 -2.44 18.49 40.05
C TYR B 806 -3.23 18.88 41.30
N LYS B 807 -3.97 19.97 41.20
CA LYS B 807 -4.76 20.48 42.31
C LYS B 807 -6.21 20.57 41.86
N VAL B 808 -7.12 19.93 42.57
CA VAL B 808 -8.51 19.84 42.18
C VAL B 808 -9.32 20.88 42.93
N VAL B 809 -10.07 21.69 42.19
CA VAL B 809 -10.95 22.70 42.76
C VAL B 809 -12.39 22.32 42.46
N ARG B 810 -13.25 22.49 43.46
CA ARG B 810 -14.67 22.19 43.34
C ARG B 810 -15.46 23.47 43.55
N ASP B 811 -16.49 23.68 42.73
CA ASP B 811 -17.22 24.95 42.76
C ASP B 811 -18.02 25.16 44.05
N PRO B 812 -18.73 24.16 44.60
CA PRO B 812 -18.93 24.16 46.06
C PRO B 812 -17.64 23.75 46.73
N PRO B 813 -17.01 24.66 47.47
CA PRO B 813 -15.60 24.46 47.85
C PRO B 813 -15.37 23.30 48.79
N LEU B 814 -14.22 22.66 48.62
CA LEU B 814 -13.81 21.56 49.46
C LEU B 814 -13.40 22.07 50.84
N GLN B 815 -13.24 21.13 51.77
CA GLN B 815 -12.72 21.49 53.08
C GLN B 815 -11.23 21.82 52.99
N MET B 816 -10.73 22.51 54.00
CA MET B 816 -9.36 23.04 53.96
C MET B 816 -8.31 21.94 54.01
N ASP B 817 -8.65 20.75 54.53
CA ASP B 817 -7.73 19.62 54.41
C ASP B 817 -7.70 19.09 52.98
N VAL B 818 -8.86 18.95 52.35
CA VAL B 818 -8.94 18.34 51.03
C VAL B 818 -8.46 19.29 49.94
N ALA B 819 -8.82 20.57 50.04
CA ALA B 819 -8.64 21.51 48.94
C ALA B 819 -7.18 21.90 48.72
N SER B 820 -6.35 21.81 49.74
CA SER B 820 -4.96 22.22 49.64
C SER B 820 -4.03 21.11 49.16
N ILE B 821 -4.56 19.91 48.92
CA ILE B 821 -3.71 18.77 48.61
C ILE B 821 -3.28 18.82 47.15
N LEU B 822 -2.15 18.16 46.86
CA LEU B 822 -1.58 18.09 45.52
C LEU B 822 -1.43 16.63 45.13
N HIS B 823 -1.90 16.28 43.94
CA HIS B 823 -1.95 14.89 43.50
C HIS B 823 -0.79 14.58 42.57
N LEU B 824 -0.08 13.49 42.85
CA LEU B 824 0.94 13.00 41.94
C LEU B 824 0.32 12.33 40.72
N ASN B 825 -0.70 11.51 40.93
CA ASN B 825 -1.40 10.81 39.86
C ASN B 825 -2.64 11.58 39.46
N ARG B 826 -3.24 11.14 38.35
CA ARG B 826 -4.37 11.84 37.75
C ARG B 826 -5.71 11.27 38.17
N LYS B 827 -5.83 10.80 39.41
CA LYS B 827 -7.07 10.22 39.92
C LYS B 827 -7.46 10.93 41.20
N PHE B 828 -8.75 11.20 41.37
CA PHE B 828 -9.22 11.91 42.56
C PHE B 828 -10.55 11.33 43.00
N VAL B 829 -10.59 10.81 44.22
CA VAL B 829 -11.82 10.31 44.83
C VAL B 829 -12.21 11.29 45.94
N ASP B 830 -13.48 11.70 45.94
CA ASP B 830 -13.97 12.48 47.08
C ASP B 830 -15.28 11.90 47.57
N MET B 831 -15.50 11.98 48.88
CA MET B 831 -16.64 11.37 49.53
C MET B 831 -17.40 12.36 50.40
N ASP B 832 -17.42 13.63 50.00
CA ASP B 832 -18.14 14.68 50.72
C ASP B 832 -19.31 15.21 49.90
N LEU B 833 -20.02 14.33 49.21
CA LEU B 833 -21.13 14.73 48.36
C LEU B 833 -22.46 14.52 49.08
N ASN B 834 -23.41 15.42 48.82
CA ASN B 834 -24.78 15.25 49.25
C ASN B 834 -25.59 14.60 48.12
N LEU B 835 -26.78 14.11 48.46
CA LEU B 835 -27.52 13.21 47.58
C LEU B 835 -28.18 13.90 46.39
N GLY B 836 -28.23 15.23 46.36
CA GLY B 836 -28.88 15.88 45.24
C GLY B 836 -28.18 17.13 44.75
N SER B 837 -27.05 17.48 45.35
CA SER B 837 -26.39 18.73 45.03
C SER B 837 -25.68 18.65 43.69
N VAL B 838 -25.46 19.82 43.09
CA VAL B 838 -24.79 19.95 41.80
C VAL B 838 -23.40 20.50 42.08
N TYR B 839 -22.37 19.78 41.64
CA TYR B 839 -21.00 20.18 41.85
C TYR B 839 -20.34 20.42 40.50
N GLN B 840 -19.26 21.19 40.51
CA GLN B 840 -18.44 21.40 39.32
C GLN B 840 -16.98 21.25 39.71
N TYR B 841 -16.25 20.45 38.94
CA TYR B 841 -14.84 20.18 39.20
C TYR B 841 -13.97 20.74 38.09
N TRP B 842 -12.78 21.19 38.47
CA TRP B 842 -11.72 21.46 37.50
C TRP B 842 -10.39 21.24 38.18
N VAL B 843 -9.32 21.20 37.39
CA VAL B 843 -8.00 20.83 37.88
C VAL B 843 -6.99 21.84 37.35
N ILE B 844 -6.17 22.40 38.24
CA ILE B 844 -5.09 23.29 37.87
C ILE B 844 -3.77 22.54 37.99
N THR B 845 -2.91 22.69 36.99
CA THR B 845 -1.62 22.02 36.96
C THR B 845 -0.59 22.88 37.67
N ILE B 846 0.08 22.30 38.67
CA ILE B 846 1.10 22.99 39.45
C ILE B 846 2.43 22.35 39.10
N SER B 847 3.32 23.10 38.45
CA SER B 847 4.62 22.56 38.10
C SER B 847 5.59 22.66 39.28
N GLY B 848 5.91 23.88 39.68
CA GLY B 848 6.69 24.10 40.88
C GLY B 848 5.78 24.66 41.94
N THR B 849 5.77 25.99 42.08
CA THR B 849 4.72 26.68 42.80
C THR B 849 3.76 27.42 41.89
N GLU B 850 4.17 27.70 40.65
CA GLU B 850 3.33 28.41 39.71
C GLU B 850 2.24 27.50 39.15
N GLU B 851 1.00 27.97 39.19
CA GLU B 851 -0.14 27.21 38.70
C GLU B 851 -0.38 27.51 37.23
N SER B 852 -1.23 26.70 36.62
CA SER B 852 -1.64 26.88 35.24
C SER B 852 -3.05 27.46 35.21
N GLU B 853 -3.61 27.56 34.02
CA GLU B 853 -5.00 27.93 33.89
C GLU B 853 -5.89 26.72 34.23
N PRO B 854 -7.10 26.96 34.73
CA PRO B 854 -7.99 25.85 35.05
C PRO B 854 -8.47 25.10 33.82
N SER B 855 -8.71 23.80 34.01
CA SER B 855 -9.36 22.98 33.01
C SER B 855 -10.82 23.38 32.89
N PRO B 856 -11.50 23.03 31.79
CA PRO B 856 -12.95 23.23 31.72
C PRO B 856 -13.67 22.43 32.79
N ALA B 857 -14.71 23.04 33.36
CA ALA B 857 -15.40 22.45 34.49
C ALA B 857 -16.30 21.31 34.05
N VAL B 858 -16.37 20.27 34.88
CA VAL B 858 -17.30 19.17 34.67
C VAL B 858 -18.40 19.28 35.72
N THR B 859 -19.65 19.31 35.27
CA THR B 859 -20.80 19.46 36.14
C THR B 859 -21.35 18.08 36.45
N TYR B 860 -21.36 17.72 37.72
CA TYR B 860 -21.80 16.42 38.19
C TYR B 860 -22.97 16.60 39.15
N ILE B 861 -24.10 15.99 38.81
CA ILE B 861 -25.25 15.92 39.68
C ILE B 861 -25.23 14.54 40.33
N HIS B 862 -25.22 14.50 41.67
CA HIS B 862 -24.97 13.26 42.39
C HIS B 862 -26.11 12.26 42.26
N GLY B 863 -27.30 12.70 41.87
CA GLY B 863 -28.39 11.77 41.67
C GLY B 863 -28.50 11.29 40.23
N SER B 864 -28.16 12.15 39.28
CA SER B 864 -28.38 11.85 37.88
C SER B 864 -27.14 11.17 37.29
N GLY B 865 -27.10 11.06 35.96
CA GLY B 865 -26.07 10.31 35.27
C GLY B 865 -25.04 11.19 34.58
N TYR B 866 -24.09 10.51 33.94
CA TYR B 866 -22.93 11.12 33.31
C TYR B 866 -22.56 10.25 32.11
N CYS B 867 -21.33 10.40 31.60
CA CYS B 867 -20.92 9.72 30.39
C CYS B 867 -20.15 8.43 30.65
N GLY B 868 -20.29 7.85 31.83
CA GLY B 868 -19.65 6.59 32.14
C GLY B 868 -20.50 5.67 33.00
N ASP B 869 -21.82 5.82 32.91
CA ASP B 869 -22.72 5.09 33.78
C ASP B 869 -23.44 3.93 33.11
N GLY B 870 -23.40 3.85 31.78
CA GLY B 870 -24.09 2.79 31.07
C GLY B 870 -25.56 3.04 30.83
N ILE B 871 -26.04 4.26 31.03
CA ILE B 871 -27.42 4.62 30.78
C ILE B 871 -27.43 5.69 29.71
N ILE B 872 -28.15 5.43 28.61
CA ILE B 872 -28.26 6.41 27.52
C ILE B 872 -29.28 7.46 27.92
N GLN B 873 -28.85 8.71 27.98
CA GLN B 873 -29.71 9.83 28.36
C GLN B 873 -29.73 10.83 27.22
N LYS B 874 -30.85 10.88 26.50
CA LYS B 874 -30.94 11.62 25.25
C LYS B 874 -30.90 13.13 25.44
N ASP B 875 -31.24 13.62 26.63
CA ASP B 875 -31.25 15.07 26.86
C ASP B 875 -29.84 15.65 26.90
N GLN B 876 -28.87 14.87 27.35
CA GLN B 876 -27.50 15.34 27.48
C GLN B 876 -26.64 15.01 26.26
N GLY B 877 -27.27 14.80 25.11
CA GLY B 877 -26.56 14.55 23.87
C GLY B 877 -25.80 13.23 23.82
N GLU B 878 -26.35 12.18 24.43
CA GLU B 878 -25.69 10.88 24.48
C GLU B 878 -26.27 10.00 23.39
N GLN B 879 -25.50 9.75 22.34
CA GLN B 879 -25.89 8.76 21.35
C GLN B 879 -25.72 7.36 21.89
N CYS B 880 -24.70 7.14 22.72
CA CYS B 880 -24.45 5.85 23.34
C CYS B 880 -23.79 6.10 24.69
N ASP B 881 -23.80 5.07 25.53
CA ASP B 881 -23.17 5.18 26.84
C ASP B 881 -22.68 3.80 27.26
N ASP B 882 -21.39 3.56 27.14
CA ASP B 882 -20.77 2.37 27.68
C ASP B 882 -20.28 2.68 29.09
N MET B 883 -19.46 1.82 29.66
CA MET B 883 -18.90 2.06 30.99
C MET B 883 -17.39 1.95 30.98
N ASN B 884 -16.74 2.36 29.89
CA ASN B 884 -15.33 2.03 29.70
C ASN B 884 -14.39 3.22 29.59
N LYS B 885 -14.83 4.35 29.01
CA LYS B 885 -13.99 5.50 28.68
C LYS B 885 -12.80 5.12 27.80
N ILE B 886 -13.04 4.23 26.85
CA ILE B 886 -12.02 3.75 25.92
C ILE B 886 -12.50 4.04 24.51
N ASN B 887 -11.62 4.61 23.68
CA ASN B 887 -11.96 4.99 22.32
C ASN B 887 -11.87 3.84 21.32
N GLY B 888 -11.44 2.65 21.74
CA GLY B 888 -11.27 1.56 20.80
C GLY B 888 -12.58 0.97 20.30
N ASP B 889 -13.64 1.06 21.10
CA ASP B 889 -14.91 0.44 20.76
C ASP B 889 -15.69 1.37 19.84
N GLY B 890 -16.98 1.08 19.64
CA GLY B 890 -17.80 1.90 18.78
C GLY B 890 -18.28 3.20 19.40
N CYS B 891 -18.18 3.35 20.72
CA CYS B 891 -18.65 4.54 21.41
C CYS B 891 -17.45 5.23 22.03
N SER B 892 -17.31 6.53 21.77
CA SER B 892 -16.19 7.30 22.28
C SER B 892 -16.35 7.58 23.76
N LEU B 893 -15.35 8.25 24.34
CA LEU B 893 -15.44 8.62 25.75
C LEU B 893 -16.24 9.90 25.97
N PHE B 894 -16.69 10.56 24.91
CA PHE B 894 -17.57 11.71 25.00
C PHE B 894 -19.02 11.36 24.67
N CYS B 895 -19.39 10.09 24.87
CA CYS B 895 -20.73 9.54 24.60
C CYS B 895 -21.17 9.72 23.15
N ARG B 896 -20.23 9.71 22.21
CA ARG B 896 -20.53 9.83 20.80
C ARG B 896 -20.15 8.54 20.10
N GLN B 897 -21.07 7.97 19.33
CA GLN B 897 -20.73 6.78 18.58
C GLN B 897 -19.83 7.16 17.41
N GLU B 898 -18.95 6.23 17.06
CA GLU B 898 -17.93 6.51 16.07
C GLU B 898 -18.47 6.25 14.66
N VAL B 899 -17.60 6.46 13.67
CA VAL B 899 -18.02 6.35 12.28
C VAL B 899 -18.23 4.88 11.92
N SER B 900 -19.34 4.61 11.23
CA SER B 900 -19.72 3.28 10.73
C SER B 900 -19.85 2.26 11.86
N PHE B 901 -20.42 2.70 12.98
CA PHE B 901 -20.75 1.82 14.10
C PHE B 901 -22.17 2.13 14.56
N ASN B 902 -22.82 1.15 15.16
CA ASN B 902 -24.15 1.34 15.70
C ASN B 902 -24.26 0.65 17.05
N CYS B 903 -24.82 1.34 18.04
CA CYS B 903 -24.97 0.82 19.38
C CYS B 903 -26.46 0.67 19.69
N ILE B 904 -26.85 -0.47 20.26
CA ILE B 904 -28.25 -0.87 20.35
C ILE B 904 -28.77 -0.82 21.79
N ASP B 905 -28.18 -1.62 22.68
CA ASP B 905 -28.75 -1.83 24.01
C ASP B 905 -28.54 -0.61 24.90
N GLU B 906 -29.18 -0.62 26.06
CA GLU B 906 -29.09 0.52 26.98
C GLU B 906 -27.70 0.58 27.63
N PRO B 907 -27.07 -0.55 28.07
CA PRO B 907 -25.59 -0.54 28.11
C PRO B 907 -25.09 -0.80 26.71
N SER B 908 -24.53 0.23 26.08
CA SER B 908 -24.38 0.27 24.63
C SER B 908 -23.32 -0.72 24.17
N ARG B 909 -23.76 -1.76 23.48
CA ARG B 909 -22.88 -2.64 22.74
C ARG B 909 -22.97 -2.28 21.26
N CYS B 910 -21.84 -2.02 20.64
CA CYS B 910 -21.79 -1.45 19.31
C CYS B 910 -21.23 -2.47 18.32
N TYR B 911 -21.73 -2.41 17.10
CA TYR B 911 -21.31 -3.31 16.04
C TYR B 911 -21.02 -2.53 14.77
N PHE B 912 -20.14 -3.09 13.94
CA PHE B 912 -19.78 -2.51 12.66
C PHE B 912 -20.84 -2.85 11.63
N HIS B 913 -21.47 -1.83 11.04
CA HIS B 913 -22.64 -2.04 10.19
C HIS B 913 -22.42 -1.66 8.73
N ASP B 914 -21.39 -0.89 8.39
CA ASP B 914 -21.18 -0.49 7.01
C ASP B 914 -20.74 -1.65 6.14
N GLY B 915 -19.94 -2.57 6.69
CA GLY B 915 -19.46 -3.72 5.96
C GLY B 915 -20.24 -4.97 6.30
N ASP B 916 -21.49 -4.80 6.69
CA ASP B 916 -22.35 -5.92 7.05
C ASP B 916 -22.94 -6.54 5.78
N GLY B 917 -23.85 -7.50 5.94
CA GLY B 917 -24.55 -8.06 4.81
C GLY B 917 -26.01 -7.64 4.80
N VAL B 918 -26.57 -7.45 5.99
CA VAL B 918 -27.98 -7.08 6.09
C VAL B 918 -28.13 -5.57 5.92
N CYS B 919 -29.36 -5.16 5.61
CA CYS B 919 -29.69 -3.76 5.39
C CYS B 919 -30.71 -3.32 6.43
N GLU B 920 -30.45 -2.18 7.07
CA GLU B 920 -31.33 -1.63 8.09
C GLU B 920 -31.87 -0.28 7.61
N GLU B 921 -32.85 0.22 8.35
CA GLU B 921 -33.59 1.41 7.91
C GLU B 921 -32.78 2.70 8.02
N PHE B 922 -31.71 2.71 8.82
CA PHE B 922 -30.89 3.89 9.01
C PHE B 922 -29.69 3.96 8.08
N GLU B 923 -29.52 2.97 7.20
CA GLU B 923 -28.35 2.92 6.33
C GLU B 923 -28.71 2.68 4.87
N GLN B 924 -29.98 2.85 4.50
CA GLN B 924 -30.37 2.66 3.11
C GLN B 924 -29.81 3.76 2.21
N LYS B 925 -29.75 4.98 2.73
CA LYS B 925 -29.29 6.12 1.96
C LYS B 925 -27.78 6.15 1.80
N THR B 926 -27.05 5.58 2.75
CA THR B 926 -25.59 5.73 2.83
C THR B 926 -24.82 4.46 2.53
N SER B 927 -25.25 3.31 3.05
CA SER B 927 -24.51 2.06 2.85
C SER B 927 -24.87 1.50 1.47
N ILE B 928 -24.12 1.94 0.47
CA ILE B 928 -24.32 1.42 -0.89
C ILE B 928 -23.82 -0.01 -1.03
N LYS B 929 -22.90 -0.43 -0.15
CA LYS B 929 -22.38 -1.80 -0.21
C LYS B 929 -23.44 -2.81 0.23
N ASP B 930 -24.08 -2.56 1.36
CA ASP B 930 -25.08 -3.51 1.87
C ASP B 930 -26.40 -3.37 1.14
N CYS B 931 -27.04 -2.21 1.28
CA CYS B 931 -28.32 -1.97 0.62
C CYS B 931 -28.10 -1.65 -0.85
N GLY B 932 -29.21 -1.52 -1.58
CA GLY B 932 -29.15 -1.06 -2.94
C GLY B 932 -28.97 0.44 -3.02
N VAL B 933 -28.96 0.95 -4.26
CA VAL B 933 -28.95 2.39 -4.46
C VAL B 933 -30.30 2.95 -4.04
N TYR B 934 -30.27 3.98 -3.20
CA TYR B 934 -31.48 4.46 -2.54
C TYR B 934 -32.34 5.23 -3.54
N THR B 935 -33.42 4.60 -3.97
CA THR B 935 -34.46 5.23 -4.78
C THR B 935 -35.62 5.58 -3.87
N PRO B 936 -36.11 6.82 -3.89
CA PRO B 936 -37.22 7.20 -3.01
C PRO B 936 -38.55 6.51 -3.32
N GLN B 937 -39.57 6.79 -2.51
CA GLN B 937 -40.83 6.06 -2.63
C GLN B 937 -41.60 6.43 -3.88
N GLY B 938 -41.51 7.68 -4.33
CA GLY B 938 -42.24 8.09 -5.50
C GLY B 938 -41.58 7.79 -6.81
N PHE B 939 -40.42 7.13 -6.76
CA PHE B 939 -39.64 6.90 -8.01
C PHE B 939 -39.23 5.43 -8.18
N LEU B 940 -38.82 5.06 -9.38
CA LEU B 940 -38.34 3.67 -9.66
C LEU B 940 -37.08 3.77 -10.53
N ASP B 941 -36.13 2.85 -10.36
CA ASP B 941 -34.85 2.93 -11.12
C ASP B 941 -34.76 1.79 -12.14
N GLN B 942 -34.70 2.11 -13.43
CA GLN B 942 -34.51 1.06 -14.43
C GLN B 942 -33.09 1.17 -14.97
N TRP B 943 -32.34 0.09 -14.86
CA TRP B 943 -30.96 0.10 -15.32
C TRP B 943 -30.88 -0.24 -16.79
N ALA B 944 -29.70 -0.03 -17.37
CA ALA B 944 -29.52 -0.13 -18.80
C ALA B 944 -29.49 -1.59 -19.26
N SER B 945 -29.79 -1.78 -20.54
CA SER B 945 -29.62 -3.06 -21.22
C SER B 945 -29.14 -2.78 -22.64
N ASN B 946 -28.12 -3.51 -23.06
CA ASN B 946 -27.49 -3.41 -24.39
C ASN B 946 -26.93 -2.00 -24.63
N ALA B 947 -25.94 -1.66 -23.82
CA ALA B 947 -25.27 -0.37 -23.92
C ALA B 947 -24.20 -0.42 -25.01
N SER B 948 -24.25 0.53 -25.94
CA SER B 948 -23.30 0.62 -27.04
C SER B 948 -22.32 1.75 -26.77
N VAL B 949 -21.04 1.47 -26.95
CA VAL B 949 -19.98 2.39 -26.55
C VAL B 949 -19.22 2.90 -27.76
N SER B 950 -18.22 3.75 -27.53
CA SER B 950 -17.46 4.37 -28.61
C SER B 950 -16.19 3.61 -28.97
N HIS B 951 -15.50 3.05 -28.00
CA HIS B 951 -14.22 2.35 -28.21
C HIS B 951 -14.33 0.91 -27.71
N GLN B 952 -14.79 0.02 -28.58
CA GLN B 952 -14.86 -1.39 -28.26
C GLN B 952 -13.48 -2.02 -28.35
N ASP B 953 -13.24 -3.02 -27.49
CA ASP B 953 -11.97 -3.72 -27.45
C ASP B 953 -12.18 -5.10 -26.85
N GLN B 954 -11.17 -5.95 -27.00
CA GLN B 954 -11.21 -7.26 -26.35
C GLN B 954 -10.98 -7.13 -24.85
N GLN B 955 -10.08 -6.25 -24.44
CA GLN B 955 -9.74 -6.12 -23.02
C GLN B 955 -10.82 -5.35 -22.26
N CYS B 956 -11.40 -4.33 -22.88
CA CYS B 956 -12.54 -3.63 -22.30
C CYS B 956 -13.81 -4.05 -23.02
N PRO B 957 -14.67 -4.87 -22.40
CA PRO B 957 -15.71 -5.56 -23.17
C PRO B 957 -16.85 -4.68 -23.65
N GLY B 958 -17.28 -3.71 -22.85
CA GLY B 958 -18.33 -2.81 -23.26
C GLY B 958 -19.75 -3.30 -23.04
N TRP B 959 -19.94 -4.51 -22.51
CA TRP B 959 -21.26 -4.97 -22.09
C TRP B 959 -21.38 -5.03 -20.57
N VAL B 960 -20.41 -4.48 -19.84
CA VAL B 960 -20.43 -4.55 -18.38
C VAL B 960 -21.36 -3.51 -17.77
N ILE B 961 -21.83 -2.55 -18.55
CA ILE B 961 -22.81 -1.57 -18.07
C ILE B 961 -24.21 -2.15 -17.98
N ILE B 962 -24.46 -3.31 -18.60
CA ILE B 962 -25.79 -3.90 -18.62
C ILE B 962 -26.12 -4.47 -17.24
N GLY B 963 -27.27 -4.06 -16.71
CA GLY B 963 -27.72 -4.54 -15.42
C GLY B 963 -27.37 -3.60 -14.29
N GLN B 964 -27.53 -4.11 -13.08
CA GLN B 964 -27.22 -3.33 -11.89
C GLN B 964 -25.70 -3.21 -11.73
N PRO B 965 -25.21 -2.06 -11.27
CA PRO B 965 -23.77 -1.86 -11.18
C PRO B 965 -23.17 -2.55 -9.96
N ALA B 966 -21.83 -2.55 -9.92
CA ALA B 966 -21.09 -3.12 -8.80
C ALA B 966 -20.93 -2.02 -7.75
N ALA B 967 -21.87 -2.01 -6.80
CA ALA B 967 -21.85 -0.98 -5.77
C ALA B 967 -20.78 -1.22 -4.71
N SER B 968 -20.28 -2.45 -4.59
CA SER B 968 -19.24 -2.75 -3.62
C SER B 968 -17.86 -2.31 -4.06
N GLN B 969 -17.70 -1.91 -5.33
CA GLN B 969 -16.39 -1.48 -5.82
C GLN B 969 -16.05 -0.10 -5.29
N VAL B 970 -14.84 0.04 -4.76
CA VAL B 970 -14.39 1.30 -4.20
C VAL B 970 -14.04 2.26 -5.33
N CYS B 971 -14.55 3.49 -5.24
CA CYS B 971 -14.22 4.52 -6.22
C CYS B 971 -12.75 4.89 -6.12
N ARG B 972 -12.07 4.97 -7.25
CA ARG B 972 -10.65 5.24 -7.31
C ARG B 972 -10.41 6.62 -7.92
N THR B 973 -9.41 7.31 -7.39
CA THR B 973 -9.05 8.63 -7.89
C THR B 973 -7.54 8.75 -7.95
N LYS B 974 -7.07 9.65 -8.82
CA LYS B 974 -5.65 9.93 -9.04
C LYS B 974 -4.86 8.68 -9.42
N VAL B 975 -5.44 7.85 -10.27
CA VAL B 975 -4.92 6.53 -10.60
C VAL B 975 -4.26 6.61 -11.98
N ILE B 976 -3.01 6.13 -12.06
CA ILE B 976 -2.25 6.23 -13.30
C ILE B 976 -2.64 5.12 -14.28
N ASP B 977 -2.70 3.88 -13.80
CA ASP B 977 -3.00 2.72 -14.64
C ASP B 977 -4.28 2.06 -14.16
N LEU B 978 -5.25 1.93 -15.06
CA LEU B 978 -6.56 1.37 -14.73
C LEU B 978 -6.68 -0.12 -15.02
N SER B 979 -5.61 -0.77 -15.46
CA SER B 979 -5.70 -2.13 -15.98
C SER B 979 -5.54 -3.20 -14.90
N GLU B 980 -5.74 -2.87 -13.64
CA GLU B 980 -5.51 -3.83 -12.55
C GLU B 980 -6.70 -4.75 -12.35
N GLY B 981 -7.84 -4.20 -11.92
CA GLY B 981 -8.96 -5.05 -11.57
C GLY B 981 -10.35 -4.49 -11.81
N ILE B 982 -10.47 -3.39 -12.53
CA ILE B 982 -11.75 -2.70 -12.68
C ILE B 982 -12.46 -3.02 -13.98
N SER B 983 -11.86 -3.83 -14.85
CA SER B 983 -12.47 -4.14 -16.14
C SER B 983 -13.60 -5.15 -16.04
N GLN B 984 -13.75 -5.82 -14.90
CA GLN B 984 -14.85 -6.76 -14.67
C GLN B 984 -16.12 -6.08 -14.19
N HIS B 985 -16.11 -4.76 -14.00
CA HIS B 985 -17.26 -4.06 -13.45
C HIS B 985 -17.68 -2.83 -14.23
N ALA B 986 -16.83 -2.29 -15.11
CA ALA B 986 -17.15 -1.03 -15.76
C ALA B 986 -16.41 -0.94 -17.09
N TRP B 987 -16.85 0.00 -17.92
CA TRP B 987 -16.26 0.25 -19.22
C TRP B 987 -15.47 1.55 -19.18
N TYR B 988 -14.23 1.49 -19.64
CA TYR B 988 -13.42 2.66 -19.92
C TYR B 988 -12.74 2.41 -21.26
N PRO B 989 -12.26 3.46 -21.94
CA PRO B 989 -11.54 3.21 -23.20
C PRO B 989 -10.21 2.50 -23.01
N CYS B 990 -10.16 1.23 -23.43
CA CYS B 990 -8.92 0.46 -23.36
C CYS B 990 -7.94 0.89 -24.43
N THR B 991 -8.44 1.30 -25.60
CA THR B 991 -7.57 1.53 -26.75
C THR B 991 -6.73 2.80 -26.59
N ILE B 992 -7.30 3.83 -25.98
CA ILE B 992 -6.65 5.12 -25.82
C ILE B 992 -6.15 5.25 -24.39
N SER B 993 -4.90 5.67 -24.23
CA SER B 993 -4.36 6.00 -22.93
C SER B 993 -4.50 7.49 -22.68
N TYR B 994 -4.22 7.91 -21.45
CA TYR B 994 -4.24 9.33 -21.13
C TYR B 994 -3.17 10.16 -21.86
N PRO B 995 -1.89 9.75 -22.00
CA PRO B 995 -0.98 10.56 -22.83
C PRO B 995 -1.38 10.66 -24.30
N TYR B 996 -1.93 9.60 -24.89
CA TYR B 996 -2.34 9.68 -26.29
C TYR B 996 -3.57 10.57 -26.47
N SER B 997 -4.47 10.57 -25.48
CA SER B 997 -5.60 11.49 -25.52
C SER B 997 -5.16 12.93 -25.26
N GLN B 998 -4.10 13.11 -24.47
CA GLN B 998 -3.51 14.43 -24.29
C GLN B 998 -2.91 14.93 -25.59
N LEU B 999 -2.32 14.02 -26.38
CA LEU B 999 -1.77 14.39 -27.68
C LEU B 999 -2.88 14.73 -28.66
N ALA B 1000 -3.76 13.78 -28.95
CA ALA B 1000 -4.83 13.96 -29.93
C ALA B 1000 -6.16 14.05 -29.20
N GLN B 1001 -6.82 15.21 -29.31
CA GLN B 1001 -8.07 15.44 -28.61
C GLN B 1001 -9.21 14.71 -29.31
N THR B 1002 -10.04 14.04 -28.52
CA THR B 1002 -11.17 13.28 -29.03
C THR B 1002 -12.25 13.23 -27.97
N THR B 1003 -13.38 12.61 -28.33
CA THR B 1003 -14.54 12.51 -27.45
C THR B 1003 -14.96 11.05 -27.34
N PHE B 1004 -15.17 10.59 -26.12
CA PHE B 1004 -15.62 9.23 -25.85
C PHE B 1004 -17.05 9.27 -25.33
N TRP B 1005 -17.93 8.47 -25.92
CA TRP B 1005 -19.33 8.46 -25.53
C TRP B 1005 -19.77 7.03 -25.22
N LEU B 1006 -20.83 6.95 -24.42
CA LEU B 1006 -21.45 5.69 -24.01
C LEU B 1006 -22.95 5.86 -24.17
N ARG B 1007 -23.55 5.07 -25.06
CA ARG B 1007 -24.98 5.15 -25.30
C ARG B 1007 -25.63 3.93 -24.65
N ALA B 1008 -26.57 4.17 -23.75
CA ALA B 1008 -27.23 3.12 -22.98
C ALA B 1008 -28.71 3.13 -23.29
N TYR B 1009 -29.26 1.95 -23.56
CA TYR B 1009 -30.67 1.78 -23.91
C TYR B 1009 -31.42 1.10 -22.77
N PHE B 1010 -32.74 1.32 -22.74
CA PHE B 1010 -33.60 0.76 -21.72
C PHE B 1010 -34.73 -0.02 -22.36
N SER B 1011 -35.20 -1.05 -21.65
CA SER B 1011 -36.29 -1.88 -22.15
C SER B 1011 -37.60 -1.11 -22.17
N GLN B 1012 -37.94 -0.46 -21.06
CA GLN B 1012 -39.19 0.28 -20.94
C GLN B 1012 -38.92 1.76 -21.12
N PRO B 1013 -39.39 2.39 -22.19
CA PRO B 1013 -39.16 3.83 -22.36
C PRO B 1013 -40.00 4.66 -21.40
N MET B 1014 -39.37 5.22 -20.37
CA MET B 1014 -40.04 5.98 -19.34
C MET B 1014 -39.77 7.46 -19.52
N VAL B 1015 -40.38 8.26 -18.66
CA VAL B 1015 -40.09 9.68 -18.56
C VAL B 1015 -38.99 9.85 -17.50
N ALA B 1016 -37.90 10.50 -17.88
CA ALA B 1016 -36.70 10.54 -17.06
C ALA B 1016 -36.81 11.70 -16.08
N ALA B 1017 -37.09 11.38 -14.81
CA ALA B 1017 -36.99 12.40 -13.78
C ALA B 1017 -35.55 12.74 -13.48
N ALA B 1018 -34.70 11.72 -13.35
CA ALA B 1018 -33.28 11.91 -13.14
C ALA B 1018 -32.54 10.74 -13.75
N VAL B 1019 -31.26 10.96 -14.03
CA VAL B 1019 -30.38 9.92 -14.58
C VAL B 1019 -29.31 9.65 -13.54
N ILE B 1020 -29.17 8.40 -13.14
CA ILE B 1020 -28.19 8.00 -12.12
C ILE B 1020 -27.05 7.30 -12.85
N VAL B 1021 -25.87 7.91 -12.82
CA VAL B 1021 -24.68 7.33 -13.41
C VAL B 1021 -23.76 6.88 -12.29
N HIS B 1022 -23.37 5.61 -12.31
CA HIS B 1022 -22.50 5.04 -11.30
C HIS B 1022 -21.09 4.93 -11.86
N LEU B 1023 -20.12 5.45 -11.11
CA LEU B 1023 -18.73 5.45 -11.53
C LEU B 1023 -17.88 4.71 -10.51
N VAL B 1024 -16.78 4.13 -10.98
CA VAL B 1024 -15.77 3.57 -10.10
C VAL B 1024 -14.41 4.24 -10.28
N THR B 1025 -14.35 5.29 -11.11
CA THR B 1025 -13.13 6.07 -11.28
C THR B 1025 -13.52 7.54 -11.45
N ASP B 1026 -12.72 8.42 -10.83
CA ASP B 1026 -12.98 9.86 -10.94
C ASP B 1026 -12.68 10.38 -12.34
N GLY B 1027 -11.78 9.72 -13.07
CA GLY B 1027 -11.36 10.19 -14.37
C GLY B 1027 -10.11 11.05 -14.36
N THR B 1028 -9.57 11.36 -13.19
CA THR B 1028 -8.40 12.22 -13.08
C THR B 1028 -7.12 11.42 -13.24
N TYR B 1029 -6.19 11.99 -14.01
CA TYR B 1029 -4.86 11.41 -14.15
C TYR B 1029 -4.07 11.64 -12.86
N TYR B 1030 -3.04 10.81 -12.68
CA TYR B 1030 -2.21 10.87 -11.48
C TYR B 1030 -1.41 12.17 -11.41
N GLY B 1031 -0.99 12.72 -12.56
CA GLY B 1031 -0.14 13.88 -12.56
C GLY B 1031 -0.68 15.12 -13.24
N ASP B 1032 -1.88 15.04 -13.83
CA ASP B 1032 -2.41 16.18 -14.56
C ASP B 1032 -2.95 17.26 -13.62
N GLN B 1033 -3.60 16.85 -12.53
CA GLN B 1033 -4.28 17.73 -11.57
C GLN B 1033 -5.31 18.63 -12.26
N LYS B 1034 -6.11 18.01 -13.12
CA LYS B 1034 -7.19 18.68 -13.84
C LYS B 1034 -8.47 17.92 -13.58
N GLN B 1035 -9.53 18.63 -13.19
CA GLN B 1035 -10.82 17.98 -12.99
C GLN B 1035 -11.43 17.62 -14.33
N GLU B 1036 -12.33 16.63 -14.31
CA GLU B 1036 -12.95 16.13 -15.52
C GLU B 1036 -14.46 16.13 -15.39
N THR B 1037 -15.14 16.42 -16.50
CA THR B 1037 -16.60 16.53 -16.54
C THR B 1037 -17.17 15.52 -17.54
N ILE B 1038 -18.44 15.20 -17.36
CA ILE B 1038 -19.18 14.41 -18.32
C ILE B 1038 -20.36 15.23 -18.81
N SER B 1039 -20.85 14.86 -20.00
CA SER B 1039 -21.99 15.51 -20.63
C SER B 1039 -23.05 14.45 -20.90
N VAL B 1040 -23.97 14.31 -19.96
CA VAL B 1040 -25.08 13.38 -20.12
C VAL B 1040 -26.14 14.02 -20.99
N GLN B 1041 -26.67 13.27 -21.95
CA GLN B 1041 -27.79 13.72 -22.76
C GLN B 1041 -28.87 12.66 -22.75
N LEU B 1042 -30.10 13.10 -23.02
CA LEU B 1042 -31.23 12.19 -23.16
C LEU B 1042 -31.59 12.06 -24.63
N LEU B 1043 -31.85 10.83 -25.05
CA LEU B 1043 -32.28 10.54 -26.41
C LEU B 1043 -33.70 10.00 -26.38
N ASP B 1044 -34.59 10.64 -27.14
CA ASP B 1044 -35.99 10.28 -27.11
C ASP B 1044 -36.28 9.18 -28.13
N THR B 1045 -37.57 8.85 -28.27
CA THR B 1045 -37.99 7.85 -29.23
C THR B 1045 -37.96 8.38 -30.66
N LYS B 1046 -38.03 9.69 -30.84
CA LYS B 1046 -37.93 10.33 -32.15
C LYS B 1046 -36.52 10.79 -32.46
N ASP B 1047 -35.52 10.23 -31.76
CA ASP B 1047 -34.09 10.48 -31.94
C ASP B 1047 -33.70 11.94 -31.69
N GLN B 1048 -34.49 12.68 -30.92
CA GLN B 1048 -34.07 14.00 -30.50
C GLN B 1048 -33.14 13.89 -29.29
N SER B 1049 -32.34 14.93 -29.08
CA SER B 1049 -31.39 14.98 -27.98
C SER B 1049 -31.71 16.15 -27.08
N HIS B 1050 -31.68 15.90 -25.77
CA HIS B 1050 -31.92 16.92 -24.76
C HIS B 1050 -30.72 17.00 -23.84
N ASP B 1051 -30.11 18.18 -23.77
CA ASP B 1051 -28.87 18.36 -23.03
C ASP B 1051 -29.15 18.46 -21.54
N LEU B 1052 -28.41 17.69 -20.75
CA LEU B 1052 -28.56 17.71 -19.30
C LEU B 1052 -27.38 18.36 -18.59
N GLY B 1053 -26.46 18.97 -19.35
CA GLY B 1053 -25.42 19.80 -18.78
C GLY B 1053 -24.10 19.08 -18.61
N LEU B 1054 -23.12 19.86 -18.16
CA LEU B 1054 -21.78 19.37 -17.86
C LEU B 1054 -21.64 19.19 -16.36
N HIS B 1055 -21.26 17.99 -15.93
CA HIS B 1055 -21.26 17.63 -14.53
C HIS B 1055 -19.87 17.15 -14.11
N VAL B 1056 -19.40 17.67 -12.98
CA VAL B 1056 -18.06 17.37 -12.47
C VAL B 1056 -18.13 16.12 -11.61
N LEU B 1057 -17.22 15.18 -11.86
CA LEU B 1057 -17.22 13.89 -11.20
C LEU B 1057 -16.47 13.95 -9.87
N SER B 1058 -16.89 13.08 -8.95
CA SER B 1058 -16.20 12.91 -7.68
C SER B 1058 -16.46 11.50 -7.19
N CYS B 1059 -15.61 11.05 -6.27
CA CYS B 1059 -15.89 9.82 -5.55
C CYS B 1059 -16.81 10.05 -4.36
N ARG B 1060 -17.10 11.31 -4.02
CA ARG B 1060 -18.08 11.66 -3.01
C ARG B 1060 -19.48 11.83 -3.59
N ASN B 1061 -19.61 11.76 -4.92
CA ASN B 1061 -20.89 11.68 -5.60
C ASN B 1061 -20.94 10.38 -6.39
N ASN B 1062 -20.60 9.27 -5.73
CA ASN B 1062 -20.41 8.00 -6.43
C ASN B 1062 -21.68 7.48 -7.12
N PRO B 1063 -22.89 7.52 -6.52
CA PRO B 1063 -24.08 7.45 -7.38
C PRO B 1063 -24.43 8.83 -7.90
N LEU B 1064 -23.79 9.24 -9.00
CA LEU B 1064 -23.96 10.60 -9.51
C LEU B 1064 -25.37 10.80 -10.05
N ILE B 1065 -26.02 11.86 -9.62
CA ILE B 1065 -27.42 12.13 -9.94
C ILE B 1065 -27.48 13.35 -10.83
N ILE B 1066 -28.09 13.20 -12.00
CA ILE B 1066 -28.31 14.29 -12.93
C ILE B 1066 -29.81 14.51 -13.05
N PRO B 1067 -30.35 15.54 -12.40
CA PRO B 1067 -31.79 15.79 -12.50
C PRO B 1067 -32.18 16.42 -13.83
N VAL B 1068 -33.40 16.16 -14.26
CA VAL B 1068 -33.94 16.69 -15.50
C VAL B 1068 -34.83 17.87 -15.15
N VAL B 1069 -34.47 19.05 -15.65
CA VAL B 1069 -35.26 20.26 -15.48
C VAL B 1069 -36.17 20.37 -16.69
N HIS B 1070 -37.44 20.02 -16.51
CA HIS B 1070 -38.42 19.99 -17.59
C HIS B 1070 -39.45 21.08 -17.35
N ASP B 1071 -39.61 21.97 -18.32
CA ASP B 1071 -40.65 22.98 -18.24
C ASP B 1071 -42.01 22.33 -18.49
N LEU B 1072 -43.00 22.73 -17.69
CA LEU B 1072 -44.30 22.08 -17.74
C LEU B 1072 -45.13 22.48 -18.96
N SER B 1073 -44.74 23.55 -19.66
CA SER B 1073 -45.45 23.92 -20.88
C SER B 1073 -45.16 22.94 -22.01
N GLN B 1074 -43.93 22.44 -22.09
CA GLN B 1074 -43.58 21.43 -23.08
C GLN B 1074 -44.24 20.10 -22.73
N PRO B 1075 -44.61 19.31 -23.75
CA PRO B 1075 -45.10 17.96 -23.46
C PRO B 1075 -44.02 17.05 -22.90
N PHE B 1076 -44.44 16.14 -22.04
CA PHE B 1076 -43.54 15.13 -21.50
C PHE B 1076 -43.14 14.15 -22.60
N TYR B 1077 -41.87 13.78 -22.61
CA TYR B 1077 -41.31 12.98 -23.69
C TYR B 1077 -40.77 11.67 -23.15
N HIS B 1078 -41.05 10.58 -23.85
CA HIS B 1078 -40.44 9.31 -23.54
C HIS B 1078 -38.97 9.34 -23.93
N SER B 1079 -38.11 8.83 -23.04
CA SER B 1079 -36.69 8.75 -23.28
C SER B 1079 -36.29 7.29 -23.40
N GLN B 1080 -35.64 6.95 -24.51
CA GLN B 1080 -35.22 5.58 -24.77
C GLN B 1080 -33.76 5.35 -24.41
N ALA B 1081 -32.89 6.26 -24.81
CA ALA B 1081 -31.45 6.09 -24.66
C ALA B 1081 -30.84 7.30 -23.95
N VAL B 1082 -29.69 7.08 -23.35
CA VAL B 1082 -28.92 8.12 -22.67
C VAL B 1082 -27.49 8.08 -23.20
N ARG B 1083 -26.98 9.24 -23.62
CA ARG B 1083 -25.64 9.35 -24.17
C ARG B 1083 -24.76 10.10 -23.17
N VAL B 1084 -23.82 9.40 -22.56
CA VAL B 1084 -22.86 9.98 -21.63
C VAL B 1084 -21.59 10.29 -22.40
N SER B 1085 -21.23 11.56 -22.50
CA SER B 1085 -20.09 11.99 -23.30
C SER B 1085 -19.04 12.63 -22.40
N PHE B 1086 -17.78 12.26 -22.61
CA PHE B 1086 -16.69 12.76 -21.78
C PHE B 1086 -15.42 12.78 -22.61
N SER B 1087 -14.43 13.52 -22.11
CA SER B 1087 -13.17 13.71 -22.83
C SER B 1087 -12.02 12.89 -22.28
N SER B 1088 -11.97 12.67 -20.98
CA SER B 1088 -10.87 11.91 -20.38
C SER B 1088 -11.10 10.42 -20.55
N PRO B 1089 -10.14 9.66 -21.07
CA PRO B 1089 -10.32 8.22 -21.25
C PRO B 1089 -10.14 7.39 -19.99
N LEU B 1090 -10.14 7.99 -18.81
CA LEU B 1090 -9.96 7.27 -17.55
C LEU B 1090 -11.24 7.22 -16.73
N VAL B 1091 -12.39 7.47 -17.36
CA VAL B 1091 -13.68 7.46 -16.68
C VAL B 1091 -14.32 6.10 -16.90
N ALA B 1092 -14.67 5.42 -15.82
CA ALA B 1092 -15.25 4.08 -15.87
C ALA B 1092 -16.70 4.12 -15.38
N ILE B 1093 -17.61 3.59 -16.19
CA ILE B 1093 -19.05 3.67 -15.95
C ILE B 1093 -19.55 2.28 -15.61
N SER B 1094 -19.90 2.06 -14.34
CA SER B 1094 -20.44 0.76 -13.95
C SER B 1094 -21.89 0.60 -14.37
N GLY B 1095 -22.67 1.66 -14.34
CA GLY B 1095 -24.06 1.58 -14.71
C GLY B 1095 -24.76 2.91 -14.85
N VAL B 1096 -25.79 2.97 -15.70
CA VAL B 1096 -26.62 4.15 -15.88
C VAL B 1096 -28.05 3.77 -15.58
N ALA B 1097 -28.70 4.51 -14.69
CA ALA B 1097 -30.09 4.27 -14.33
C ALA B 1097 -30.97 5.40 -14.83
N LEU B 1098 -32.19 5.05 -15.21
CA LEU B 1098 -33.22 6.01 -15.55
C LEU B 1098 -34.24 5.99 -14.42
N ARG B 1099 -34.48 7.14 -13.81
CA ARG B 1099 -35.37 7.25 -12.67
C ARG B 1099 -36.69 7.87 -13.12
N SER B 1100 -37.78 7.16 -12.90
CA SER B 1100 -39.10 7.61 -13.32
C SER B 1100 -40.04 7.61 -12.12
N PHE B 1101 -41.23 8.17 -12.34
CA PHE B 1101 -42.24 8.23 -11.29
C PHE B 1101 -42.87 6.85 -11.10
N ASP B 1102 -42.86 6.38 -9.85
CA ASP B 1102 -43.37 5.05 -9.57
C ASP B 1102 -44.89 5.00 -9.62
N ASN B 1103 -45.55 6.09 -9.24
CA ASN B 1103 -47.00 6.08 -9.13
C ASN B 1103 -47.68 6.15 -10.49
N PHE B 1104 -47.13 6.94 -11.42
CA PHE B 1104 -47.82 7.21 -12.67
C PHE B 1104 -46.81 7.51 -13.77
N ASP B 1105 -47.28 7.40 -15.01
CA ASP B 1105 -46.48 7.73 -16.19
C ASP B 1105 -47.17 8.86 -16.94
N PRO B 1106 -46.68 10.10 -16.82
CA PRO B 1106 -47.42 11.26 -17.37
C PRO B 1106 -47.50 11.30 -18.89
N VAL B 1107 -46.66 10.57 -19.61
CA VAL B 1107 -46.75 10.57 -21.06
C VAL B 1107 -47.98 9.81 -21.53
N THR B 1108 -48.29 8.69 -20.86
CA THR B 1108 -49.47 7.92 -21.22
C THR B 1108 -50.75 8.61 -20.75
N LEU B 1109 -50.70 9.25 -19.58
CA LEU B 1109 -51.89 9.89 -19.03
C LEU B 1109 -52.29 11.14 -19.82
N SER B 1110 -51.32 11.85 -20.39
CA SER B 1110 -51.65 13.01 -21.21
C SER B 1110 -52.24 12.61 -22.56
N SER B 1111 -51.92 11.41 -23.04
CA SER B 1111 -52.43 10.94 -24.32
C SER B 1111 -53.93 10.65 -24.25
N CYS B 1112 -54.44 10.31 -23.06
CA CYS B 1112 -55.85 10.08 -22.77
C CYS B 1112 -56.75 11.19 -23.29
N GLN B 1113 -57.73 10.83 -24.10
CA GLN B 1113 -58.60 11.79 -24.77
C GLN B 1113 -59.73 12.23 -23.83
N ARG B 1114 -60.74 12.88 -24.41
CA ARG B 1114 -61.86 13.41 -23.64
C ARG B 1114 -62.76 12.27 -23.16
N GLY B 1115 -63.15 12.32 -21.89
CA GLY B 1115 -63.93 11.29 -21.26
C GLY B 1115 -63.11 10.17 -20.65
N GLU B 1116 -61.84 10.04 -21.04
CA GLU B 1116 -60.94 9.05 -20.46
C GLU B 1116 -60.07 9.77 -19.44
N THR B 1117 -60.50 9.74 -18.18
CA THR B 1117 -59.72 10.36 -17.13
C THR B 1117 -58.53 9.48 -16.77
N TYR B 1118 -57.62 10.03 -15.97
CA TYR B 1118 -56.39 9.35 -15.63
C TYR B 1118 -56.63 8.31 -14.53
N SER B 1119 -55.75 7.30 -14.50
CA SER B 1119 -55.75 6.32 -13.41
C SER B 1119 -54.30 5.94 -13.10
N PRO B 1120 -53.69 6.57 -12.09
CA PRO B 1120 -52.36 6.12 -11.65
C PRO B 1120 -52.38 4.81 -10.89
N ALA B 1121 -53.54 4.35 -10.40
CA ALA B 1121 -53.60 3.11 -9.65
C ALA B 1121 -53.36 1.89 -10.54
N GLU B 1122 -53.86 1.94 -11.77
CA GLU B 1122 -53.57 0.94 -12.78
C GLU B 1122 -52.79 1.50 -13.95
N GLN B 1123 -52.49 2.81 -13.93
CA GLN B 1123 -51.66 3.52 -14.90
C GLN B 1123 -52.23 3.43 -16.31
N SER B 1124 -53.47 3.90 -16.46
CA SER B 1124 -54.15 3.84 -17.75
C SER B 1124 -55.26 4.88 -17.80
N CYS B 1125 -55.78 5.08 -19.02
CA CYS B 1125 -56.96 5.90 -19.21
C CYS B 1125 -58.20 5.08 -18.85
N VAL B 1126 -59.08 5.64 -18.02
CA VAL B 1126 -60.29 4.96 -17.59
C VAL B 1126 -61.50 5.77 -18.02
N HIS B 1127 -62.54 5.06 -18.46
CA HIS B 1127 -63.76 5.70 -18.97
C HIS B 1127 -64.99 4.92 -18.53
N CYS C 1135 -59.54 -11.70 -6.76
CA CYS C 1135 -58.21 -12.26 -6.96
C CYS C 1135 -58.23 -13.78 -6.87
N PRO C 1136 -57.49 -14.45 -7.76
CA PRO C 1136 -57.46 -15.92 -7.75
C PRO C 1136 -56.66 -16.46 -6.57
N GLU C 1137 -56.92 -17.73 -6.26
CA GLU C 1137 -56.17 -18.41 -5.21
C GLU C 1137 -54.77 -18.76 -5.71
N LEU C 1138 -53.77 -18.44 -4.92
CA LEU C 1138 -52.37 -18.71 -5.25
C LEU C 1138 -51.89 -19.85 -4.38
N ALA C 1139 -51.57 -20.98 -5.01
CA ALA C 1139 -51.04 -22.15 -4.31
C ALA C 1139 -49.54 -22.25 -4.59
N VAL C 1140 -48.75 -22.30 -3.52
CA VAL C 1140 -47.30 -22.41 -3.61
C VAL C 1140 -46.89 -23.76 -3.06
N GLU C 1141 -46.14 -24.52 -3.85
CA GLU C 1141 -45.69 -25.85 -3.42
C GLU C 1141 -44.60 -25.72 -2.36
N ASN C 1142 -44.64 -26.66 -1.40
CA ASN C 1142 -43.64 -26.80 -0.32
C ASN C 1142 -43.54 -25.53 0.53
N ALA C 1143 -44.68 -24.91 0.83
CA ALA C 1143 -44.68 -23.63 1.51
C ALA C 1143 -45.92 -23.49 2.37
N SER C 1144 -45.83 -22.59 3.35
CA SER C 1144 -46.97 -22.18 4.16
C SER C 1144 -47.37 -20.77 3.76
N LEU C 1145 -48.65 -20.60 3.44
CA LEU C 1145 -49.18 -19.33 2.96
C LEU C 1145 -50.15 -18.77 3.99
N ASN C 1146 -50.06 -17.46 4.23
CA ASN C 1146 -50.94 -16.77 5.15
C ASN C 1146 -51.47 -15.51 4.48
N CYS C 1147 -52.70 -15.13 4.84
CA CYS C 1147 -53.30 -13.90 4.36
C CYS C 1147 -53.92 -13.17 5.55
N SER C 1148 -53.60 -11.88 5.68
CA SER C 1148 -54.09 -11.10 6.81
C SER C 1148 -55.57 -10.74 6.68
N SER C 1149 -56.15 -10.89 5.50
CA SER C 1149 -57.57 -10.65 5.28
C SER C 1149 -58.22 -11.90 4.71
N SER C 1150 -59.41 -12.21 5.20
CA SER C 1150 -60.15 -13.36 4.67
C SER C 1150 -60.73 -13.04 3.28
N ASP C 1151 -61.21 -11.81 3.10
CA ASP C 1151 -61.79 -11.40 1.82
C ASP C 1151 -60.69 -11.15 0.80
N ARG C 1152 -60.87 -11.69 -0.40
CA ARG C 1152 -59.90 -11.54 -1.47
C ARG C 1152 -60.41 -10.50 -2.46
N TYR C 1153 -59.60 -9.47 -2.70
CA TYR C 1153 -59.93 -8.41 -3.65
C TYR C 1153 -58.62 -7.79 -4.13
N HIS C 1154 -58.73 -6.95 -5.15
CA HIS C 1154 -57.56 -6.28 -5.73
C HIS C 1154 -57.07 -5.23 -4.74
N GLY C 1155 -56.06 -5.58 -3.96
CA GLY C 1155 -55.59 -4.74 -2.87
C GLY C 1155 -55.28 -5.53 -1.63
N ALA C 1156 -55.37 -6.86 -1.72
CA ALA C 1156 -55.06 -7.76 -0.63
C ALA C 1156 -53.76 -8.49 -0.90
N GLN C 1157 -52.95 -8.66 0.14
CA GLN C 1157 -51.63 -9.26 0.03
C GLN C 1157 -51.53 -10.51 0.89
N CYS C 1158 -50.75 -11.48 0.42
CA CYS C 1158 -50.57 -12.74 1.13
C CYS C 1158 -49.08 -13.07 1.20
N THR C 1159 -48.64 -13.50 2.39
CA THR C 1159 -47.24 -13.80 2.64
C THR C 1159 -47.00 -15.30 2.55
N VAL C 1160 -46.00 -15.69 1.76
CA VAL C 1160 -45.66 -17.09 1.54
C VAL C 1160 -44.28 -17.34 2.10
N SER C 1161 -44.15 -18.36 2.96
CA SER C 1161 -42.87 -18.73 3.54
C SER C 1161 -42.59 -20.20 3.24
N CYS C 1162 -41.42 -20.46 2.65
CA CYS C 1162 -41.07 -21.83 2.26
C CYS C 1162 -40.37 -22.56 3.39
N ARG C 1163 -40.51 -23.88 3.37
CA ARG C 1163 -40.05 -24.72 4.47
C ARG C 1163 -38.53 -24.85 4.46
N THR C 1164 -38.00 -25.35 5.58
CA THR C 1164 -36.58 -25.62 5.69
C THR C 1164 -36.20 -26.79 4.79
N GLY C 1165 -35.02 -26.69 4.18
CA GLY C 1165 -34.65 -27.62 3.14
C GLY C 1165 -35.17 -27.28 1.78
N TYR C 1166 -35.65 -26.05 1.57
CA TYR C 1166 -36.13 -25.61 0.27
C TYR C 1166 -35.63 -24.20 -0.01
N VAL C 1167 -35.24 -23.96 -1.26
CA VAL C 1167 -34.63 -22.72 -1.69
C VAL C 1167 -35.61 -21.99 -2.61
N LEU C 1168 -35.86 -20.72 -2.30
CA LEU C 1168 -36.74 -19.88 -3.10
C LEU C 1168 -36.14 -19.58 -4.46
N GLN C 1169 -37.03 -19.38 -5.45
CA GLN C 1169 -36.64 -18.92 -6.78
C GLN C 1169 -37.67 -17.87 -7.19
N ILE C 1170 -37.39 -16.62 -6.89
CA ILE C 1170 -38.28 -15.51 -7.25
C ILE C 1170 -37.88 -15.05 -8.65
N ARG C 1171 -38.82 -15.16 -9.59
CA ARG C 1171 -38.61 -14.77 -10.97
C ARG C 1171 -39.78 -13.91 -11.42
N ARG C 1172 -39.72 -13.48 -12.69
CA ARG C 1172 -40.80 -12.75 -13.34
C ARG C 1172 -40.77 -13.08 -14.82
N ASP C 1173 -41.53 -12.32 -15.61
CA ASP C 1173 -41.57 -12.51 -17.05
C ASP C 1173 -40.32 -11.88 -17.65
N ASP C 1174 -39.42 -12.75 -18.17
CA ASP C 1174 -38.10 -12.37 -18.70
C ASP C 1174 -37.28 -11.58 -17.68
N GLU C 1175 -37.30 -12.05 -16.42
CA GLU C 1175 -36.61 -11.35 -15.33
C GLU C 1175 -36.21 -12.39 -14.30
N LEU C 1176 -34.95 -12.80 -14.33
CA LEU C 1176 -34.39 -13.76 -13.38
C LEU C 1176 -33.67 -12.96 -12.30
N ILE C 1177 -34.32 -12.82 -11.14
CA ILE C 1177 -33.76 -12.07 -10.03
C ILE C 1177 -33.18 -13.04 -9.02
N LYS C 1178 -32.31 -12.53 -8.16
CA LYS C 1178 -31.70 -13.34 -7.12
C LYS C 1178 -32.71 -13.68 -6.03
N SER C 1179 -32.50 -14.83 -5.40
CA SER C 1179 -33.39 -15.32 -4.37
C SER C 1179 -33.26 -14.50 -3.08
N GLN C 1180 -34.39 -14.33 -2.40
CA GLN C 1180 -34.39 -13.64 -1.11
C GLN C 1180 -33.71 -14.49 -0.06
N THR C 1181 -32.87 -13.83 0.77
CA THR C 1181 -32.22 -14.51 1.88
C THR C 1181 -33.23 -14.98 2.91
N GLY C 1182 -34.22 -14.14 3.22
CA GLY C 1182 -35.25 -14.49 4.17
C GLY C 1182 -36.36 -15.28 3.52
N PRO C 1183 -37.22 -15.86 4.36
CA PRO C 1183 -38.38 -16.60 3.83
C PRO C 1183 -39.65 -15.78 3.69
N SER C 1184 -39.68 -14.55 4.19
CA SER C 1184 -40.89 -13.72 4.20
C SER C 1184 -40.95 -12.92 2.91
N VAL C 1185 -41.80 -13.38 1.98
CA VAL C 1185 -42.08 -12.66 0.74
C VAL C 1185 -43.59 -12.54 0.60
N THR C 1186 -44.07 -11.31 0.39
CA THR C 1186 -45.49 -11.02 0.30
C THR C 1186 -45.86 -10.69 -1.15
N VAL C 1187 -46.91 -11.32 -1.64
CA VAL C 1187 -47.36 -11.19 -3.02
C VAL C 1187 -48.72 -10.52 -3.03
N THR C 1188 -48.91 -9.61 -3.99
CA THR C 1188 -50.16 -8.87 -4.16
C THR C 1188 -50.66 -9.05 -5.59
N CYS C 1189 -51.95 -9.38 -5.73
CA CYS C 1189 -52.54 -9.56 -7.05
C CYS C 1189 -52.76 -8.21 -7.74
N THR C 1190 -52.40 -8.14 -9.02
CA THR C 1190 -52.51 -6.93 -9.81
C THR C 1190 -53.32 -7.22 -11.06
N GLU C 1191 -54.42 -6.49 -11.24
CA GLU C 1191 -55.27 -6.49 -12.45
C GLU C 1191 -55.82 -7.88 -12.77
N GLY C 1192 -56.13 -8.64 -11.72
CA GLY C 1192 -56.61 -10.01 -11.86
C GLY C 1192 -55.53 -11.03 -12.11
N LYS C 1193 -54.26 -10.62 -12.17
CA LYS C 1193 -53.14 -11.51 -12.45
C LYS C 1193 -52.17 -11.47 -11.28
N TRP C 1194 -51.16 -12.34 -11.35
CA TRP C 1194 -50.09 -12.38 -10.37
C TRP C 1194 -48.82 -11.82 -10.99
N ASN C 1195 -48.18 -10.90 -10.26
CA ASN C 1195 -47.02 -10.19 -10.78
C ASN C 1195 -45.80 -11.08 -10.93
N LYS C 1196 -45.72 -12.18 -10.19
CA LYS C 1196 -44.57 -13.06 -10.23
C LYS C 1196 -45.02 -14.48 -9.94
N GLN C 1197 -44.06 -15.40 -9.95
CA GLN C 1197 -44.29 -16.80 -9.61
C GLN C 1197 -43.39 -17.19 -8.45
N VAL C 1198 -43.93 -17.96 -7.51
CA VAL C 1198 -43.20 -18.39 -6.32
C VAL C 1198 -42.96 -19.88 -6.45
N ALA C 1199 -41.69 -20.25 -6.60
CA ALA C 1199 -41.27 -21.64 -6.63
C ALA C 1199 -40.21 -21.86 -5.58
N CYS C 1200 -40.17 -23.07 -5.03
CA CYS C 1200 -39.20 -23.41 -3.99
C CYS C 1200 -38.67 -24.82 -4.28
N GLU C 1201 -37.49 -24.87 -4.88
CA GLU C 1201 -36.87 -26.15 -5.19
C GLU C 1201 -36.33 -26.79 -3.92
N PRO C 1202 -36.11 -28.10 -3.92
CA PRO C 1202 -35.29 -28.69 -2.86
C PRO C 1202 -33.86 -28.17 -2.95
N VAL C 1203 -33.23 -28.02 -1.78
CA VAL C 1203 -31.86 -27.51 -1.77
C VAL C 1203 -30.93 -28.59 -2.30
N ASP C 1204 -30.15 -28.24 -3.30
CA ASP C 1204 -29.33 -29.22 -4.01
C ASP C 1204 -27.93 -29.19 -3.42
N CYS C 1205 -27.52 -30.33 -2.87
CA CYS C 1205 -26.13 -30.56 -2.55
C CYS C 1205 -25.39 -30.88 -3.84
N SER C 1206 -24.10 -30.55 -3.87
CA SER C 1206 -23.27 -30.87 -5.01
C SER C 1206 -23.17 -32.39 -5.18
N ILE C 1207 -23.02 -32.82 -6.43
CA ILE C 1207 -22.78 -34.21 -6.80
C ILE C 1207 -21.51 -34.63 -6.06
N PRO C 1208 -21.56 -35.74 -5.27
CA PRO C 1208 -20.51 -36.05 -4.26
C PRO C 1208 -19.07 -36.00 -4.72
N ASP C 1209 -18.33 -35.07 -4.09
CA ASP C 1209 -16.99 -34.71 -4.50
C ASP C 1209 -15.99 -35.79 -4.14
N HIS C 1210 -14.86 -35.77 -4.85
CA HIS C 1210 -13.74 -36.60 -4.45
C HIS C 1210 -13.14 -36.13 -3.13
N HIS C 1211 -13.17 -34.82 -2.87
CA HIS C 1211 -12.65 -34.26 -1.63
C HIS C 1211 -13.64 -34.34 -0.48
N GLN C 1212 -14.90 -34.66 -0.75
CA GLN C 1212 -15.87 -34.86 0.33
C GLN C 1212 -15.54 -36.12 1.13
N VAL C 1213 -15.36 -37.25 0.44
CA VAL C 1213 -14.88 -38.49 1.02
C VAL C 1213 -13.77 -39.00 0.10
N TYR C 1214 -12.59 -39.24 0.65
CA TYR C 1214 -11.45 -39.62 -0.16
C TYR C 1214 -11.39 -41.15 -0.34
N ALA C 1215 -10.94 -41.55 -1.53
CA ALA C 1215 -10.76 -42.95 -1.93
C ALA C 1215 -12.06 -43.74 -1.81
N ALA C 1216 -13.14 -43.20 -2.39
CA ALA C 1216 -14.43 -43.88 -2.36
C ALA C 1216 -15.24 -43.49 -3.58
N SER C 1217 -16.22 -44.33 -3.89
CA SER C 1217 -17.16 -44.13 -4.97
C SER C 1217 -18.58 -44.03 -4.42
N PHE C 1218 -19.39 -43.21 -5.07
CA PHE C 1218 -20.70 -42.81 -4.56
C PHE C 1218 -21.80 -43.27 -5.50
N SER C 1219 -22.80 -43.95 -4.93
CA SER C 1219 -24.00 -44.35 -5.65
C SER C 1219 -25.19 -43.70 -4.95
N CYS C 1220 -25.85 -42.77 -5.63
CA CYS C 1220 -27.01 -42.07 -5.09
C CYS C 1220 -28.16 -42.21 -6.06
N PRO C 1221 -28.92 -43.30 -5.99
CA PRO C 1221 -30.10 -43.44 -6.87
C PRO C 1221 -31.26 -42.55 -6.47
N GLU C 1222 -31.28 -42.02 -5.25
CA GLU C 1222 -32.35 -41.14 -4.81
C GLU C 1222 -32.19 -39.70 -5.29
N GLY C 1223 -31.02 -39.33 -5.77
CA GLY C 1223 -30.77 -37.95 -6.18
C GLY C 1223 -29.97 -37.18 -5.15
N THR C 1224 -29.88 -35.88 -5.38
CA THR C 1224 -29.13 -34.97 -4.53
C THR C 1224 -30.03 -33.89 -3.93
N THR C 1225 -31.31 -34.19 -3.76
CA THR C 1225 -32.25 -33.24 -3.19
C THR C 1225 -32.21 -33.30 -1.67
N PHE C 1226 -33.05 -32.48 -1.03
CA PHE C 1226 -33.15 -32.50 0.41
C PHE C 1226 -33.86 -33.76 0.88
N GLY C 1227 -33.27 -34.44 1.86
CA GLY C 1227 -33.79 -35.69 2.35
C GLY C 1227 -33.29 -36.92 1.61
N SER C 1228 -32.56 -36.74 0.52
CA SER C 1228 -32.02 -37.86 -0.22
C SER C 1228 -30.90 -38.54 0.56
N GLN C 1229 -30.61 -39.78 0.21
CA GLN C 1229 -29.51 -40.52 0.80
C GLN C 1229 -28.65 -41.12 -0.30
N CYS C 1230 -27.35 -41.16 -0.04
CA CYS C 1230 -26.36 -41.69 -0.97
C CYS C 1230 -25.47 -42.65 -0.21
N SER C 1231 -24.90 -43.62 -0.93
CA SER C 1231 -24.00 -44.59 -0.31
C SER C 1231 -22.61 -44.42 -0.89
N PHE C 1232 -21.59 -44.65 -0.05
CA PHE C 1232 -20.21 -44.60 -0.50
C PHE C 1232 -19.52 -45.90 -0.13
N GLN C 1233 -18.67 -46.38 -1.04
CA GLN C 1233 -17.88 -47.59 -0.83
C GLN C 1233 -16.45 -47.30 -1.20
N CYS C 1234 -15.50 -47.80 -0.41
CA CYS C 1234 -14.10 -47.46 -0.61
C CYS C 1234 -13.51 -48.23 -1.78
N ARG C 1235 -12.27 -47.89 -2.11
CA ARG C 1235 -11.49 -48.62 -3.09
C ARG C 1235 -10.93 -49.90 -2.46
N HIS C 1236 -10.38 -50.76 -3.30
CA HIS C 1236 -9.83 -52.03 -2.81
C HIS C 1236 -8.65 -51.90 -1.83
N PRO C 1237 -7.63 -51.03 -2.02
CA PRO C 1237 -6.64 -50.88 -0.94
C PRO C 1237 -7.21 -50.25 0.33
N ALA C 1238 -8.13 -49.30 0.18
CA ALA C 1238 -8.73 -48.67 1.35
C ALA C 1238 -9.67 -49.63 2.06
N GLN C 1239 -9.82 -49.43 3.37
CA GLN C 1239 -10.65 -50.28 4.19
C GLN C 1239 -11.75 -49.43 4.83
N LEU C 1240 -12.99 -49.93 4.73
CA LEU C 1240 -14.15 -49.26 5.33
C LEU C 1240 -14.25 -49.69 6.79
N LYS C 1241 -14.03 -48.74 7.70
CA LYS C 1241 -14.13 -49.01 9.13
C LYS C 1241 -15.28 -48.18 9.71
N GLY C 1242 -16.24 -48.85 10.33
CA GLY C 1242 -17.40 -48.20 10.89
C GLY C 1242 -18.67 -49.00 10.67
N ASN C 1243 -19.80 -48.49 11.16
CA ASN C 1243 -21.06 -49.20 11.02
C ASN C 1243 -21.84 -48.74 9.78
N ASN C 1244 -22.21 -47.46 9.74
CA ASN C 1244 -23.04 -46.92 8.68
C ASN C 1244 -22.15 -46.21 7.65
N SER C 1245 -22.42 -46.48 6.38
CA SER C 1245 -21.62 -45.91 5.30
C SER C 1245 -22.49 -45.05 4.38
N LEU C 1246 -23.30 -44.18 4.97
CA LEU C 1246 -24.28 -43.41 4.23
C LEU C 1246 -24.03 -41.92 4.39
N LEU C 1247 -24.37 -41.15 3.36
CA LEU C 1247 -24.36 -39.70 3.39
C LEU C 1247 -25.78 -39.20 3.11
N THR C 1248 -26.09 -38.02 3.62
CA THR C 1248 -27.43 -37.45 3.47
C THR C 1248 -27.32 -35.97 3.18
N CYS C 1249 -27.92 -35.54 2.09
CA CYS C 1249 -28.04 -34.11 1.80
C CYS C 1249 -29.02 -33.49 2.78
N MET C 1250 -28.51 -32.66 3.69
CA MET C 1250 -29.28 -32.19 4.83
C MET C 1250 -29.86 -30.80 4.57
N GLU C 1251 -30.43 -30.22 5.62
CA GLU C 1251 -31.17 -28.96 5.50
C GLU C 1251 -30.24 -27.78 5.20
N ASP C 1252 -29.03 -27.78 5.77
CA ASP C 1252 -28.13 -26.65 5.59
C ASP C 1252 -27.46 -26.63 4.21
N GLY C 1253 -27.66 -27.65 3.38
CA GLY C 1253 -27.17 -27.64 2.02
C GLY C 1253 -25.92 -28.45 1.78
N LEU C 1254 -25.46 -29.23 2.75
CA LEU C 1254 -24.25 -30.02 2.61
C LEU C 1254 -24.53 -31.45 3.00
N TRP C 1255 -23.73 -32.36 2.46
CA TRP C 1255 -23.80 -33.77 2.86
C TRP C 1255 -23.37 -33.92 4.31
N SER C 1256 -23.95 -34.91 4.98
CA SER C 1256 -23.69 -35.10 6.39
C SER C 1256 -22.30 -35.70 6.61
N PHE C 1257 -21.93 -35.81 7.89
CA PHE C 1257 -20.67 -36.41 8.25
C PHE C 1257 -20.68 -37.90 7.92
N PRO C 1258 -19.60 -38.42 7.32
CA PRO C 1258 -19.50 -39.87 7.12
C PRO C 1258 -19.26 -40.57 8.45
N GLU C 1259 -20.13 -41.53 8.77
CA GLU C 1259 -20.02 -42.28 10.02
C GLU C 1259 -19.06 -43.45 9.92
N ALA C 1260 -18.48 -43.70 8.75
CA ALA C 1260 -17.44 -44.69 8.57
C ALA C 1260 -16.33 -44.09 7.73
N LEU C 1261 -15.12 -44.59 7.90
CA LEU C 1261 -13.94 -44.01 7.27
C LEU C 1261 -13.31 -45.00 6.30
N CYS C 1262 -12.88 -44.48 5.15
CA CYS C 1262 -12.03 -45.21 4.23
C CYS C 1262 -10.58 -44.93 4.61
N GLU C 1263 -9.88 -45.95 5.09
CA GLU C 1263 -8.51 -45.81 5.52
C GLU C 1263 -7.58 -46.40 4.47
N LEU C 1264 -6.63 -45.59 3.99
CA LEU C 1264 -5.69 -46.03 2.97
C LEU C 1264 -4.42 -46.55 3.63
N MET C 1265 -4.03 -47.77 3.28
CA MET C 1265 -2.83 -48.40 3.83
C MET C 1265 -1.87 -48.71 2.70
N CYS C 1266 -0.67 -48.13 2.77
CA CYS C 1266 0.34 -48.36 1.75
C CYS C 1266 0.94 -49.75 1.89
N LEU C 1267 1.00 -50.49 0.80
CA LEU C 1267 1.52 -51.85 0.80
C LEU C 1267 3.03 -51.82 0.58
N ALA C 1268 3.61 -52.98 0.26
CA ALA C 1268 5.04 -53.07 0.01
C ALA C 1268 5.39 -52.39 -1.31
N PRO C 1269 6.49 -51.66 -1.39
CA PRO C 1269 6.86 -50.97 -2.62
C PRO C 1269 7.33 -51.94 -3.68
N PRO C 1270 7.26 -51.56 -4.96
CA PRO C 1270 7.86 -52.39 -6.00
C PRO C 1270 9.37 -52.36 -5.89
N PRO C 1271 10.05 -53.43 -6.32
CA PRO C 1271 11.52 -53.47 -6.19
C PRO C 1271 12.22 -52.54 -7.17
N VAL C 1272 13.37 -52.05 -6.74
CA VAL C 1272 14.21 -51.15 -7.53
C VAL C 1272 15.49 -51.90 -7.86
N PRO C 1273 15.82 -52.11 -9.14
CA PRO C 1273 17.08 -52.78 -9.50
C PRO C 1273 18.29 -51.94 -9.14
N ASN C 1274 19.38 -52.65 -8.79
CA ASN C 1274 20.66 -52.07 -8.34
C ASN C 1274 20.49 -51.12 -7.15
N ALA C 1275 19.60 -51.50 -6.23
CA ALA C 1275 19.34 -50.70 -5.04
C ALA C 1275 18.91 -51.63 -3.91
N ASP C 1276 19.10 -51.16 -2.68
CA ASP C 1276 18.85 -51.95 -1.49
C ASP C 1276 17.99 -51.16 -0.52
N LEU C 1277 17.04 -51.85 0.11
CA LEU C 1277 16.22 -51.26 1.16
C LEU C 1277 17.01 -51.18 2.46
N GLN C 1278 16.68 -50.18 3.28
CA GLN C 1278 17.40 -49.95 4.53
C GLN C 1278 16.53 -50.19 5.76
N THR C 1279 15.37 -49.52 5.86
CA THR C 1279 14.55 -49.61 7.05
C THR C 1279 13.74 -50.90 7.04
N ALA C 1280 13.73 -51.60 8.17
CA ALA C 1280 13.10 -52.92 8.24
C ALA C 1280 11.58 -52.84 8.25
N ARG C 1281 11.01 -51.72 8.72
CA ARG C 1281 9.56 -51.58 8.71
C ARG C 1281 9.01 -51.31 7.32
N CYS C 1282 9.86 -50.90 6.37
CA CYS C 1282 9.41 -50.71 5.00
C CYS C 1282 9.23 -52.05 4.28
N ARG C 1283 9.83 -53.13 4.81
CA ARG C 1283 9.61 -54.45 4.24
C ARG C 1283 8.20 -54.96 4.53
N GLU C 1284 7.60 -54.50 5.62
CA GLU C 1284 6.25 -54.90 5.96
C GLU C 1284 5.23 -54.27 5.02
N ASN C 1285 4.07 -54.91 4.92
CA ASN C 1285 3.02 -54.44 4.03
C ASN C 1285 2.14 -53.37 4.67
N LYS C 1286 2.40 -53.00 5.91
CA LYS C 1286 1.65 -51.96 6.61
C LYS C 1286 2.53 -50.75 6.85
N HIS C 1287 2.03 -49.57 6.49
CA HIS C 1287 2.73 -48.32 6.72
C HIS C 1287 1.72 -47.19 6.77
N LYS C 1288 2.14 -46.08 7.36
CA LYS C 1288 1.35 -44.86 7.36
C LYS C 1288 1.53 -44.11 6.05
N VAL C 1289 0.68 -43.12 5.82
CA VAL C 1289 0.64 -42.38 4.56
C VAL C 1289 1.44 -41.09 4.76
N GLY C 1290 2.55 -40.95 4.04
CA GLY C 1290 3.32 -39.73 4.05
C GLY C 1290 4.74 -39.84 4.58
N SER C 1291 5.21 -41.01 5.00
CA SER C 1291 6.55 -41.16 5.53
C SER C 1291 7.50 -41.70 4.44
N PHE C 1292 8.79 -41.69 4.75
CA PHE C 1292 9.84 -41.98 3.78
C PHE C 1292 10.48 -43.33 4.05
N CYS C 1293 10.86 -44.01 2.96
CA CYS C 1293 11.62 -45.25 3.00
C CYS C 1293 12.84 -45.08 2.12
N LYS C 1294 14.01 -45.46 2.63
CA LYS C 1294 15.28 -45.17 1.97
C LYS C 1294 15.73 -46.36 1.13
N TYR C 1295 16.05 -46.09 -0.13
CA TYR C 1295 16.68 -47.04 -1.03
C TYR C 1295 18.05 -46.52 -1.42
N LYS C 1296 19.08 -47.33 -1.19
CA LYS C 1296 20.45 -46.94 -1.44
C LYS C 1296 20.97 -47.65 -2.67
N CYS C 1297 21.52 -46.89 -3.60
CA CYS C 1297 22.07 -47.45 -4.83
C CYS C 1297 23.43 -48.08 -4.57
N LYS C 1298 23.93 -48.81 -5.57
CA LYS C 1298 25.27 -49.35 -5.52
C LYS C 1298 26.30 -48.24 -5.65
N PRO C 1299 27.53 -48.45 -5.16
CA PRO C 1299 28.62 -47.50 -5.47
C PRO C 1299 28.90 -47.45 -6.96
N GLY C 1300 28.61 -46.28 -7.56
CA GLY C 1300 28.67 -46.11 -8.99
C GLY C 1300 27.29 -45.80 -9.57
N TYR C 1301 26.27 -46.49 -9.07
CA TYR C 1301 24.90 -46.18 -9.46
C TYR C 1301 24.38 -45.03 -8.63
N HIS C 1302 23.66 -44.11 -9.26
CA HIS C 1302 23.12 -42.96 -8.57
C HIS C 1302 21.96 -42.38 -9.38
N VAL C 1303 21.24 -41.45 -8.75
CA VAL C 1303 20.22 -40.65 -9.44
C VAL C 1303 20.90 -39.83 -10.52
N PRO C 1304 20.36 -39.80 -11.75
CA PRO C 1304 20.97 -38.98 -12.80
C PRO C 1304 20.92 -37.49 -12.47
N GLY C 1305 21.99 -36.78 -12.85
CA GLY C 1305 22.17 -35.41 -12.44
C GLY C 1305 23.02 -35.22 -11.21
N SER C 1306 23.60 -36.28 -10.67
CA SER C 1306 24.50 -36.17 -9.52
C SER C 1306 25.81 -35.54 -9.94
N SER C 1307 26.27 -34.57 -9.16
CA SER C 1307 27.52 -33.88 -9.48
C SER C 1307 28.71 -34.79 -9.22
N ARG C 1308 29.84 -34.43 -9.85
CA ARG C 1308 31.03 -35.27 -9.78
C ARG C 1308 31.65 -35.24 -8.39
N LYS C 1309 31.61 -34.08 -7.73
CA LYS C 1309 32.23 -33.96 -6.41
C LYS C 1309 31.38 -34.60 -5.31
N SER C 1310 30.06 -34.47 -5.41
CA SER C 1310 29.13 -34.99 -4.41
C SER C 1310 28.45 -36.23 -4.99
N LYS C 1311 29.09 -37.39 -4.81
CA LYS C 1311 28.57 -38.65 -5.34
C LYS C 1311 27.67 -39.32 -4.29
N LYS C 1312 26.49 -38.74 -4.14
CA LYS C 1312 25.47 -39.30 -3.25
C LYS C 1312 24.84 -40.52 -3.91
N ARG C 1313 24.73 -41.61 -3.16
CA ARG C 1313 24.36 -42.91 -3.71
C ARG C 1313 23.09 -43.48 -3.08
N ALA C 1314 22.21 -42.61 -2.59
CA ALA C 1314 20.99 -43.07 -1.94
C ALA C 1314 19.90 -42.02 -2.09
N PHE C 1315 18.65 -42.47 -2.00
CA PHE C 1315 17.51 -41.57 -2.04
C PHE C 1315 16.37 -42.21 -1.24
N LYS C 1316 15.24 -41.52 -1.20
CA LYS C 1316 14.08 -41.97 -0.43
C LYS C 1316 12.82 -41.84 -1.28
N THR C 1317 11.85 -42.69 -0.97
CA THR C 1317 10.54 -42.67 -1.60
C THR C 1317 9.46 -42.56 -0.53
N GLN C 1318 8.43 -41.77 -0.82
CA GLN C 1318 7.37 -41.47 0.14
C GLN C 1318 6.06 -42.05 -0.36
N CYS C 1319 5.31 -42.67 0.55
CA CYS C 1319 3.97 -43.18 0.24
C CYS C 1319 3.03 -42.01 0.00
N THR C 1320 2.56 -41.86 -1.23
CA THR C 1320 1.71 -40.74 -1.58
C THR C 1320 0.26 -41.02 -1.20
N GLN C 1321 -0.63 -40.08 -1.51
CA GLN C 1321 -2.02 -40.16 -1.08
C GLN C 1321 -2.83 -41.19 -1.86
N ASP C 1322 -2.35 -41.61 -3.03
CA ASP C 1322 -3.07 -42.57 -3.86
C ASP C 1322 -2.72 -44.01 -3.54
N GLY C 1323 -1.95 -44.24 -2.48
CA GLY C 1323 -1.57 -45.59 -2.09
C GLY C 1323 -0.32 -46.11 -2.75
N SER C 1324 0.26 -45.37 -3.69
CA SER C 1324 1.50 -45.77 -4.34
C SER C 1324 2.68 -45.17 -3.56
N TRP C 1325 3.86 -45.21 -4.16
CA TRP C 1325 5.07 -44.63 -3.57
C TRP C 1325 5.64 -43.60 -4.53
N GLN C 1326 6.70 -42.94 -4.10
CA GLN C 1326 7.47 -42.10 -5.00
C GLN C 1326 8.32 -42.97 -5.92
N GLU C 1327 8.84 -42.35 -6.97
CA GLU C 1327 9.58 -43.07 -7.99
C GLU C 1327 11.03 -42.61 -8.03
N GLY C 1328 11.92 -43.56 -8.32
CA GLY C 1328 13.33 -43.28 -8.48
C GLY C 1328 14.09 -44.54 -8.83
N ALA C 1329 14.96 -44.46 -9.84
CA ALA C 1329 15.73 -45.60 -10.29
C ALA C 1329 17.20 -45.22 -10.40
N CYS C 1330 18.07 -46.11 -9.93
CA CYS C 1330 19.51 -45.88 -9.96
C CYS C 1330 20.02 -46.23 -11.36
N VAL C 1331 20.21 -45.21 -12.20
CA VAL C 1331 20.72 -45.46 -13.54
C VAL C 1331 22.23 -45.24 -13.51
N PRO C 1332 23.00 -45.95 -14.34
CA PRO C 1332 24.46 -45.76 -14.32
C PRO C 1332 24.91 -44.56 -15.15
N VAL C 1333 25.41 -43.50 -14.51
CA VAL C 1333 25.93 -42.35 -15.24
C VAL C 1333 27.42 -42.15 -14.97
N THR C 1334 28.02 -43.00 -14.12
CA THR C 1334 29.41 -42.81 -13.75
C THR C 1334 30.34 -43.29 -14.86
N CYS C 1335 31.59 -42.81 -14.79
CA CYS C 1335 32.73 -42.98 -15.71
C CYS C 1335 32.50 -42.07 -16.92
N ASP C 1336 33.42 -42.07 -17.86
CA ASP C 1336 33.35 -41.09 -18.93
C ASP C 1336 33.36 -41.77 -20.29
N PRO C 1337 32.78 -41.13 -21.31
CA PRO C 1337 32.95 -41.62 -22.67
C PRO C 1337 34.40 -41.52 -23.10
N PRO C 1338 34.83 -42.36 -24.05
CA PRO C 1338 36.23 -42.34 -24.52
C PRO C 1338 36.57 -41.01 -25.19
N PRO C 1339 37.88 -40.69 -25.30
CA PRO C 1339 38.27 -39.44 -25.95
C PRO C 1339 37.90 -39.44 -27.41
N PRO C 1340 37.66 -38.25 -28.00
CA PRO C 1340 37.12 -38.20 -29.38
C PRO C 1340 38.10 -38.65 -30.46
N LYS C 1341 39.36 -38.92 -30.12
CA LYS C 1341 40.33 -39.39 -31.10
C LYS C 1341 40.16 -40.86 -31.46
N PHE C 1342 39.37 -41.62 -30.69
CA PHE C 1342 39.14 -43.04 -30.97
C PHE C 1342 37.65 -43.36 -30.92
N HIS C 1343 36.79 -42.38 -31.19
CA HIS C 1343 35.36 -42.58 -31.13
C HIS C 1343 34.85 -43.28 -32.38
N GLY C 1344 33.82 -44.11 -32.19
CA GLY C 1344 33.11 -44.70 -33.31
C GLY C 1344 33.11 -46.21 -33.37
N LEU C 1345 34.24 -46.83 -33.07
CA LEU C 1345 34.38 -48.28 -33.18
C LEU C 1345 34.06 -49.01 -31.89
N TYR C 1346 33.67 -48.28 -30.84
CA TYR C 1346 33.32 -48.90 -29.57
C TYR C 1346 31.99 -49.65 -29.66
N GLN C 1347 31.93 -50.81 -29.02
CA GLN C 1347 30.68 -51.58 -28.88
C GLN C 1347 30.59 -52.02 -27.43
N CYS C 1348 30.01 -51.16 -26.59
CA CYS C 1348 29.95 -51.39 -25.17
C CYS C 1348 28.73 -52.24 -24.80
N THR C 1349 28.72 -52.72 -23.56
CA THR C 1349 27.56 -53.46 -23.06
C THR C 1349 26.40 -52.53 -22.76
N ASN C 1350 26.68 -51.36 -22.17
CA ASN C 1350 25.64 -50.39 -21.83
C ASN C 1350 26.01 -48.99 -22.31
N GLY C 1351 26.86 -48.89 -23.32
CA GLY C 1351 27.27 -47.57 -23.77
C GLY C 1351 28.29 -46.94 -22.83
N PHE C 1352 28.11 -45.65 -22.54
CA PHE C 1352 29.02 -44.89 -21.71
C PHE C 1352 28.69 -44.97 -20.22
N GLN C 1353 28.02 -46.04 -19.79
CA GLN C 1353 27.49 -46.11 -18.45
C GLN C 1353 28.50 -46.77 -17.50
N PHE C 1354 28.11 -46.85 -16.23
CA PHE C 1354 29.00 -47.40 -15.20
C PHE C 1354 29.09 -48.91 -15.31
N ASN C 1355 30.33 -49.42 -15.17
CA ASN C 1355 30.67 -50.84 -15.29
C ASN C 1355 30.23 -51.43 -16.62
N SER C 1356 30.49 -50.70 -17.70
CA SER C 1356 30.24 -51.16 -19.06
C SER C 1356 31.58 -51.29 -19.77
N GLU C 1357 31.77 -52.40 -20.46
CA GLU C 1357 33.04 -52.73 -21.11
C GLU C 1357 32.93 -52.44 -22.61
N CYS C 1358 33.74 -51.49 -23.08
CA CYS C 1358 33.76 -51.10 -24.48
C CYS C 1358 34.93 -51.77 -25.18
N ARG C 1359 34.64 -52.50 -26.25
CA ARG C 1359 35.65 -53.26 -26.98
C ARG C 1359 35.68 -52.77 -28.43
N ILE C 1360 36.72 -52.03 -28.78
CA ILE C 1360 36.94 -51.64 -30.18
C ILE C 1360 37.56 -52.84 -30.88
N LYS C 1361 36.92 -53.28 -31.96
CA LYS C 1361 37.35 -54.50 -32.65
C LYS C 1361 38.47 -54.18 -33.61
N CYS C 1362 39.56 -54.95 -33.52
CA CYS C 1362 40.69 -54.80 -34.43
C CYS C 1362 40.86 -56.06 -35.27
N LEU C 1371 51.81 -55.96 -26.45
CA LEU C 1371 51.11 -54.67 -26.48
C LEU C 1371 49.66 -54.83 -26.07
N GLY C 1372 49.11 -53.79 -25.44
CA GLY C 1372 47.76 -53.84 -24.94
C GLY C 1372 46.72 -53.74 -26.03
N SER C 1373 45.47 -54.01 -25.65
CA SER C 1373 44.33 -54.00 -26.55
C SER C 1373 43.32 -52.95 -26.08
N ASN C 1374 42.17 -52.93 -26.76
CA ASN C 1374 41.10 -51.98 -26.43
C ASN C 1374 40.10 -52.57 -25.44
N VAL C 1375 40.62 -53.08 -24.32
CA VAL C 1375 39.80 -53.68 -23.27
C VAL C 1375 40.02 -52.86 -22.01
N ILE C 1376 38.99 -52.12 -21.58
CA ILE C 1376 39.08 -51.23 -20.43
C ILE C 1376 37.88 -51.46 -19.53
N HIS C 1377 38.11 -51.41 -18.22
CA HIS C 1377 37.07 -51.63 -17.22
C HIS C 1377 36.99 -50.41 -16.30
N CYS C 1378 35.77 -49.89 -16.12
CA CYS C 1378 35.55 -48.77 -15.21
C CYS C 1378 35.67 -49.24 -13.77
N ARG C 1379 36.16 -48.35 -12.92
CA ARG C 1379 36.34 -48.65 -11.51
C ARG C 1379 35.22 -48.00 -10.69
N LYS C 1380 35.23 -48.27 -9.38
CA LYS C 1380 34.18 -47.78 -8.49
C LYS C 1380 34.23 -46.27 -8.33
N ASP C 1381 35.43 -45.70 -8.20
CA ASP C 1381 35.57 -44.28 -7.93
C ASP C 1381 35.27 -43.39 -9.15
N GLY C 1382 35.16 -43.97 -10.34
CA GLY C 1382 34.74 -43.20 -11.50
C GLY C 1382 35.79 -43.09 -12.59
N THR C 1383 36.82 -43.92 -12.54
CA THR C 1383 37.87 -43.94 -13.55
C THR C 1383 37.97 -45.33 -14.17
N TRP C 1384 38.84 -45.45 -15.16
CA TRP C 1384 39.09 -46.68 -15.88
C TRP C 1384 40.47 -47.22 -15.52
N ASN C 1385 40.86 -48.30 -16.20
CA ASN C 1385 42.20 -48.84 -16.08
C ASN C 1385 43.09 -48.48 -17.27
N GLY C 1386 42.59 -47.67 -18.19
CA GLY C 1386 43.38 -47.30 -19.35
C GLY C 1386 42.52 -46.56 -20.37
N SER C 1387 43.13 -46.30 -21.52
CA SER C 1387 42.47 -45.59 -22.60
C SER C 1387 42.75 -46.31 -23.92
N PHE C 1388 41.99 -45.95 -24.94
CA PHE C 1388 42.11 -46.58 -26.24
C PHE C 1388 43.37 -46.12 -26.96
N HIS C 1389 43.72 -46.83 -28.03
CA HIS C 1389 44.87 -46.51 -28.86
C HIS C 1389 44.50 -46.84 -30.31
N VAL C 1390 45.51 -46.82 -31.19
CA VAL C 1390 45.28 -47.16 -32.59
C VAL C 1390 45.52 -48.65 -32.82
N VAL C 1400 39.71 -33.80 -48.18
CA VAL C 1400 38.84 -32.69 -47.83
C VAL C 1400 37.41 -33.20 -47.59
N PRO C 1401 36.84 -32.88 -46.41
CA PRO C 1401 35.46 -33.29 -46.13
C PRO C 1401 34.46 -32.50 -46.95
N ASN C 1402 34.24 -32.94 -48.20
CA ASN C 1402 33.41 -32.21 -49.14
C ASN C 1402 31.93 -32.17 -48.75
N GLU C 1403 31.48 -33.09 -47.91
CA GLU C 1403 30.10 -33.08 -47.42
C GLU C 1403 30.02 -32.08 -46.27
N LEU C 1404 29.98 -30.80 -46.63
CA LEU C 1404 29.91 -29.72 -45.68
C LEU C 1404 28.46 -29.30 -45.46
N ASN C 1405 28.27 -28.31 -44.59
CA ASN C 1405 26.97 -27.71 -44.36
C ASN C 1405 26.85 -26.44 -45.22
N SER C 1406 25.71 -25.77 -45.10
CA SER C 1406 25.45 -24.58 -45.90
C SER C 1406 26.22 -23.35 -45.41
N ASN C 1407 26.84 -23.41 -44.23
CA ASN C 1407 27.66 -22.30 -43.74
C ASN C 1407 28.97 -22.75 -43.11
N LEU C 1408 29.29 -24.04 -43.11
CA LEU C 1408 30.41 -24.55 -42.33
C LEU C 1408 31.74 -24.30 -43.02
N LYS C 1409 32.74 -23.91 -42.24
CA LYS C 1409 34.11 -23.70 -42.69
C LYS C 1409 35.06 -24.34 -41.69
N LEU C 1410 36.01 -25.13 -42.20
CA LEU C 1410 36.96 -25.86 -41.37
C LEU C 1410 38.35 -25.29 -41.63
N GLN C 1411 38.90 -24.60 -40.63
CA GLN C 1411 40.23 -24.01 -40.72
C GLN C 1411 41.21 -24.91 -40.00
N CYS C 1412 42.22 -25.40 -40.73
CA CYS C 1412 43.18 -26.32 -40.15
C CYS C 1412 44.49 -25.60 -39.84
N PRO C 1413 44.84 -25.41 -38.57
CA PRO C 1413 46.19 -24.93 -38.25
C PRO C 1413 47.26 -26.01 -38.34
N ASP C 1414 46.86 -27.28 -38.49
CA ASP C 1414 47.79 -28.39 -38.58
C ASP C 1414 47.61 -29.23 -39.84
N GLY C 1415 46.61 -28.93 -40.66
CA GLY C 1415 46.42 -29.66 -41.90
C GLY C 1415 45.63 -30.94 -41.72
N TYR C 1416 45.71 -31.80 -42.74
CA TYR C 1416 45.00 -33.07 -42.76
C TYR C 1416 45.83 -34.23 -42.24
N ALA C 1417 46.73 -33.98 -41.29
CA ALA C 1417 47.55 -35.03 -40.71
C ALA C 1417 46.73 -35.86 -39.73
N ILE C 1418 47.33 -36.95 -39.27
CA ILE C 1418 46.68 -37.86 -38.33
C ILE C 1418 46.70 -37.24 -36.93
N GLY C 1419 45.53 -37.20 -36.29
CA GLY C 1419 45.42 -36.68 -34.95
C GLY C 1419 45.31 -35.16 -34.85
N SER C 1420 45.31 -34.45 -35.97
CA SER C 1420 45.22 -33.00 -35.94
C SER C 1420 43.80 -32.56 -35.58
N GLU C 1421 43.72 -31.44 -34.86
CA GLU C 1421 42.45 -30.84 -34.48
C GLU C 1421 42.30 -29.51 -35.20
N CYS C 1422 41.24 -29.37 -35.99
CA CYS C 1422 41.01 -28.17 -36.79
C CYS C 1422 39.78 -27.43 -36.30
N ALA C 1423 39.82 -26.10 -36.37
CA ALA C 1423 38.72 -25.28 -35.87
C ALA C 1423 37.54 -25.31 -36.83
N THR C 1424 36.33 -25.40 -36.26
CA THR C 1424 35.09 -25.43 -37.01
C THR C 1424 34.32 -24.14 -36.75
N SER C 1425 33.86 -23.49 -37.81
CA SER C 1425 33.09 -22.26 -37.66
C SER C 1425 31.95 -22.26 -38.68
N CYS C 1426 30.96 -21.42 -38.44
CA CYS C 1426 29.90 -21.18 -39.39
C CYS C 1426 30.10 -19.81 -40.01
N LEU C 1427 30.07 -19.77 -41.36
CA LEU C 1427 30.32 -18.51 -42.07
C LEU C 1427 29.20 -17.51 -41.84
N ASP C 1428 27.98 -17.98 -41.59
CA ASP C 1428 26.91 -17.10 -41.17
C ASP C 1428 27.22 -16.53 -39.78
N HIS C 1429 26.94 -15.25 -39.59
CA HIS C 1429 27.32 -14.57 -38.35
C HIS C 1429 26.47 -15.03 -37.18
N ASN C 1430 25.19 -15.34 -37.42
CA ASN C 1430 24.25 -15.73 -36.37
C ASN C 1430 23.97 -17.24 -36.40
N SER C 1431 25.01 -18.04 -36.65
CA SER C 1431 24.86 -19.48 -36.74
C SER C 1431 25.92 -20.19 -35.91
N GLU C 1432 25.56 -21.35 -35.39
CA GLU C 1432 26.45 -22.20 -34.62
C GLU C 1432 26.39 -23.63 -35.13
N SER C 1433 27.54 -24.31 -35.09
CA SER C 1433 27.66 -25.67 -35.57
C SER C 1433 27.34 -26.65 -34.44
N ILE C 1434 26.33 -27.49 -34.65
CA ILE C 1434 25.91 -28.48 -33.67
C ILE C 1434 25.88 -29.86 -34.33
N ILE C 1435 25.81 -30.88 -33.49
CA ILE C 1435 25.60 -32.25 -33.91
C ILE C 1435 24.11 -32.55 -33.81
N LEU C 1436 23.47 -32.83 -34.94
CA LEU C 1436 22.04 -33.06 -34.82
C LEU C 1436 21.73 -34.55 -34.74
N PRO C 1437 20.81 -34.94 -33.86
CA PRO C 1437 20.26 -36.29 -33.94
C PRO C 1437 19.43 -36.48 -35.20
N MET C 1438 19.33 -37.74 -35.63
CA MET C 1438 18.64 -38.05 -36.88
C MET C 1438 17.14 -37.81 -36.77
N ASN C 1439 16.56 -37.96 -35.58
CA ASN C 1439 15.14 -37.70 -35.36
C ASN C 1439 14.86 -36.26 -34.99
N VAL C 1440 15.88 -35.41 -34.90
CA VAL C 1440 15.72 -34.00 -34.58
C VAL C 1440 16.06 -33.20 -35.82
N THR C 1441 15.07 -32.54 -36.40
CA THR C 1441 15.28 -31.75 -37.60
C THR C 1441 15.84 -30.38 -37.24
N VAL C 1442 16.09 -29.57 -38.27
CA VAL C 1442 16.71 -28.26 -38.06
C VAL C 1442 15.71 -27.28 -37.45
N ARG C 1443 14.52 -27.19 -38.02
CA ARG C 1443 13.54 -26.20 -37.58
C ARG C 1443 12.80 -26.62 -36.32
N ASP C 1444 12.83 -27.90 -35.97
CA ASP C 1444 11.98 -28.44 -34.91
C ASP C 1444 12.79 -29.02 -33.77
N ILE C 1445 13.84 -28.32 -33.36
CA ILE C 1445 14.56 -28.69 -32.14
C ILE C 1445 13.70 -28.34 -30.94
N PRO C 1446 13.44 -29.27 -30.02
CA PRO C 1446 12.64 -28.95 -28.84
C PRO C 1446 13.37 -28.00 -27.89
N HIS C 1447 12.57 -27.26 -27.12
CA HIS C 1447 13.11 -26.24 -26.21
C HIS C 1447 13.77 -26.84 -24.98
N TRP C 1448 13.57 -28.12 -24.70
CA TRP C 1448 14.27 -28.78 -23.61
C TRP C 1448 15.52 -29.53 -24.08
N LEU C 1449 15.90 -29.36 -25.35
CA LEU C 1449 17.02 -30.07 -25.92
C LEU C 1449 18.24 -29.16 -25.99
N ASN C 1450 19.37 -29.66 -25.50
CA ASN C 1450 20.65 -28.97 -25.61
C ASN C 1450 21.56 -29.76 -26.55
N PRO C 1451 21.72 -29.34 -27.80
CA PRO C 1451 22.61 -30.07 -28.71
C PRO C 1451 24.08 -29.82 -28.36
N THR C 1452 24.92 -30.80 -28.69
CA THR C 1452 26.34 -30.72 -28.41
C THR C 1452 26.99 -29.77 -29.41
N ARG C 1453 27.50 -28.65 -28.92
CA ARG C 1453 28.17 -27.68 -29.77
C ARG C 1453 29.52 -28.23 -30.25
N VAL C 1454 29.90 -27.83 -31.46
CA VAL C 1454 31.11 -28.32 -32.11
C VAL C 1454 32.19 -27.27 -31.97
N GLU C 1455 33.38 -27.70 -31.53
CA GLU C 1455 34.54 -26.83 -31.41
C GLU C 1455 35.63 -27.16 -32.42
N ARG C 1456 36.06 -28.42 -32.48
CA ARG C 1456 37.12 -28.83 -33.39
C ARG C 1456 36.78 -30.18 -34.01
N VAL C 1457 37.26 -30.37 -35.24
CA VAL C 1457 37.22 -31.67 -35.89
C VAL C 1457 38.53 -32.41 -35.60
N VAL C 1458 38.41 -33.62 -35.07
CA VAL C 1458 39.53 -34.46 -34.65
C VAL C 1458 39.47 -35.77 -35.44
N CYS C 1459 40.64 -36.24 -35.87
CA CYS C 1459 40.72 -37.48 -36.63
C CYS C 1459 40.55 -38.69 -35.73
N THR C 1460 40.03 -39.78 -36.31
CA THR C 1460 39.83 -41.03 -35.60
C THR C 1460 40.93 -42.04 -35.96
N ALA C 1461 40.78 -43.26 -35.46
CA ALA C 1461 41.69 -44.35 -35.80
C ALA C 1461 41.44 -44.94 -37.18
N GLY C 1462 40.30 -44.64 -37.79
CA GLY C 1462 40.01 -45.09 -39.13
C GLY C 1462 40.28 -44.03 -40.17
N LEU C 1463 41.10 -43.03 -39.78
CA LEU C 1463 41.46 -41.87 -40.59
C LEU C 1463 40.23 -41.09 -41.06
N LYS C 1464 39.24 -40.97 -40.18
CA LYS C 1464 38.02 -40.22 -40.44
C LYS C 1464 37.85 -39.15 -39.37
N TRP C 1465 37.10 -38.11 -39.72
CA TRP C 1465 36.79 -37.05 -38.76
C TRP C 1465 35.58 -37.46 -37.94
N TYR C 1466 35.76 -37.54 -36.60
CA TYR C 1466 34.68 -37.85 -35.66
C TYR C 1466 33.53 -36.86 -35.73
N PRO C 1467 33.74 -35.51 -35.72
CA PRO C 1467 32.60 -34.63 -36.04
C PRO C 1467 32.44 -34.52 -37.54
N HIS C 1468 31.73 -35.46 -38.16
CA HIS C 1468 31.55 -35.45 -39.61
C HIS C 1468 30.75 -34.21 -40.02
N PRO C 1469 31.26 -33.41 -40.97
CA PRO C 1469 30.57 -32.16 -41.34
C PRO C 1469 29.21 -32.37 -42.00
N ALA C 1470 28.99 -33.54 -42.61
CA ALA C 1470 27.65 -33.91 -43.08
C ALA C 1470 26.68 -34.00 -41.90
N LEU C 1471 27.13 -34.55 -40.79
CA LEU C 1471 26.31 -34.64 -39.58
C LEU C 1471 26.29 -33.33 -38.79
N ILE C 1472 27.12 -32.36 -39.15
CA ILE C 1472 27.20 -31.08 -38.45
C ILE C 1472 26.27 -30.09 -39.15
N HIS C 1473 25.39 -29.47 -38.38
CA HIS C 1473 24.44 -28.49 -38.90
C HIS C 1473 24.74 -27.12 -38.32
N CYS C 1474 24.88 -26.12 -39.19
CA CYS C 1474 24.96 -24.72 -38.77
C CYS C 1474 23.53 -24.21 -38.61
N VAL C 1475 23.09 -24.08 -37.36
CA VAL C 1475 21.73 -23.67 -37.05
C VAL C 1475 21.76 -22.25 -36.51
N LYS C 1476 20.56 -21.69 -36.31
CA LYS C 1476 20.40 -20.30 -35.88
C LYS C 1476 20.93 -20.12 -34.47
N GLY C 1477 22.03 -19.37 -34.34
CA GLY C 1477 22.67 -19.18 -33.07
C GLY C 1477 21.95 -18.20 -32.17
N CYS C 1478 22.47 -18.06 -30.95
CA CYS C 1478 21.86 -17.22 -29.94
C CYS C 1478 22.10 -15.75 -30.24
N GLU C 1479 21.04 -14.97 -30.26
CA GLU C 1479 21.16 -13.52 -30.37
C GLU C 1479 21.79 -12.97 -29.10
N PRO C 1480 22.59 -11.91 -29.20
CA PRO C 1480 23.35 -11.42 -28.03
C PRO C 1480 22.53 -10.69 -26.98
N PHE C 1481 21.21 -10.72 -27.03
CA PHE C 1481 20.37 -10.07 -26.04
C PHE C 1481 19.99 -11.05 -24.92
N MET C 1482 21.02 -11.58 -24.28
CA MET C 1482 20.85 -12.51 -23.18
C MET C 1482 21.29 -11.85 -21.88
N GLY C 1483 20.42 -11.90 -20.86
CA GLY C 1483 20.73 -11.29 -19.59
C GLY C 1483 20.48 -9.80 -19.53
N ASP C 1484 19.85 -9.22 -20.54
CA ASP C 1484 19.58 -7.78 -20.58
C ASP C 1484 18.17 -7.45 -20.11
N ASN C 1485 17.64 -8.26 -19.17
CA ASN C 1485 16.30 -8.11 -18.58
C ASN C 1485 15.22 -8.10 -19.65
N TYR C 1486 15.38 -8.96 -20.65
CA TYR C 1486 14.56 -8.93 -21.86
C TYR C 1486 14.19 -10.35 -22.25
N CYS C 1487 12.92 -10.71 -22.10
CA CYS C 1487 12.45 -11.99 -22.57
C CYS C 1487 12.30 -11.95 -24.08
N ASP C 1488 12.88 -12.95 -24.75
CA ASP C 1488 12.88 -13.00 -26.21
C ASP C 1488 12.37 -14.36 -26.66
N ALA C 1489 11.74 -14.38 -27.84
CA ALA C 1489 11.21 -15.63 -28.37
C ALA C 1489 12.29 -16.55 -28.92
N ILE C 1490 13.41 -15.98 -29.37
CA ILE C 1490 14.45 -16.78 -30.00
C ILE C 1490 15.24 -17.57 -28.97
N ASN C 1491 15.62 -16.92 -27.87
CA ASN C 1491 16.54 -17.52 -26.91
C ASN C 1491 15.84 -18.21 -25.74
N ASN C 1492 14.53 -18.44 -25.83
CA ASN C 1492 13.81 -19.15 -24.78
C ASN C 1492 13.85 -20.66 -25.06
N ARG C 1493 15.05 -21.21 -24.90
CA ARG C 1493 15.31 -22.62 -25.17
C ARG C 1493 16.57 -23.03 -24.43
N ALA C 1494 16.82 -24.33 -24.38
CA ALA C 1494 18.02 -24.86 -23.73
C ALA C 1494 19.27 -24.58 -24.54
N PHE C 1495 19.14 -24.25 -25.83
CA PHE C 1495 20.29 -23.93 -26.66
C PHE C 1495 20.90 -22.57 -26.29
N CYS C 1496 20.11 -21.68 -25.69
CA CYS C 1496 20.57 -20.33 -25.36
C CYS C 1496 20.32 -20.00 -23.90
N ASN C 1497 20.46 -21.01 -23.02
CA ASN C 1497 20.45 -20.86 -21.56
C ASN C 1497 19.16 -20.22 -21.03
N TYR C 1498 18.05 -20.50 -21.72
CA TYR C 1498 16.73 -19.92 -21.45
C TYR C 1498 16.79 -18.39 -21.42
N ASP C 1499 17.54 -17.82 -22.38
CA ASP C 1499 17.78 -16.38 -22.51
C ASP C 1499 18.42 -15.79 -21.25
N GLY C 1500 19.20 -16.60 -20.52
CA GLY C 1500 19.77 -16.14 -19.27
C GLY C 1500 18.76 -15.97 -18.16
N GLY C 1501 17.60 -16.60 -18.26
CA GLY C 1501 16.59 -16.48 -17.23
C GLY C 1501 15.79 -15.20 -17.26
N ASP C 1502 15.78 -14.48 -18.39
CA ASP C 1502 15.05 -13.21 -18.46
C ASP C 1502 13.55 -13.41 -18.57
N CYS C 1503 13.09 -14.60 -18.92
CA CYS C 1503 11.67 -14.86 -19.12
C CYS C 1503 10.96 -15.35 -17.87
N CYS C 1504 11.68 -15.58 -16.78
CA CYS C 1504 11.10 -16.07 -15.53
C CYS C 1504 11.25 -15.02 -14.45
N THR C 1505 10.17 -14.83 -13.68
CA THR C 1505 10.08 -13.69 -12.76
C THR C 1505 11.06 -13.79 -11.60
N SER C 1506 11.34 -15.00 -11.13
CA SER C 1506 12.27 -15.16 -10.02
C SER C 1506 13.73 -15.01 -10.43
N THR C 1507 14.03 -15.05 -11.74
CA THR C 1507 15.41 -15.03 -12.20
C THR C 1507 15.80 -13.77 -12.95
N VAL C 1508 14.86 -12.96 -13.40
CA VAL C 1508 15.19 -11.70 -14.07
C VAL C 1508 15.58 -10.68 -13.01
N LYS C 1509 16.65 -9.91 -13.29
CA LYS C 1509 17.23 -9.01 -12.31
C LYS C 1509 16.31 -7.83 -11.99
N THR C 1510 15.46 -7.43 -12.93
CA THR C 1510 14.47 -6.41 -12.66
C THR C 1510 13.23 -6.97 -11.96
N LYS C 1511 13.12 -8.30 -11.87
CA LYS C 1511 12.00 -9.03 -11.26
C LYS C 1511 10.67 -8.67 -11.89
N LYS C 1512 10.67 -8.50 -13.21
CA LYS C 1512 9.48 -8.31 -14.01
C LYS C 1512 9.80 -8.64 -15.46
N VAL C 1513 9.02 -9.54 -16.07
CA VAL C 1513 9.33 -10.01 -17.45
C VAL C 1513 8.93 -8.95 -18.49
N THR C 1514 9.86 -8.58 -19.38
CA THR C 1514 9.54 -7.61 -20.46
C THR C 1514 9.82 -8.24 -21.82
N PRO C 1515 8.83 -8.35 -22.74
CA PRO C 1515 9.09 -8.87 -24.10
C PRO C 1515 9.60 -7.78 -25.06
N PHE C 1516 10.60 -8.11 -25.88
CA PHE C 1516 11.18 -7.09 -26.80
C PHE C 1516 10.13 -6.60 -27.80
N PRO C 1517 9.29 -7.45 -28.44
CA PRO C 1517 8.04 -7.00 -29.03
C PRO C 1517 6.89 -7.08 -28.02
N MET C 1518 6.30 -5.94 -27.63
CA MET C 1518 5.27 -6.00 -26.60
C MET C 1518 4.11 -6.90 -26.99
N SER C 1519 3.94 -7.21 -28.28
CA SER C 1519 2.88 -8.11 -28.72
C SER C 1519 3.44 -9.52 -28.91
N CYS C 1520 3.82 -10.13 -27.80
CA CYS C 1520 4.25 -11.51 -27.77
C CYS C 1520 3.35 -12.30 -26.83
N ASP C 1521 3.31 -13.62 -27.05
CA ASP C 1521 2.51 -14.52 -26.22
C ASP C 1521 3.20 -14.71 -24.88
N LEU C 1522 2.58 -14.20 -23.81
CA LEU C 1522 3.21 -14.26 -22.50
C LEU C 1522 3.14 -15.66 -21.91
N GLN C 1523 2.08 -16.41 -22.21
CA GLN C 1523 1.95 -17.81 -21.79
C GLN C 1523 2.40 -18.77 -22.89
N GLY C 1524 2.76 -18.26 -24.05
CA GLY C 1524 3.17 -19.10 -25.17
C GLY C 1524 4.61 -18.95 -25.57
N ASP C 1525 4.85 -18.15 -26.61
CA ASP C 1525 6.17 -18.05 -27.22
C ASP C 1525 7.18 -17.36 -26.31
N CYS C 1526 6.75 -16.38 -25.52
CA CYS C 1526 7.63 -15.67 -24.60
C CYS C 1526 7.41 -16.10 -23.16
N ALA C 1527 7.16 -17.37 -22.92
CA ALA C 1527 6.83 -17.87 -21.59
C ALA C 1527 8.05 -18.44 -20.87
N CYS C 1528 7.95 -18.51 -19.55
CA CYS C 1528 9.01 -19.09 -18.74
C CYS C 1528 9.03 -20.61 -18.89
N ARG C 1529 10.22 -21.16 -19.11
CA ARG C 1529 10.38 -22.60 -19.31
C ARG C 1529 11.49 -23.19 -18.44
N ASP C 1530 11.92 -22.46 -17.41
CA ASP C 1530 13.07 -22.87 -16.62
C ASP C 1530 12.64 -23.79 -15.49
N PRO C 1531 13.19 -25.01 -15.39
CA PRO C 1531 12.84 -25.89 -14.26
C PRO C 1531 13.40 -25.44 -12.92
N GLN C 1532 14.41 -24.55 -12.90
CA GLN C 1532 14.94 -24.05 -11.64
C GLN C 1532 14.06 -22.96 -11.02
N ALA C 1533 13.16 -22.37 -11.80
CA ALA C 1533 12.31 -21.31 -11.29
C ALA C 1533 11.22 -21.87 -10.38
N GLN C 1534 10.66 -20.98 -9.55
CA GLN C 1534 9.61 -21.38 -8.63
C GLN C 1534 8.23 -21.45 -9.28
N GLU C 1535 8.09 -20.92 -10.50
CA GLU C 1535 6.83 -21.08 -11.22
C GLU C 1535 6.68 -22.51 -11.73
N HIS C 1536 7.74 -23.06 -12.31
CA HIS C 1536 7.70 -24.45 -12.78
C HIS C 1536 7.76 -25.44 -11.63
N SER C 1537 8.45 -25.08 -10.55
CA SER C 1537 8.54 -25.95 -9.39
C SER C 1537 7.20 -26.03 -8.67
N ARG C 1538 6.91 -27.19 -8.10
CA ARG C 1538 5.64 -27.40 -7.39
C ARG C 1538 5.60 -26.65 -6.07
N LYS C 1539 6.75 -26.28 -5.52
CA LYS C 1539 6.78 -25.44 -4.32
C LYS C 1539 6.92 -23.97 -4.71
C1 NAG D . -7.67 38.51 26.02
C2 NAG D . -9.06 38.05 25.61
C3 NAG D . -10.13 38.76 26.43
C4 NAG D . -9.85 38.65 27.93
C5 NAG D . -8.41 39.06 28.23
C6 NAG D . -8.02 38.80 29.67
C7 NAG D . -9.24 37.27 23.28
C8 NAG D . -9.49 37.68 21.87
N2 NAG D . -9.27 38.26 24.19
O3 NAG D . -11.40 38.20 26.11
O4 NAG D . -10.71 39.54 28.65
O5 NAG D . -7.51 38.31 27.42
O6 NAG D . -6.86 39.55 30.03
O7 NAG D . -9.01 36.11 23.60
C1 NAG D . -11.78 38.82 29.28
C2 NAG D . -12.22 39.56 30.54
C3 NAG D . -13.42 38.85 31.17
C4 NAG D . -14.55 38.67 30.16
C5 NAG D . -14.02 37.96 28.91
C6 NAG D . -15.02 37.87 27.80
C7 NAG D . -10.41 40.78 31.64
C8 NAG D . -9.32 40.72 32.68
N2 NAG D . -11.14 39.68 31.49
O3 NAG D . -13.89 39.62 32.28
O4 NAG D . -15.60 37.90 30.72
O5 NAG D . -12.90 38.69 28.38
O6 NAG D . -14.45 37.38 26.59
O7 NAG D . -10.61 41.79 30.97
C1 NAG E . 30.69 33.31 6.87
C2 NAG E . 31.09 32.54 8.14
C3 NAG E . 31.90 31.28 7.81
C4 NAG E . 31.21 30.44 6.74
C5 NAG E . 30.88 31.31 5.53
C6 NAG E . 30.10 30.57 4.46
C7 NAG E . 32.93 34.03 8.96
C8 NAG E . 33.38 34.83 10.15
N2 NAG E . 31.76 33.38 9.12
O3 NAG E . 32.08 30.51 8.99
O4 NAG E . 32.05 29.37 6.34
O5 NAG E . 30.05 32.41 5.94
O6 NAG E . 30.14 31.27 3.23
O7 NAG E . 33.59 33.98 7.93
C1 NAG F . 12.56 37.02 -16.06
C2 NAG F . 13.93 37.40 -16.63
C3 NAG F . 13.82 37.98 -18.05
C4 NAG F . 12.99 37.06 -18.94
C5 NAG F . 11.64 36.75 -18.27
C6 NAG F . 10.81 35.77 -19.06
C7 NAG F . 14.35 39.54 -15.37
C8 NAG F . 15.32 40.22 -14.46
N2 NAG F . 14.69 38.29 -15.76
O3 NAG F . 15.11 38.16 -18.60
O4 NAG F . 12.75 37.69 -20.19
O5 NAG F . 11.87 36.16 -16.99
O6 NAG F . 9.84 35.14 -18.23
O7 NAG F . 13.31 40.10 -15.72
C1 NAG G . 34.88 42.82 -8.65
C2 NAG G . 36.24 42.97 -7.95
C3 NAG G . 36.79 44.38 -8.16
C4 NAG G . 36.83 44.73 -9.65
C5 NAG G . 35.46 44.52 -10.29
C6 NAG G . 35.46 44.72 -11.79
C7 NAG G . 36.86 41.72 -5.94
C8 NAG G . 36.62 41.55 -4.47
N2 NAG G . 36.13 42.67 -6.54
O3 NAG G . 38.09 44.46 -7.60
O4 NAG G . 37.23 46.08 -9.81
O5 NAG G . 35.00 43.19 -10.05
O6 NAG G . 35.19 43.51 -12.47
O7 NAG G . 37.67 41.04 -6.55
C1 NAG H . -20.26 26.98 13.13
C2 NAG H . -20.93 27.28 14.47
C3 NAG H . -22.46 27.29 14.34
C4 NAG H . -22.89 28.21 13.20
C5 NAG H . -22.17 27.84 11.91
C6 NAG H . -22.46 28.79 10.78
C7 NAG H . -20.63 25.06 15.62
C8 NAG H . -20.07 24.41 16.85
N2 NAG H . -20.49 26.41 15.55
O3 NAG H . -23.04 27.72 15.56
O4 NAG H . -24.30 28.10 13.00
O5 NAG H . -20.75 27.89 12.12
O6 NAG H . -21.90 28.35 9.56
O7 NAG H . -21.18 24.39 14.74
C1 NAG I . 27.37 12.45 13.51
C2 NAG I . 28.20 13.55 14.16
C3 NAG I . 29.42 13.89 13.29
C4 NAG I . 30.22 12.63 12.97
C5 NAG I . 29.30 11.55 12.38
C6 NAG I . 30.01 10.23 12.19
C7 NAG I . 26.80 15.01 15.56
C8 NAG I . 26.02 16.28 15.63
N2 NAG I . 27.41 14.75 14.40
O3 NAG I . 30.24 14.83 13.96
O4 NAG I . 31.25 12.93 12.05
O5 NAG I . 28.20 11.30 13.26
O6 NAG I . 29.70 9.33 13.24
O7 NAG I . 26.89 14.24 16.53
C1 NAG J . 31.10 -5.41 15.61
C2 NAG J . 31.71 -6.78 15.25
C3 NAG J . 33.21 -6.63 14.99
C4 NAG J . 33.48 -5.54 13.95
C5 NAG J . 32.80 -4.23 14.37
C6 NAG J . 32.91 -3.15 13.32
C7 NAG J . 30.42 -8.57 16.33
C8 NAG J . 30.33 -9.51 17.49
N2 NAG J . 31.47 -7.74 16.31
O3 NAG J . 33.74 -7.87 14.55
O4 NAG J . 34.88 -5.32 13.83
O5 NAG J . 31.39 -4.47 14.57
O6 NAG J . 32.08 -2.04 13.63
O7 NAG J . 29.56 -8.55 15.45
C1 NAG K . -27.92 -5.31 -28.93
C2 NAG K . -28.13 -6.83 -28.92
C3 NAG K . -27.54 -7.44 -30.19
C4 NAG K . -28.10 -6.76 -31.43
C5 NAG K . -27.90 -5.25 -31.35
C6 NAG K . -28.57 -4.50 -32.48
C7 NAG K . -28.28 -7.74 -26.65
C8 NAG K . -27.54 -8.37 -25.52
N2 NAG K . -27.56 -7.44 -27.74
O3 NAG K . -27.81 -8.83 -30.22
O4 NAG K . -27.45 -7.25 -32.60
O5 NAG K . -28.48 -4.74 -30.13
O6 NAG K . -29.79 -5.12 -32.87
O7 NAG K . -29.49 -7.51 -26.59
ZN ZN L . 0.33 31.64 2.63
C1 NAG M . -0.42 7.73 42.25
C2 NAG M . 0.84 8.31 42.86
C3 NAG M . 0.78 8.18 44.37
C4 NAG M . 0.67 6.72 44.79
C5 NAG M . -0.40 5.93 44.03
C6 NAG M . -1.77 5.97 44.67
C7 NAG M . 2.81 8.17 41.40
C8 NAG M . 3.99 7.34 40.99
N2 NAG M . 2.03 7.64 42.34
O3 NAG M . -0.32 8.93 44.87
O4 NAG M . 1.93 6.08 44.60
O5 NAG M . -0.56 6.32 42.64
O6 NAG M . -2.33 4.67 44.78
O7 NAG M . 2.58 9.27 40.90
C1 NAG N . -11.83 30.87 -13.08
C2 NAG N . -11.96 32.37 -12.80
C3 NAG N . -10.59 32.97 -12.52
C4 NAG N . -9.89 32.22 -11.40
C5 NAG N . -9.83 30.73 -11.72
C6 NAG N . -9.24 29.91 -10.60
C7 NAG N . -13.64 33.90 -13.76
C8 NAG N . -14.17 34.51 -15.02
N2 NAG N . -12.61 33.05 -13.91
O3 NAG N . -10.74 34.34 -12.17
O4 NAG N . -8.55 32.71 -11.25
O5 NAG N . -11.17 30.23 -11.96
O6 NAG N . -8.03 29.29 -10.98
O7 NAG N . -14.11 34.15 -12.66
CA CA O . 11.64 11.70 8.53
CA CA P . 35.35 32.76 -23.07
CA CA Q . -25.64 8.78 30.82
CA CA R . -13.34 26.64 6.92
CA CA S . -25.51 -3.42 7.46
CA CA T . 14.69 26.13 -15.17
CA CA U . -16.07 3.41 24.85
C1 NAG V . -41.42 -29.13 -4.00
C2 NAG V . -40.87 -28.48 -5.28
C3 NAG V . -40.74 -29.53 -6.40
C4 NAG V . -39.96 -30.74 -5.92
C5 NAG V . -40.58 -31.30 -4.65
C6 NAG V . -39.79 -32.45 -4.07
C7 NAG V . -41.27 -26.33 -6.39
C8 NAG V . -42.30 -25.29 -6.74
N2 NAG V . -41.72 -27.38 -5.71
O3 NAG V . -40.08 -28.96 -7.52
O4 NAG V . -39.96 -31.75 -6.93
O5 NAG V . -40.62 -30.28 -3.64
O6 NAG V . -39.04 -33.13 -5.07
O7 NAG V . -40.10 -26.21 -6.73
#